data_2F8S
#
_entry.id   2F8S
#
_cell.length_a   79.697
_cell.length_b   117.516
_cell.length_c   98.620
_cell.angle_alpha   90.00
_cell.angle_beta   99.12
_cell.angle_gamma   90.00
#
_symmetry.space_group_name_H-M   'P 1 21 1'
#
loop_
_entity.id
_entity.type
_entity.pdbx_description
1 polymer "5'-R(P*AP*GP*AP*CP*AP*GP*CP*AP*UP*AP*UP*AP*UP*GP*CP*UP*GP*UP*CP*UP*UP*U)-3'"
2 polymer 'Argonaute protein'
3 water water
#
loop_
_entity_poly.entity_id
_entity_poly.type
_entity_poly.pdbx_seq_one_letter_code
_entity_poly.pdbx_strand_id
1 'polyribonucleotide' AGACAGCAUAUAUGCUGUCUUU C,D
2 'polypeptide(L)'
;MGKEALLNLYRIEYRPKDTTFTVFKPTHEIQKEKLNKVRWRVFLQTGLPTFRREDEFWCAGKVEKDTLYLTLSNGEIVEL
KRVGEEEFRGFQNERECQELFRDFLTKTKVKDKFISDFYKKFRDKITVQGKNRKIALIPEVNEKVLKSEEGYFLLHLDLK
FRIQPFETLQTLLERNDFNPKRIRVKPIGIDFVGRVQDVFKAKEKGEEFFRLCMERSTHKSSKKAWEELLKNRELREKAF
LVVLEKGYTYPATILKPVLTYENLEDEERNEVADIVRMEPGKRLNLIRYILRRYVKALRDYGWYISPEEERAKGKLNFKD
TVLDAKGKNTKVITNLRKFLELCRPFVKKDVLSVEIISVSVYKKLEWRKEEFLKELINFLKNKGIKLKIKGKSLILAQTR
EEAKEKLIPVINKIKDVDLVIVFLEEYPKVDPYKSFLLYDFVKRELLKKMIPSQVILNRTLKNENLKFVLLNVAEQVLAK
TGNIPYKLKEIEGKVDAFVGIDISRITRDGKTVNAVAFTKIFNSKGELVRYYLTSYPAFGEKLTEKAIGDVFSLLEKLGF
KKGSKIVVHRDGRLYRDEVAAFKKYGELYGYSLELLEIIKRNNPRFFSNEKFIKGYFYKLSEDSVILATYNQVYEGTHQP
IKVRKVYGELPVEVLCSQILSLTLMNYSSFQPIKLPATVHYSDKITKLMLRGIEPIKKEGDIMYWL
;
A,B
#
loop_
_chem_comp.id
_chem_comp.type
_chem_comp.name
_chem_comp.formula
A RNA linking ADENOSINE-5'-MONOPHOSPHATE 'C10 H14 N5 O7 P'
C RNA linking CYTIDINE-5'-MONOPHOSPHATE 'C9 H14 N3 O8 P'
G RNA linking GUANOSINE-5'-MONOPHOSPHATE 'C10 H14 N5 O8 P'
U RNA linking URIDINE-5'-MONOPHOSPHATE 'C9 H13 N2 O9 P'
#
# COMPACT_ATOMS: atom_id res chain seq x y z
N LYS C 3 11.16 7.42 -7.65
CA LYS C 3 10.20 6.27 -7.75
C LYS C 3 9.20 6.18 -6.56
N GLU C 4 8.96 7.29 -5.86
CA GLU C 4 7.97 7.31 -4.79
C GLU C 4 6.87 8.22 -5.26
N ALA C 5 5.66 7.72 -5.32
CA ALA C 5 4.61 8.58 -5.79
C ALA C 5 3.52 8.61 -4.76
N LEU C 6 3.19 9.84 -4.40
CA LEU C 6 2.16 10.14 -3.43
C LEU C 6 0.88 10.47 -4.14
N LEU C 7 -0.26 10.13 -3.54
CA LEU C 7 -1.54 10.60 -4.03
C LEU C 7 -2.23 11.46 -3.00
N ASN C 8 -2.96 12.47 -3.48
CA ASN C 8 -3.83 13.30 -2.64
C ASN C 8 -5.04 12.53 -2.07
N LEU C 9 -4.75 11.42 -1.40
CA LEU C 9 -5.75 10.53 -0.84
C LEU C 9 -5.32 10.28 0.58
N TYR C 10 -6.21 10.52 1.54
CA TYR C 10 -5.90 10.47 2.97
C TYR C 10 -6.85 9.56 3.73
N ARG C 11 -6.30 8.54 4.38
CA ARG C 11 -7.06 7.65 5.27
C ARG C 11 -7.87 8.45 6.26
N ILE C 12 -9.11 8.00 6.50
CA ILE C 12 -10.09 8.75 7.27
C ILE C 12 -11.10 7.83 7.87
N GLU C 13 -11.43 8.10 9.14
CA GLU C 13 -12.52 7.40 9.82
C GLU C 13 -13.23 8.28 10.83
N TYR C 14 -14.43 7.82 11.24
CA TYR C 14 -15.31 8.53 12.14
C TYR C 14 -15.59 7.73 13.40
N ARG C 15 -15.03 8.15 14.51
CA ARG C 15 -15.23 7.42 15.74
C ARG C 15 -15.41 8.40 16.85
N PRO C 16 -16.62 8.95 16.98
CA PRO C 16 -16.99 9.92 18.02
C PRO C 16 -17.43 9.24 19.31
N LYS C 17 -17.33 9.99 20.40
CA LYS C 17 -17.86 9.56 21.69
C LYS C 17 -19.40 9.48 21.70
N ASP C 18 -20.08 10.53 21.23
CA ASP C 18 -21.51 10.47 21.01
C ASP C 18 -21.75 9.67 19.74
N THR C 19 -22.58 8.63 19.84
CA THR C 19 -22.78 7.68 18.76
C THR C 19 -24.28 7.61 18.37
N THR C 20 -25.01 8.68 18.69
CA THR C 20 -26.47 8.63 18.72
C THR C 20 -27.13 9.50 17.70
N PHE C 21 -27.65 8.83 16.68
CA PHE C 21 -28.31 9.46 15.55
C PHE C 21 -29.80 9.37 15.68
N THR C 22 -30.52 10.26 15.01
CA THR C 22 -31.94 10.09 14.95
C THR C 22 -32.24 9.70 13.52
N VAL C 23 -33.10 8.71 13.36
CA VAL C 23 -33.32 8.12 12.04
C VAL C 23 -34.75 8.34 11.59
N PHE C 24 -34.93 8.49 10.27
CA PHE C 24 -36.19 8.87 9.69
C PHE C 24 -36.45 8.03 8.47
N LYS C 25 -37.71 7.68 8.24
CA LYS C 25 -38.07 6.76 7.19
C LYS C 25 -39.21 7.37 6.39
N PRO C 26 -39.15 7.25 5.05
CA PRO C 26 -40.15 7.88 4.19
C PRO C 26 -41.46 7.15 4.31
N THR C 27 -42.54 7.82 3.93
CA THR C 27 -43.86 7.29 4.17
C THR C 27 -44.36 6.63 2.91
N HIS C 28 -43.55 6.75 1.86
CA HIS C 28 -43.92 6.34 0.52
C HIS C 28 -42.62 6.24 -0.27
N GLU C 29 -42.26 5.02 -0.66
CA GLU C 29 -40.92 4.74 -1.21
C GLU C 29 -40.42 5.83 -2.18
N ILE C 30 -39.29 6.47 -1.84
CA ILE C 30 -38.76 7.59 -2.64
C ILE C 30 -38.18 7.16 -3.97
N GLN C 31 -38.55 7.90 -5.00
CA GLN C 31 -38.03 7.68 -6.32
C GLN C 31 -36.55 8.06 -6.30
N LYS C 32 -35.73 7.31 -7.02
CA LYS C 32 -34.28 7.29 -6.83
C LYS C 32 -33.59 8.63 -7.01
N GLU C 33 -33.91 9.30 -8.11
CA GLU C 33 -33.29 10.57 -8.44
C GLU C 33 -33.84 11.69 -7.56
N LYS C 34 -34.77 11.35 -6.68
CA LYS C 34 -35.21 12.29 -5.65
C LYS C 34 -34.42 12.16 -4.35
N LEU C 35 -33.55 11.14 -4.24
CA LEU C 35 -32.90 10.82 -2.95
C LEU C 35 -31.91 11.86 -2.39
N ASN C 36 -30.89 12.25 -3.18
CA ASN C 36 -29.94 13.33 -2.83
C ASN C 36 -30.55 14.71 -2.51
N LYS C 37 -31.71 15.02 -3.09
CA LYS C 37 -32.42 16.29 -2.85
C LYS C 37 -33.17 16.24 -1.53
N VAL C 38 -33.62 15.06 -1.16
CA VAL C 38 -34.28 14.89 0.12
C VAL C 38 -33.24 15.00 1.22
N ARG C 39 -32.16 14.22 1.07
CA ARG C 39 -31.04 14.17 2.04
C ARG C 39 -30.52 15.57 2.36
N TRP C 40 -30.03 16.26 1.31
CA TRP C 40 -29.69 17.65 1.43
C TRP C 40 -30.78 18.48 2.19
N ARG C 41 -32.04 18.32 1.78
CA ARG C 41 -33.12 19.04 2.43
C ARG C 41 -33.24 18.69 3.90
N VAL C 42 -32.95 17.42 4.23
CA VAL C 42 -32.94 17.01 5.64
C VAL C 42 -31.86 17.73 6.44
N PHE C 43 -30.67 17.85 5.86
CA PHE C 43 -29.56 18.54 6.54
C PHE C 43 -29.92 19.99 6.91
N LEU C 44 -30.42 20.76 5.92
CA LEU C 44 -30.83 22.15 6.15
C LEU C 44 -31.75 22.24 7.33
N GLN C 45 -32.85 21.49 7.26
CA GLN C 45 -33.94 21.56 8.24
C GLN C 45 -33.44 21.24 9.62
N THR C 46 -33.09 19.97 9.81
CA THR C 46 -32.48 19.44 11.03
C THR C 46 -31.35 20.31 11.51
N GLY C 47 -30.51 20.78 10.60
CA GLY C 47 -29.27 21.44 10.98
C GLY C 47 -28.14 20.46 11.20
N LEU C 48 -28.45 19.17 11.37
CA LEU C 48 -27.43 18.19 11.74
C LEU C 48 -26.92 17.46 10.54
N PRO C 49 -25.60 17.11 10.51
CA PRO C 49 -25.08 16.19 9.51
C PRO C 49 -25.95 14.95 9.34
N THR C 50 -25.90 14.37 8.15
CA THR C 50 -26.91 13.43 7.69
C THR C 50 -26.39 12.55 6.58
N PHE C 51 -26.56 11.23 6.72
CA PHE C 51 -26.27 10.31 5.61
C PHE C 51 -27.46 9.40 5.33
N ARG C 52 -27.50 8.90 4.10
CA ARG C 52 -28.56 8.02 3.64
C ARG C 52 -28.10 6.60 3.88
N ARG C 53 -28.82 5.88 4.72
CA ARG C 53 -28.62 4.44 4.83
C ARG C 53 -29.85 3.75 4.30
N GLU C 54 -29.76 3.29 3.05
CA GLU C 54 -30.87 2.59 2.41
C GLU C 54 -32.03 3.56 2.14
N ASP C 55 -33.22 3.19 2.57
CA ASP C 55 -34.35 4.11 2.51
C ASP C 55 -34.34 5.11 3.67
N GLU C 56 -33.45 4.94 4.65
CA GLU C 56 -33.52 5.72 5.89
C GLU C 56 -32.45 6.81 6.06
N PHE C 57 -32.74 7.78 6.91
CA PHE C 57 -31.95 9.00 6.96
C PHE C 57 -31.41 9.20 8.37
N TRP C 58 -30.10 9.32 8.49
CA TRP C 58 -29.44 9.31 9.80
C TRP C 58 -28.90 10.67 10.24
N CYS C 59 -29.40 11.20 11.37
CA CYS C 59 -29.05 12.54 11.88
C CYS C 59 -28.12 12.58 13.07
N ALA C 60 -26.87 12.98 12.83
CA ALA C 60 -25.82 13.14 13.85
C ALA C 60 -26.22 14.15 14.95
N GLY C 61 -27.28 13.81 15.67
CA GLY C 61 -27.78 14.61 16.77
C GLY C 61 -29.07 13.99 17.27
N LYS C 62 -29.58 14.48 18.40
CA LYS C 62 -30.91 14.06 18.85
C LYS C 62 -31.96 14.97 18.19
N VAL C 63 -33.10 14.39 17.84
CA VAL C 63 -34.14 15.10 17.13
C VAL C 63 -35.46 14.70 17.74
N GLU C 64 -36.18 15.66 18.31
CA GLU C 64 -37.42 15.33 18.99
C GLU C 64 -38.69 15.65 18.21
N LYS C 65 -38.53 16.17 16.99
CA LYS C 65 -39.64 16.33 16.02
C LYS C 65 -39.96 15.00 15.34
N ASP C 66 -41.11 14.38 15.64
CA ASP C 66 -41.38 13.06 15.06
C ASP C 66 -41.78 13.06 13.58
N THR C 67 -41.91 14.23 12.99
CA THR C 67 -42.17 14.31 11.56
C THR C 67 -41.33 15.41 10.89
N LEU C 68 -41.13 15.27 9.59
CA LEU C 68 -40.30 16.15 8.84
C LEU C 68 -40.99 16.30 7.54
N TYR C 69 -41.40 17.51 7.20
CA TYR C 69 -41.96 17.73 5.89
C TYR C 69 -40.97 18.52 5.06
N LEU C 70 -40.70 18.01 3.87
CA LEU C 70 -39.69 18.58 2.98
C LEU C 70 -40.26 18.78 1.57
N THR C 71 -40.63 20.01 1.23
CA THR C 71 -40.93 20.40 -0.13
C THR C 71 -39.69 20.39 -1.05
N LEU C 72 -39.79 19.71 -2.20
CA LEU C 72 -38.80 19.86 -3.27
C LEU C 72 -39.16 21.09 -4.15
N SER C 73 -38.35 21.35 -5.19
CA SER C 73 -38.56 22.51 -6.06
C SER C 73 -39.89 22.52 -6.80
N ASN C 74 -40.39 21.33 -7.16
CA ASN C 74 -41.71 21.14 -7.78
C ASN C 74 -42.87 21.44 -6.86
N GLY C 75 -42.57 21.71 -5.59
CA GLY C 75 -43.61 21.92 -4.58
C GLY C 75 -44.08 20.60 -4.00
N GLU C 76 -43.42 19.52 -4.42
CA GLU C 76 -43.75 18.18 -3.97
C GLU C 76 -43.25 17.96 -2.54
N ILE C 77 -44.16 17.59 -1.64
CA ILE C 77 -43.79 17.30 -0.25
C ILE C 77 -43.52 15.80 0.01
N VAL C 78 -42.25 15.49 0.29
CA VAL C 78 -41.88 14.19 0.84
C VAL C 78 -42.01 14.26 2.36
N GLU C 79 -42.69 13.27 2.94
CA GLU C 79 -42.85 13.19 4.39
C GLU C 79 -41.96 12.08 4.95
N LEU C 80 -41.33 12.32 6.10
CA LEU C 80 -40.59 11.25 6.77
C LEU C 80 -41.07 11.08 8.19
N LYS C 81 -41.46 9.86 8.52
CA LYS C 81 -41.69 9.49 9.91
C LYS C 81 -40.35 9.21 10.59
N ARG C 82 -40.32 9.46 11.90
CA ARG C 82 -39.15 9.32 12.76
C ARG C 82 -39.16 7.91 13.38
N VAL C 83 -38.17 7.09 13.02
CA VAL C 83 -38.02 5.73 13.55
C VAL C 83 -37.57 5.76 15.00
N GLY C 84 -36.44 6.42 15.24
CA GLY C 84 -35.90 6.53 16.59
C GLY C 84 -34.39 6.54 16.63
N GLU C 85 -33.84 6.79 17.81
CA GLU C 85 -32.40 6.88 17.96
C GLU C 85 -31.81 5.50 17.63
N GLU C 86 -30.67 5.50 16.93
CA GLU C 86 -29.85 4.30 16.77
C GLU C 86 -28.38 4.65 16.95
N GLU C 87 -27.61 3.67 17.38
CA GLU C 87 -26.20 3.86 17.69
C GLU C 87 -25.34 3.53 16.47
N PHE C 88 -24.56 4.51 16.04
CA PHE C 88 -23.73 4.36 14.86
C PHE C 88 -22.52 3.49 15.19
N ARG C 89 -22.53 2.24 14.75
CA ARG C 89 -21.39 1.36 14.98
C ARG C 89 -20.33 1.69 13.92
N GLY C 90 -20.78 1.96 12.68
CA GLY C 90 -19.87 2.32 11.57
C GLY C 90 -20.52 2.55 10.21
N PHE C 91 -19.70 2.88 9.21
CA PHE C 91 -20.17 3.12 7.84
C PHE C 91 -20.30 1.88 6.94
N GLN C 92 -21.32 1.88 6.09
CA GLN C 92 -21.48 0.84 5.09
C GLN C 92 -20.87 1.17 3.71
N ASN C 93 -20.48 2.41 3.49
CA ASN C 93 -19.87 2.74 2.18
C ASN C 93 -19.46 4.19 2.03
N GLU C 94 -18.53 4.41 1.11
CA GLU C 94 -17.99 5.71 0.89
C GLU C 94 -19.10 6.71 0.83
N ARG C 95 -20.22 6.35 0.21
CA ARG C 95 -21.27 7.32 -0.09
C ARG C 95 -21.81 7.90 1.18
N GLU C 96 -22.09 7.07 2.18
CA GLU C 96 -22.57 7.58 3.48
C GLU C 96 -21.49 8.42 4.13
N CYS C 97 -20.27 7.92 4.08
CA CYS C 97 -19.13 8.59 4.67
C CYS C 97 -18.93 9.97 4.08
N GLN C 98 -18.97 10.06 2.75
CA GLN C 98 -18.84 11.29 1.96
C GLN C 98 -19.87 12.31 2.38
N GLU C 99 -21.10 11.84 2.54
CA GLU C 99 -22.18 12.73 2.79
C GLU C 99 -21.93 13.39 4.13
N LEU C 100 -21.96 12.59 5.18
CA LEU C 100 -21.74 13.08 6.52
C LEU C 100 -20.54 14.00 6.64
N PHE C 101 -19.41 13.60 6.05
CA PHE C 101 -18.18 14.40 6.09
C PHE C 101 -18.34 15.78 5.49
N ARG C 102 -18.87 15.85 4.26
CA ARG C 102 -19.17 17.15 3.63
C ARG C 102 -20.01 18.00 4.55
N ASP C 103 -21.08 17.45 5.12
CA ASP C 103 -22.04 18.17 5.96
C ASP C 103 -21.30 18.80 7.14
N PHE C 104 -20.34 18.03 7.66
CA PHE C 104 -19.51 18.50 8.75
C PHE C 104 -18.63 19.66 8.37
N LEU C 105 -18.16 19.71 7.12
CA LEU C 105 -17.41 20.86 6.62
C LEU C 105 -18.33 22.04 6.61
N THR C 106 -19.54 21.81 6.14
CA THR C 106 -20.47 22.88 5.96
C THR C 106 -20.77 23.45 7.32
N LYS C 107 -20.98 22.56 8.29
CA LYS C 107 -21.42 22.99 9.62
C LYS C 107 -20.32 23.80 10.22
N THR C 108 -19.07 23.50 9.90
CA THR C 108 -17.98 24.12 10.65
C THR C 108 -17.40 25.34 9.99
N LYS C 109 -17.54 25.40 8.67
CA LYS C 109 -17.24 26.60 7.91
C LYS C 109 -15.78 26.76 7.48
N VAL C 110 -15.04 25.63 7.45
CA VAL C 110 -13.57 25.62 7.28
C VAL C 110 -13.22 25.95 5.88
N LYS C 111 -13.70 25.11 4.95
CA LYS C 111 -13.68 25.38 3.53
C LYS C 111 -13.97 26.88 3.28
N ASP C 112 -14.95 27.41 4.02
CA ASP C 112 -15.27 28.80 3.88
C ASP C 112 -14.17 29.70 4.42
N LYS C 113 -13.75 29.43 5.65
CA LYS C 113 -12.78 30.30 6.27
C LYS C 113 -11.54 30.24 5.41
N PHE C 114 -11.36 29.11 4.72
CA PHE C 114 -10.21 28.93 3.86
C PHE C 114 -10.23 29.74 2.58
N ILE C 115 -11.31 29.68 1.82
CA ILE C 115 -11.36 30.48 0.62
C ILE C 115 -11.22 31.99 0.95
N SER C 116 -11.62 32.34 2.16
CA SER C 116 -11.51 33.70 2.61
C SER C 116 -10.05 34.10 2.84
N ASP C 117 -9.38 33.34 3.70
CA ASP C 117 -7.98 33.57 4.02
C ASP C 117 -7.15 33.63 2.74
N PHE C 118 -7.43 32.72 1.82
CA PHE C 118 -6.69 32.65 0.59
C PHE C 118 -6.79 33.92 -0.26
N TYR C 119 -7.98 34.50 -0.32
CA TYR C 119 -8.15 35.82 -0.93
C TYR C 119 -7.40 36.92 -0.15
N LYS C 120 -7.72 37.07 1.13
CA LYS C 120 -7.00 38.01 1.96
C LYS C 120 -5.51 38.00 1.62
N LYS C 121 -5.00 36.85 1.19
CA LYS C 121 -3.58 36.69 0.93
C LYS C 121 -3.16 36.90 -0.51
N PHE C 122 -3.89 36.31 -1.46
CA PHE C 122 -3.43 36.31 -2.83
C PHE C 122 -4.39 36.97 -3.75
N ARG C 123 -5.33 37.72 -3.18
CA ARG C 123 -6.41 38.36 -3.93
C ARG C 123 -5.88 39.04 -5.17
N ASP C 124 -4.84 39.82 -4.98
CA ASP C 124 -4.29 40.65 -6.05
C ASP C 124 -3.70 39.81 -7.16
N LYS C 125 -2.84 38.87 -6.81
CA LYS C 125 -2.28 37.91 -7.77
C LYS C 125 -3.27 36.97 -8.50
N ILE C 126 -4.57 37.10 -8.19
CA ILE C 126 -5.63 36.18 -8.67
C ILE C 126 -6.51 36.80 -9.76
N THR C 127 -6.53 38.13 -9.81
CA THR C 127 -7.22 38.87 -10.85
C THR C 127 -6.19 39.20 -11.93
N VAL C 128 -6.59 39.17 -13.19
CA VAL C 128 -5.66 39.33 -14.32
C VAL C 128 -6.31 40.07 -15.51
N GLN C 129 -5.60 41.03 -16.12
CA GLN C 129 -6.13 41.81 -17.28
C GLN C 129 -5.92 41.26 -18.70
N GLY C 130 -5.90 42.19 -19.66
CA GLY C 130 -5.70 41.83 -21.06
C GLY C 130 -6.66 42.55 -21.98
N LYS C 131 -6.17 43.66 -22.58
CA LYS C 131 -6.91 44.57 -23.50
C LYS C 131 -8.31 45.06 -23.03
N ASN C 132 -9.35 44.28 -23.30
CA ASN C 132 -10.73 44.67 -22.99
C ASN C 132 -11.35 44.02 -21.75
N ARG C 133 -11.47 42.69 -21.74
CA ARG C 133 -12.04 41.97 -20.58
C ARG C 133 -11.12 41.98 -19.32
N LYS C 134 -11.69 41.61 -18.16
CA LYS C 134 -10.89 41.35 -16.96
C LYS C 134 -11.20 39.92 -16.49
N ILE C 135 -10.32 39.34 -15.66
CA ILE C 135 -10.43 37.91 -15.30
C ILE C 135 -10.04 37.50 -13.87
N ALA C 136 -10.88 36.62 -13.30
CA ALA C 136 -10.62 36.00 -12.02
C ALA C 136 -10.34 34.47 -12.15
N LEU C 137 -9.58 33.94 -11.19
CA LEU C 137 -9.33 32.51 -11.04
C LEU C 137 -9.60 32.12 -9.61
N ILE C 138 -10.72 31.48 -9.34
CA ILE C 138 -11.15 31.32 -7.96
C ILE C 138 -10.89 29.91 -7.43
N PRO C 139 -10.29 29.80 -6.23
CA PRO C 139 -9.90 28.46 -5.82
C PRO C 139 -11.12 27.66 -5.52
N GLU C 140 -11.09 26.38 -5.89
CA GLU C 140 -12.17 25.43 -5.65
C GLU C 140 -11.61 24.28 -4.83
N VAL C 141 -12.21 23.98 -3.69
CA VAL C 141 -11.80 22.83 -2.89
C VAL C 141 -12.83 21.78 -3.11
N ASN C 142 -12.40 20.54 -3.26
CA ASN C 142 -13.28 19.42 -3.54
C ASN C 142 -12.94 18.25 -2.67
N GLU C 143 -13.96 17.57 -2.17
CA GLU C 143 -13.79 16.34 -1.39
C GLU C 143 -14.65 15.24 -1.93
N LYS C 144 -14.09 14.06 -2.10
CA LYS C 144 -14.88 12.86 -2.29
C LYS C 144 -14.30 11.82 -1.35
N VAL C 145 -15.05 10.76 -1.09
CA VAL C 145 -14.57 9.67 -0.26
C VAL C 145 -14.57 8.36 -1.02
N LEU C 146 -13.44 7.70 -0.96
CA LEU C 146 -13.25 6.42 -1.64
C LEU C 146 -12.80 5.33 -0.68
N LYS C 147 -12.87 4.09 -1.15
CA LYS C 147 -12.49 2.92 -0.38
C LYS C 147 -11.25 2.27 -1.04
N SER C 148 -10.14 2.19 -0.33
CA SER C 148 -8.97 1.46 -0.83
C SER C 148 -9.25 -0.04 -0.88
N GLU C 149 -8.28 -0.78 -1.42
CA GLU C 149 -8.31 -2.24 -1.48
C GLU C 149 -8.40 -2.88 -0.10
N GLU C 150 -7.57 -2.43 0.82
CA GLU C 150 -7.57 -2.99 2.18
C GLU C 150 -8.81 -2.61 2.99
N GLY C 151 -9.76 -1.89 2.38
CA GLY C 151 -10.94 -1.45 3.09
C GLY C 151 -10.92 -0.12 3.85
N TYR C 152 -9.81 0.59 3.89
CA TYR C 152 -9.85 1.91 4.56
C TYR C 152 -10.69 2.91 3.75
N PHE C 153 -11.43 3.78 4.41
CA PHE C 153 -12.00 4.90 3.67
C PHE C 153 -10.93 5.94 3.43
N LEU C 154 -11.01 6.66 2.30
CA LEU C 154 -9.96 7.60 1.88
C LEU C 154 -10.49 8.95 1.48
N LEU C 155 -10.10 10.00 2.15
CA LEU C 155 -10.54 11.32 1.70
C LEU C 155 -9.79 11.71 0.43
N HIS C 156 -10.52 12.01 -0.64
CA HIS C 156 -9.88 12.47 -1.89
C HIS C 156 -10.00 14.00 -1.86
N LEU C 157 -8.87 14.68 -1.70
CA LEU C 157 -8.89 16.11 -1.48
C LEU C 157 -8.13 16.87 -2.55
N ASP C 158 -8.80 17.75 -3.31
CA ASP C 158 -8.11 18.44 -4.41
C ASP C 158 -8.31 19.91 -4.31
N LEU C 159 -7.47 20.64 -5.02
CA LEU C 159 -7.61 22.05 -5.17
C LEU C 159 -7.52 22.42 -6.65
N LYS C 160 -8.53 23.13 -7.16
CA LYS C 160 -8.47 23.61 -8.52
C LYS C 160 -8.73 25.11 -8.57
N PHE C 161 -8.71 25.68 -9.76
CA PHE C 161 -9.07 27.09 -9.96
C PHE C 161 -10.00 27.14 -11.13
N ARG C 162 -11.15 27.77 -10.93
CA ARG C 162 -12.06 27.98 -12.03
C ARG C 162 -11.94 29.43 -12.45
N ILE C 163 -11.89 29.59 -13.78
CA ILE C 163 -11.64 30.84 -14.48
C ILE C 163 -12.99 31.48 -14.82
N GLN C 164 -13.17 32.74 -14.45
CA GLN C 164 -14.47 33.41 -14.57
C GLN C 164 -14.26 34.89 -14.75
N PRO C 165 -15.14 35.54 -15.52
CA PRO C 165 -15.09 36.98 -15.71
C PRO C 165 -15.89 37.75 -14.66
N PHE C 166 -16.00 39.06 -14.85
CA PHE C 166 -16.78 39.87 -13.95
C PHE C 166 -18.07 40.26 -14.67
N GLU C 167 -18.70 39.29 -15.34
CA GLU C 167 -19.81 39.62 -16.22
C GLU C 167 -21.05 38.75 -16.12
N THR C 168 -21.80 38.98 -15.05
CA THR C 168 -23.15 38.48 -14.83
C THR C 168 -23.96 38.44 -16.12
N LEU C 169 -24.64 37.31 -16.34
CA LEU C 169 -25.48 37.09 -17.52
C LEU C 169 -26.46 38.21 -17.85
N GLN C 170 -27.10 38.74 -16.82
CA GLN C 170 -28.05 39.82 -17.02
C GLN C 170 -27.37 40.87 -17.89
N THR C 171 -26.21 41.35 -17.43
CA THR C 171 -25.48 42.42 -18.11
C THR C 171 -25.18 42.05 -19.56
N LEU C 172 -24.77 40.81 -19.78
CA LEU C 172 -24.42 40.35 -21.10
C LEU C 172 -25.64 40.29 -22.05
N LEU C 173 -26.77 39.80 -21.59
CA LEU C 173 -27.93 39.67 -22.47
C LEU C 173 -28.64 41.01 -22.67
N GLU C 174 -28.71 41.78 -21.59
CA GLU C 174 -29.27 43.13 -21.58
C GLU C 174 -28.48 44.08 -22.47
N ARG C 175 -27.34 44.50 -21.92
CA ARG C 175 -26.58 45.64 -22.39
C ARG C 175 -25.81 45.37 -23.67
N ASN C 176 -25.55 44.09 -23.94
CA ASN C 176 -24.62 43.69 -25.01
C ASN C 176 -25.23 43.00 -26.23
N ASP C 177 -25.84 41.85 -26.01
CA ASP C 177 -25.83 40.77 -27.02
C ASP C 177 -26.91 40.64 -28.11
N PHE C 178 -26.97 39.39 -28.60
CA PHE C 178 -27.87 38.92 -29.65
C PHE C 178 -28.40 37.54 -29.24
N ASN C 179 -27.63 36.49 -29.58
CA ASN C 179 -28.01 35.07 -29.44
C ASN C 179 -27.06 34.23 -28.58
N PRO C 180 -27.14 34.35 -27.22
CA PRO C 180 -26.16 33.70 -26.31
C PRO C 180 -26.25 32.17 -26.25
N LYS C 181 -26.43 31.63 -25.05
CA LYS C 181 -26.78 30.22 -24.84
C LYS C 181 -25.60 29.28 -25.07
N ARG C 182 -25.83 27.98 -24.89
CA ARG C 182 -24.80 26.94 -25.05
C ARG C 182 -23.68 27.00 -24.00
N ILE C 183 -23.25 28.24 -23.68
CA ILE C 183 -22.21 28.53 -22.67
C ILE C 183 -22.67 28.12 -21.28
N ARG C 184 -21.81 27.35 -20.59
CA ARG C 184 -22.02 26.91 -19.20
C ARG C 184 -21.72 27.94 -18.07
N VAL C 185 -22.36 27.73 -16.91
CA VAL C 185 -22.58 28.76 -15.90
C VAL C 185 -22.45 28.26 -14.41
N LYS C 186 -22.40 29.21 -13.46
CA LYS C 186 -22.29 28.91 -12.01
C LYS C 186 -22.95 29.99 -11.20
N PRO C 187 -23.95 29.62 -10.39
CA PRO C 187 -24.63 30.63 -9.59
C PRO C 187 -23.79 31.08 -8.41
N ILE C 188 -23.74 32.39 -8.19
CA ILE C 188 -23.13 32.93 -7.00
C ILE C 188 -23.77 32.23 -5.82
N GLY C 189 -22.94 31.76 -4.91
CA GLY C 189 -23.41 31.13 -3.67
C GLY C 189 -24.02 29.74 -3.77
N ILE C 190 -23.78 29.06 -4.90
CA ILE C 190 -24.31 27.71 -5.17
C ILE C 190 -23.25 26.93 -5.89
N ASP C 191 -23.13 25.64 -5.56
CA ASP C 191 -22.01 24.83 -6.04
C ASP C 191 -22.16 24.52 -7.52
N PHE C 192 -23.13 23.68 -7.86
CA PHE C 192 -23.46 23.32 -9.25
C PHE C 192 -22.96 24.26 -10.38
N VAL C 193 -22.45 23.65 -11.46
CA VAL C 193 -21.99 24.35 -12.66
C VAL C 193 -22.50 23.63 -13.92
N GLY C 194 -23.13 24.33 -14.88
CA GLY C 194 -23.59 23.62 -16.07
C GLY C 194 -24.07 24.41 -17.27
N ARG C 195 -24.16 23.71 -18.41
CA ARG C 195 -24.59 24.30 -19.68
C ARG C 195 -26.01 24.88 -19.62
N VAL C 196 -26.22 25.99 -20.35
CA VAL C 196 -27.54 26.64 -20.55
C VAL C 196 -28.36 25.88 -21.60
N GLN C 197 -29.68 25.78 -21.39
CA GLN C 197 -30.57 25.08 -22.33
C GLN C 197 -31.95 25.71 -22.54
N ASP C 198 -32.12 26.99 -22.18
CA ASP C 198 -33.40 27.73 -22.33
C ASP C 198 -33.40 29.12 -21.69
N VAL C 199 -33.77 30.14 -22.47
CA VAL C 199 -33.93 31.51 -21.92
C VAL C 199 -35.28 32.14 -22.28
N PHE C 200 -35.90 32.75 -21.27
CA PHE C 200 -37.05 33.64 -21.46
C PHE C 200 -37.00 34.84 -20.50
N LYS C 201 -37.50 35.99 -20.96
CA LYS C 201 -37.70 37.13 -20.07
C LYS C 201 -38.54 36.72 -18.86
N ALA C 202 -38.31 37.38 -17.73
CA ALA C 202 -39.05 37.13 -16.51
C ALA C 202 -40.44 37.75 -16.52
N LYS C 203 -40.60 38.77 -17.36
CA LYS C 203 -41.83 39.59 -17.42
C LYS C 203 -43.07 38.75 -17.79
N GLU C 204 -42.81 37.57 -18.39
CA GLU C 204 -43.82 36.55 -18.63
C GLU C 204 -44.58 36.12 -17.37
N LYS C 205 -43.85 35.84 -16.28
CA LYS C 205 -44.39 35.14 -15.10
C LYS C 205 -45.12 36.04 -14.11
N GLY C 206 -46.22 35.55 -13.55
CA GLY C 206 -47.09 36.34 -12.66
C GLY C 206 -46.54 36.51 -11.26
N GLU C 207 -47.43 36.78 -10.31
CA GLU C 207 -47.03 36.93 -8.91
C GLU C 207 -46.61 35.60 -8.30
N GLU C 208 -47.47 34.59 -8.43
CA GLU C 208 -47.19 33.23 -7.93
C GLU C 208 -45.77 32.72 -8.17
N PHE C 209 -45.32 32.78 -9.43
CA PHE C 209 -44.08 32.14 -9.86
C PHE C 209 -42.83 32.50 -9.03
N PHE C 210 -42.70 33.76 -8.62
CA PHE C 210 -41.57 34.16 -7.77
C PHE C 210 -41.88 33.98 -6.29
N ARG C 211 -43.17 34.02 -5.89
CA ARG C 211 -43.56 33.56 -4.56
C ARG C 211 -42.94 32.16 -4.41
N LEU C 212 -43.28 31.29 -5.36
CA LEU C 212 -42.90 29.87 -5.37
C LEU C 212 -41.40 29.58 -5.44
N CYS C 213 -40.66 30.32 -6.25
CA CYS C 213 -39.21 30.16 -6.30
C CYS C 213 -38.55 30.64 -5.02
N MET C 214 -39.10 31.67 -4.41
CA MET C 214 -38.54 32.20 -3.17
C MET C 214 -38.68 31.16 -2.07
N GLU C 215 -39.91 30.69 -1.88
CA GLU C 215 -40.21 29.73 -0.82
C GLU C 215 -39.34 28.47 -0.87
N ARG C 216 -38.92 28.08 -2.08
CA ARG C 216 -38.29 26.77 -2.30
C ARG C 216 -36.76 26.78 -2.42
N SER C 217 -36.22 27.65 -3.28
CA SER C 217 -34.78 27.77 -3.49
C SER C 217 -33.98 27.52 -2.21
N THR C 218 -33.13 26.51 -2.29
CA THR C 218 -32.45 25.92 -1.12
C THR C 218 -31.19 26.68 -0.67
N HIS C 219 -30.96 27.82 -1.31
CA HIS C 219 -29.74 28.61 -1.10
C HIS C 219 -30.06 30.06 -0.86
N LYS C 220 -29.19 30.73 -0.11
CA LYS C 220 -29.41 32.11 0.26
C LYS C 220 -29.40 33.04 -0.96
N SER C 221 -28.39 32.89 -1.80
CA SER C 221 -28.23 33.67 -3.04
C SER C 221 -29.40 33.50 -4.01
N SER C 222 -29.82 32.26 -4.25
CA SER C 222 -31.01 32.01 -5.04
C SER C 222 -32.27 32.60 -4.36
N LYS C 223 -32.39 32.41 -3.05
CA LYS C 223 -33.56 32.90 -2.32
C LYS C 223 -33.67 34.43 -2.27
N LYS C 224 -32.53 35.09 -1.97
CA LYS C 224 -32.46 36.55 -1.97
C LYS C 224 -32.86 37.10 -3.33
N ALA C 225 -32.33 36.46 -4.37
CA ALA C 225 -32.51 36.90 -5.74
C ALA C 225 -33.97 36.83 -6.22
N TRP C 226 -34.65 35.70 -5.97
CA TRP C 226 -36.08 35.58 -6.29
C TRP C 226 -36.91 36.55 -5.47
N GLU C 227 -36.46 36.83 -4.24
CA GLU C 227 -37.09 37.85 -3.40
C GLU C 227 -37.03 39.21 -4.07
N GLU C 228 -35.84 39.62 -4.50
CA GLU C 228 -35.73 40.85 -5.28
C GLU C 228 -36.81 40.90 -6.36
N LEU C 229 -36.78 39.92 -7.27
CA LEU C 229 -37.72 39.87 -8.39
C LEU C 229 -39.20 39.68 -7.97
N LEU C 230 -39.44 39.17 -6.76
CA LEU C 230 -40.79 39.25 -6.23
C LEU C 230 -41.12 40.74 -6.05
N LYS C 231 -40.39 41.38 -5.16
CA LYS C 231 -40.73 42.72 -4.68
C LYS C 231 -40.56 43.86 -5.68
N ASN C 232 -39.36 44.02 -6.24
CA ASN C 232 -39.08 45.14 -7.15
C ASN C 232 -39.77 45.05 -8.50
N ARG C 233 -40.78 45.91 -8.59
CA ARG C 233 -41.93 45.81 -9.48
C ARG C 233 -41.63 45.69 -10.97
N GLU C 234 -40.68 46.48 -11.45
CA GLU C 234 -40.37 46.50 -12.89
C GLU C 234 -39.13 45.69 -13.23
N LEU C 235 -38.43 45.21 -12.20
CA LEU C 235 -37.20 44.45 -12.40
C LEU C 235 -37.39 43.16 -13.20
N ARG C 236 -38.64 42.67 -13.25
CA ARG C 236 -38.97 41.44 -13.97
C ARG C 236 -38.93 41.65 -15.49
N GLU C 237 -39.26 42.86 -15.93
CA GLU C 237 -39.15 43.21 -17.33
C GLU C 237 -37.68 43.20 -17.73
N LYS C 238 -36.87 43.85 -16.90
CA LYS C 238 -35.43 43.92 -17.09
C LYS C 238 -34.67 42.58 -16.88
N ALA C 239 -35.12 41.79 -15.91
CA ALA C 239 -34.52 40.49 -15.64
C ALA C 239 -34.86 39.44 -16.71
N PHE C 240 -33.86 38.64 -17.06
CA PHE C 240 -34.02 37.49 -17.95
C PHE C 240 -33.71 36.22 -17.11
N LEU C 241 -34.36 35.09 -17.42
CA LEU C 241 -34.21 33.85 -16.63
C LEU C 241 -33.67 32.65 -17.40
N VAL C 242 -32.66 32.01 -16.81
CA VAL C 242 -31.91 30.91 -17.42
C VAL C 242 -32.36 29.55 -16.86
N VAL C 243 -32.28 28.50 -17.70
CA VAL C 243 -32.57 27.12 -17.30
C VAL C 243 -31.37 26.28 -17.68
N LEU C 244 -30.79 25.63 -16.69
CA LEU C 244 -29.53 24.95 -16.89
C LEU C 244 -29.71 23.51 -17.38
N GLU C 245 -28.61 22.75 -17.36
CA GLU C 245 -28.59 21.33 -17.70
C GLU C 245 -29.57 20.50 -16.87
N LYS C 246 -29.45 20.60 -15.54
CA LYS C 246 -30.36 19.90 -14.63
C LYS C 246 -31.56 20.79 -14.26
N GLY C 247 -32.24 21.31 -15.30
CA GLY C 247 -33.46 22.12 -15.20
C GLY C 247 -33.63 22.74 -13.83
N TYR C 248 -32.66 23.57 -13.45
CA TYR C 248 -32.67 24.19 -12.14
C TYR C 248 -33.29 25.60 -12.11
N THR C 249 -33.21 26.32 -13.23
CA THR C 249 -33.87 27.64 -13.39
C THR C 249 -33.51 28.73 -12.36
N TYR C 250 -32.74 29.71 -12.80
CA TYR C 250 -32.26 30.77 -11.93
C TYR C 250 -32.43 32.14 -12.61
N PRO C 251 -32.43 33.25 -11.82
CA PRO C 251 -32.28 34.61 -12.38
C PRO C 251 -31.05 34.74 -13.27
N ALA C 252 -30.73 35.95 -13.71
CA ALA C 252 -29.54 36.13 -14.52
C ALA C 252 -28.42 36.74 -13.69
N THR C 253 -28.78 37.70 -12.84
CA THR C 253 -27.82 38.40 -11.99
C THR C 253 -27.01 37.46 -11.08
N ILE C 254 -27.50 36.24 -10.95
CA ILE C 254 -26.92 35.19 -10.10
C ILE C 254 -25.89 34.36 -10.86
N LEU C 255 -25.90 34.50 -12.18
CA LEU C 255 -25.17 33.58 -13.05
C LEU C 255 -23.96 34.19 -13.75
N LYS C 256 -22.84 33.46 -13.65
CA LYS C 256 -21.55 33.85 -14.20
C LYS C 256 -21.00 32.68 -15.03
N PRO C 257 -20.21 32.96 -16.08
CA PRO C 257 -19.69 31.88 -16.93
C PRO C 257 -18.42 31.22 -16.42
N VAL C 258 -18.23 29.95 -16.76
CA VAL C 258 -16.95 29.31 -16.50
C VAL C 258 -16.25 28.91 -17.78
N LEU C 259 -15.18 29.64 -18.02
CA LEU C 259 -14.42 29.55 -19.25
C LEU C 259 -13.28 28.57 -19.04
N THR C 260 -12.97 27.81 -20.08
CA THR C 260 -11.77 26.98 -20.08
C THR C 260 -10.61 27.75 -20.65
N TYR C 261 -9.45 27.54 -20.04
CA TYR C 261 -8.14 27.78 -20.63
C TYR C 261 -8.23 28.08 -22.12
N GLU C 262 -8.39 27.03 -22.92
CA GLU C 262 -8.58 27.15 -24.37
C GLU C 262 -9.28 28.46 -24.76
N ASN C 263 -10.56 28.59 -24.42
CA ASN C 263 -11.38 29.71 -24.90
C ASN C 263 -11.10 31.06 -24.23
N LEU C 264 -9.84 31.31 -23.90
CA LEU C 264 -9.38 32.63 -23.49
C LEU C 264 -8.47 33.16 -24.61
N GLU C 265 -7.91 34.35 -24.43
CA GLU C 265 -6.96 34.92 -25.40
C GLU C 265 -5.54 34.34 -25.29
N ASP C 266 -4.69 34.71 -26.25
CA ASP C 266 -3.27 34.34 -26.23
C ASP C 266 -2.60 34.93 -24.98
N GLU C 267 -2.70 36.24 -24.83
CA GLU C 267 -2.09 37.02 -23.73
C GLU C 267 -2.68 36.66 -22.36
N GLU C 268 -4.00 36.53 -22.30
CA GLU C 268 -4.70 36.12 -21.09
C GLU C 268 -4.15 34.78 -20.61
N ARG C 269 -4.24 33.77 -21.47
CA ARG C 269 -3.88 32.41 -21.13
C ARG C 269 -2.50 32.20 -20.56
N ASN C 270 -1.52 32.85 -21.13
CA ASN C 270 -0.17 32.68 -20.63
C ASN C 270 0.03 33.28 -19.22
N GLU C 271 -0.65 34.40 -18.91
CA GLU C 271 -0.64 35.03 -17.58
C GLU C 271 -1.40 34.18 -16.58
N VAL C 272 -2.64 33.86 -16.95
CA VAL C 272 -3.50 32.98 -16.19
C VAL C 272 -2.81 31.65 -15.88
N ALA C 273 -2.11 31.11 -16.90
CA ALA C 273 -1.52 29.76 -16.92
C ALA C 273 -0.59 29.44 -15.78
N ASP C 274 0.18 30.44 -15.38
CA ASP C 274 1.11 30.30 -14.28
C ASP C 274 0.37 29.77 -13.06
N ILE C 275 -0.87 30.22 -12.93
CA ILE C 275 -1.64 30.01 -11.72
C ILE C 275 -2.57 28.78 -11.76
N VAL C 276 -3.34 28.61 -12.84
CA VAL C 276 -4.25 27.46 -12.98
C VAL C 276 -3.47 26.13 -12.90
N ARG C 277 -2.47 25.98 -13.77
CA ARG C 277 -1.55 24.83 -13.72
C ARG C 277 -0.34 25.24 -12.87
N MET C 278 0.05 24.40 -11.93
CA MET C 278 1.03 24.79 -10.93
C MET C 278 1.87 23.61 -10.47
N GLU C 279 3.16 23.85 -10.27
CA GLU C 279 4.07 22.82 -9.73
C GLU C 279 3.35 21.85 -8.76
N PRO C 280 3.32 20.55 -9.08
CA PRO C 280 2.81 19.53 -8.14
C PRO C 280 3.14 19.72 -6.64
N GLY C 281 4.39 20.04 -6.30
CA GLY C 281 4.82 20.18 -4.90
C GLY C 281 4.08 21.29 -4.19
N LYS C 282 3.97 22.43 -4.88
CA LYS C 282 3.19 23.58 -4.47
C LYS C 282 1.74 23.24 -4.17
N ARG C 283 1.13 22.54 -5.12
CA ARG C 283 -0.28 22.18 -5.05
C ARG C 283 -0.47 21.25 -3.87
N LEU C 284 0.40 20.25 -3.79
CA LEU C 284 0.38 19.31 -2.69
C LEU C 284 0.69 19.99 -1.36
N ASN C 285 1.49 21.04 -1.37
CA ASN C 285 1.66 21.80 -0.16
C ASN C 285 0.37 22.50 0.22
N LEU C 286 -0.34 23.06 -0.76
CA LEU C 286 -1.65 23.61 -0.46
C LEU C 286 -2.64 22.55 0.02
N ILE C 287 -2.74 21.44 -0.71
CA ILE C 287 -3.64 20.38 -0.32
C ILE C 287 -3.39 20.01 1.14
N ARG C 288 -2.13 19.87 1.54
CA ARG C 288 -1.77 19.60 2.94
C ARG C 288 -2.24 20.74 3.86
N TYR C 289 -2.11 21.97 3.37
CA TYR C 289 -2.53 23.12 4.14
C TYR C 289 -4.02 22.98 4.42
N ILE C 290 -4.81 22.84 3.36
CA ILE C 290 -6.24 22.74 3.53
C ILE C 290 -6.53 21.61 4.51
N LEU C 291 -5.98 20.43 4.25
CA LEU C 291 -6.17 19.30 5.18
C LEU C 291 -5.95 19.64 6.69
N ARG C 292 -4.87 20.36 7.01
CA ARG C 292 -4.62 20.70 8.40
C ARG C 292 -5.75 21.53 8.98
N ARG C 293 -6.22 22.52 8.24
CA ARG C 293 -7.44 23.26 8.61
C ARG C 293 -8.58 22.29 9.01
N TYR C 294 -8.96 21.43 8.05
CA TYR C 294 -9.93 20.32 8.23
C TYR C 294 -9.76 19.45 9.50
N VAL C 295 -8.53 18.93 9.70
CA VAL C 295 -8.21 18.11 10.86
C VAL C 295 -8.52 18.87 12.15
N LYS C 296 -8.11 20.14 12.18
CA LYS C 296 -8.27 21.00 13.33
C LYS C 296 -9.76 21.35 13.57
N ALA C 297 -10.53 21.53 12.49
CA ALA C 297 -11.99 21.77 12.56
C ALA C 297 -12.85 20.53 12.91
N LEU C 298 -12.30 19.32 12.75
CA LEU C 298 -13.12 18.12 12.82
C LEU C 298 -12.72 17.05 13.85
N ARG C 299 -11.48 17.02 14.33
CA ARG C 299 -11.12 15.99 15.33
C ARG C 299 -12.12 16.04 16.48
N ASP C 300 -12.30 17.23 17.05
CA ASP C 300 -13.24 17.43 18.16
C ASP C 300 -14.64 16.81 17.99
N TYR C 301 -15.02 16.47 16.75
CA TYR C 301 -16.32 15.87 16.50
C TYR C 301 -16.15 14.39 16.17
N GLY C 302 -14.91 13.91 16.30
CA GLY C 302 -14.60 12.47 16.24
C GLY C 302 -14.07 11.95 14.91
N TRP C 303 -13.72 12.87 14.02
CA TRP C 303 -13.19 12.54 12.72
C TRP C 303 -11.66 12.37 12.81
N TYR C 304 -11.13 11.35 12.14
CA TYR C 304 -9.71 10.99 12.23
C TYR C 304 -9.14 10.91 10.85
N ILE C 305 -8.31 11.86 10.48
CA ILE C 305 -7.77 11.86 9.12
C ILE C 305 -6.26 11.73 9.12
N SER C 306 -5.76 10.64 8.54
CA SER C 306 -4.34 10.46 8.41
C SER C 306 -3.67 11.74 7.89
N PRO C 307 -2.57 12.13 8.53
CA PRO C 307 -1.91 13.29 7.97
C PRO C 307 -1.16 12.96 6.68
N GLU C 308 -1.01 11.69 6.35
CA GLU C 308 -0.15 11.32 5.24
C GLU C 308 -0.76 10.73 4.00
N GLU C 309 -0.28 11.22 2.86
CA GLU C 309 -0.70 10.78 1.54
C GLU C 309 -0.59 9.28 1.33
N GLU C 310 -1.39 8.74 0.43
CA GLU C 310 -1.25 7.35 0.10
C GLU C 310 -0.17 7.18 -0.98
N ARG C 311 0.32 5.96 -1.19
CA ARG C 311 1.43 5.72 -2.13
C ARG C 311 1.14 4.81 -3.30
N ALA C 312 1.61 5.20 -4.46
CA ALA C 312 1.52 4.33 -5.63
C ALA C 312 1.82 2.90 -5.21
N LYS C 313 1.00 1.91 -5.51
CA LYS C 313 1.47 0.55 -5.19
C LYS C 313 2.66 0.07 -6.03
N GLY C 314 3.05 0.79 -7.09
CA GLY C 314 4.10 0.32 -7.99
C GLY C 314 3.96 0.82 -9.42
N LYS C 315 4.66 0.17 -10.35
CA LYS C 315 4.57 0.42 -11.79
C LYS C 315 4.08 -0.86 -12.43
N LEU C 316 3.43 -0.79 -13.58
CA LEU C 316 3.08 -2.02 -14.26
C LEU C 316 3.81 -1.99 -15.56
N ASN C 317 4.29 -3.15 -15.97
CA ASN C 317 4.94 -3.30 -17.24
C ASN C 317 3.91 -3.85 -18.17
N PHE C 318 3.93 -3.34 -19.38
CA PHE C 318 3.07 -3.86 -20.38
C PHE C 318 3.93 -4.13 -21.62
N LYS C 319 3.32 -4.84 -22.57
CA LYS C 319 3.95 -5.15 -23.80
C LYS C 319 4.05 -3.83 -24.57
N ASP C 320 5.21 -3.17 -24.46
CA ASP C 320 5.42 -1.92 -25.16
C ASP C 320 6.25 -2.13 -26.40
N THR C 321 6.49 -3.39 -26.73
CA THR C 321 7.27 -3.72 -27.91
C THR C 321 6.46 -3.74 -29.22
N VAL C 322 7.01 -3.08 -30.25
CA VAL C 322 6.32 -2.63 -31.47
C VAL C 322 7.20 -2.78 -32.75
N LEU C 323 6.63 -3.28 -33.84
CA LEU C 323 7.44 -3.55 -35.06
C LEU C 323 6.80 -3.18 -36.39
N ASP C 324 7.67 -2.95 -37.38
CA ASP C 324 7.24 -2.60 -38.74
C ASP C 324 7.11 -3.80 -39.68
N ALA C 325 6.92 -3.47 -40.96
CA ALA C 325 6.77 -4.44 -42.04
C ALA C 325 8.03 -5.26 -42.33
N LYS C 326 9.16 -4.83 -41.80
CA LYS C 326 10.36 -5.63 -41.85
C LYS C 326 10.36 -6.52 -40.61
N GLY C 327 10.38 -5.91 -39.45
CA GLY C 327 10.41 -6.67 -38.21
C GLY C 327 11.31 -5.99 -37.22
N LYS C 328 11.41 -4.67 -37.36
CA LYS C 328 12.27 -3.83 -36.54
C LYS C 328 11.51 -3.47 -35.28
N ASN C 329 12.25 -3.35 -34.18
CA ASN C 329 11.73 -3.57 -32.86
C ASN C 329 11.90 -2.39 -31.94
N THR C 330 11.61 -2.62 -30.65
CA THR C 330 12.07 -1.81 -29.52
C THR C 330 13.59 -1.85 -29.45
N LYS C 331 14.19 -2.80 -30.16
CA LYS C 331 15.64 -2.84 -30.40
C LYS C 331 16.17 -1.55 -31.02
N VAL C 332 15.34 -0.89 -31.82
CA VAL C 332 15.64 0.48 -32.27
C VAL C 332 15.02 1.55 -31.34
N ILE C 333 13.86 1.21 -30.77
CA ILE C 333 13.02 2.15 -30.01
C ILE C 333 13.76 2.96 -28.91
N THR C 334 15.06 2.73 -28.75
CA THR C 334 15.91 3.61 -27.92
C THR C 334 16.06 4.99 -28.58
N ASN C 335 15.50 5.14 -29.78
CA ASN C 335 15.08 6.45 -30.29
C ASN C 335 13.72 6.33 -30.99
N LEU C 336 12.69 6.92 -30.37
CA LEU C 336 11.35 6.88 -30.95
C LEU C 336 11.34 7.58 -32.32
N ARG C 337 12.03 8.72 -32.41
CA ARG C 337 12.26 9.43 -33.66
C ARG C 337 13.10 8.58 -34.61
N LYS C 338 14.30 8.21 -34.15
CA LYS C 338 15.15 7.37 -34.97
C LYS C 338 14.40 6.12 -35.42
N PHE C 339 13.33 5.76 -34.74
CA PHE C 339 12.56 4.58 -35.14
C PHE C 339 11.63 4.84 -36.32
N LEU C 340 11.05 6.03 -36.36
CA LEU C 340 10.01 6.33 -37.31
C LEU C 340 10.64 6.72 -38.60
N GLU C 341 11.79 7.38 -38.53
CA GLU C 341 12.56 7.63 -39.75
C GLU C 341 12.79 6.30 -40.50
N LEU C 342 13.54 5.38 -39.88
CA LEU C 342 13.95 4.15 -40.54
C LEU C 342 12.77 3.23 -40.75
N CYS C 343 11.80 3.28 -39.84
CA CYS C 343 10.72 2.30 -39.87
C CYS C 343 10.05 2.20 -41.23
N ARG C 344 9.54 1.03 -41.55
CA ARG C 344 8.94 0.83 -42.83
C ARG C 344 7.53 0.28 -42.68
N PRO C 345 6.52 1.11 -42.97
CA PRO C 345 5.13 0.90 -42.61
C PRO C 345 4.44 -0.21 -43.37
N PHE C 346 3.41 -0.75 -42.75
CA PHE C 346 2.52 -1.67 -43.39
C PHE C 346 1.59 -0.99 -44.38
N VAL C 347 1.99 -1.05 -45.67
CA VAL C 347 1.33 -0.28 -46.75
C VAL C 347 0.21 -1.04 -47.37
N LYS C 348 -1.02 -0.57 -47.22
CA LYS C 348 -2.11 -1.17 -47.95
C LYS C 348 -2.78 -0.18 -48.93
N LYS C 349 -2.24 1.02 -49.04
CA LYS C 349 -2.68 1.92 -50.10
C LYS C 349 -1.55 2.72 -50.74
N ASP C 350 -0.93 2.11 -51.75
CA ASP C 350 0.20 2.63 -52.51
C ASP C 350 0.08 4.10 -52.91
N VAL C 351 -1.06 4.46 -53.52
CA VAL C 351 -1.33 5.84 -53.92
C VAL C 351 -2.37 6.48 -53.00
N LEU C 352 -2.08 7.69 -52.54
CA LEU C 352 -3.02 8.48 -51.74
C LEU C 352 -3.54 9.71 -52.48
N SER C 353 -4.84 10.00 -52.44
CA SER C 353 -5.25 11.31 -52.97
C SER C 353 -5.64 12.36 -51.89
N VAL C 354 -4.93 13.49 -51.95
CA VAL C 354 -4.92 14.50 -50.90
C VAL C 354 -5.51 15.83 -51.36
N GLU C 355 -6.23 16.48 -50.46
CA GLU C 355 -6.83 17.77 -50.77
C GLU C 355 -6.28 18.82 -49.80
N ILE C 356 -5.72 19.88 -50.37
CA ILE C 356 -4.97 20.82 -49.56
C ILE C 356 -5.71 22.12 -49.33
N ILE C 357 -5.88 22.43 -48.04
CA ILE C 357 -6.48 23.69 -47.62
C ILE C 357 -5.51 24.58 -46.87
N SER C 358 -5.19 25.73 -47.43
CA SER C 358 -4.43 26.69 -46.69
C SER C 358 -5.24 27.94 -46.36
N VAL C 359 -5.22 28.30 -45.08
CA VAL C 359 -5.88 29.50 -44.57
C VAL C 359 -4.82 30.48 -44.09
N SER C 360 -4.75 31.65 -44.70
CA SER C 360 -3.82 32.63 -44.20
C SER C 360 -4.27 34.10 -44.34
N VAL C 361 -3.48 35.01 -43.80
CA VAL C 361 -3.85 36.41 -43.84
C VAL C 361 -3.38 37.10 -45.09
N TYR C 362 -2.38 36.57 -45.78
CA TYR C 362 -1.78 37.31 -46.90
C TYR C 362 -1.50 36.42 -48.08
N LYS C 363 -0.90 36.92 -49.14
CA LYS C 363 -0.95 36.14 -50.38
C LYS C 363 0.29 35.39 -50.87
N LYS C 364 1.46 35.99 -50.69
CA LYS C 364 2.65 35.30 -51.18
C LYS C 364 3.47 34.83 -49.98
N LEU C 365 2.89 34.04 -49.09
CA LEU C 365 3.69 33.52 -48.00
C LEU C 365 3.22 32.12 -47.68
N GLU C 366 3.34 31.24 -48.67
CA GLU C 366 3.07 29.83 -48.48
C GLU C 366 4.33 29.04 -48.24
N TRP C 367 5.50 29.68 -48.37
CA TRP C 367 6.76 28.96 -48.30
C TRP C 367 6.91 28.00 -47.15
N ARG C 368 6.66 28.41 -45.92
CA ARG C 368 6.91 27.45 -44.84
C ARG C 368 6.05 26.20 -45.08
N LYS C 369 4.89 26.41 -45.67
CA LYS C 369 3.94 25.36 -45.86
C LYS C 369 4.24 24.63 -47.17
N GLU C 370 4.78 25.34 -48.14
CA GLU C 370 5.19 24.65 -49.34
C GLU C 370 6.37 23.73 -49.04
N GLU C 371 7.39 24.27 -48.36
CA GLU C 371 8.54 23.46 -47.96
C GLU C 371 8.15 22.22 -47.16
N PHE C 372 7.45 22.40 -46.05
CA PHE C 372 6.93 21.24 -45.32
C PHE C 372 6.27 20.21 -46.25
N LEU C 373 5.11 20.55 -46.78
CA LEU C 373 4.42 19.71 -47.72
C LEU C 373 5.40 18.99 -48.64
N LYS C 374 6.32 19.73 -49.26
CA LYS C 374 7.39 19.12 -50.05
C LYS C 374 8.15 18.05 -49.30
N GLU C 375 8.87 18.42 -48.23
CA GLU C 375 9.80 17.50 -47.57
C GLU C 375 9.11 16.24 -46.99
N LEU C 376 7.83 16.11 -47.32
CA LEU C 376 6.96 15.19 -46.65
C LEU C 376 6.32 14.27 -47.66
N ILE C 377 5.97 14.81 -48.82
CA ILE C 377 5.77 14.00 -49.99
C ILE C 377 7.00 13.11 -50.11
N ASN C 378 8.17 13.75 -50.01
CA ASN C 378 9.47 13.11 -50.06
C ASN C 378 9.51 11.85 -49.19
N PHE C 379 9.51 12.09 -47.89
CA PHE C 379 9.52 11.08 -46.87
C PHE C 379 8.50 9.93 -47.11
N LEU C 380 7.24 10.29 -47.36
CA LEU C 380 6.19 9.31 -47.65
C LEU C 380 6.46 8.45 -48.90
N LYS C 381 7.17 9.02 -49.87
CA LYS C 381 7.54 8.33 -51.08
C LYS C 381 8.61 7.31 -50.77
N ASN C 382 9.63 7.73 -50.04
CA ASN C 382 10.62 6.80 -49.53
C ASN C 382 10.03 5.73 -48.66
N LYS C 383 8.73 5.71 -48.52
CA LYS C 383 8.14 4.61 -47.81
C LYS C 383 7.05 3.95 -48.62
N GLY C 384 7.08 4.21 -49.93
CA GLY C 384 6.22 3.52 -50.88
C GLY C 384 4.88 4.19 -51.05
N ILE C 385 4.82 5.47 -50.69
CA ILE C 385 3.56 6.18 -50.80
C ILE C 385 3.66 7.51 -51.52
N LYS C 386 2.89 7.61 -52.60
CA LYS C 386 2.76 8.82 -53.38
C LYS C 386 1.48 9.51 -52.95
N LEU C 387 1.59 10.78 -52.58
CA LEU C 387 0.40 11.62 -52.48
C LEU C 387 0.16 12.29 -53.80
N LYS C 388 -0.95 11.98 -54.46
CA LYS C 388 -1.43 12.80 -55.54
C LYS C 388 -2.23 13.94 -54.92
N ILE C 389 -1.81 15.17 -55.19
CA ILE C 389 -2.59 16.32 -54.77
C ILE C 389 -3.70 16.45 -55.77
N LYS C 390 -4.92 16.19 -55.32
CA LYS C 390 -6.11 16.38 -56.10
C LYS C 390 -6.42 17.86 -56.32
N GLY C 391 -5.89 18.77 -55.48
CA GLY C 391 -6.17 20.21 -55.58
C GLY C 391 -5.92 20.99 -54.31
N LYS C 392 -5.46 22.24 -54.43
CA LYS C 392 -5.26 23.19 -53.28
C LYS C 392 -6.44 24.18 -53.22
N SER C 393 -6.63 24.85 -52.09
CA SER C 393 -7.53 26.00 -51.98
C SER C 393 -6.90 26.90 -51.00
N LEU C 394 -6.51 28.08 -51.45
CA LEU C 394 -5.97 29.10 -50.56
C LEU C 394 -7.07 30.11 -50.10
N ILE C 395 -7.52 30.02 -48.86
CA ILE C 395 -8.47 30.98 -48.34
C ILE C 395 -7.74 32.13 -47.65
N LEU C 396 -7.98 33.37 -48.10
CA LEU C 396 -7.53 34.59 -47.36
C LEU C 396 -8.58 35.05 -46.35
N ALA C 397 -8.20 35.39 -45.14
CA ALA C 397 -9.20 35.65 -44.07
C ALA C 397 -8.60 36.37 -42.87
N GLN C 398 -9.36 37.24 -42.21
CA GLN C 398 -8.72 38.13 -41.20
C GLN C 398 -9.06 37.98 -39.71
N THR C 399 -10.14 37.24 -39.45
CA THR C 399 -10.61 36.91 -38.11
C THR C 399 -10.71 35.40 -38.14
N ARG C 400 -10.92 34.72 -37.01
CA ARG C 400 -11.34 33.28 -37.05
C ARG C 400 -12.72 33.18 -37.67
N GLU C 401 -13.54 34.18 -37.37
CA GLU C 401 -14.89 34.29 -37.87
C GLU C 401 -14.92 34.32 -39.39
N GLU C 402 -14.12 35.19 -40.02
CA GLU C 402 -14.11 35.28 -41.49
C GLU C 402 -13.70 33.95 -42.12
N ALA C 403 -12.65 33.35 -41.54
CA ALA C 403 -12.08 32.09 -41.96
C ALA C 403 -13.15 31.03 -41.93
N LYS C 404 -13.71 30.78 -40.73
CA LYS C 404 -14.75 29.77 -40.51
C LYS C 404 -15.73 29.85 -41.66
N GLU C 405 -16.22 31.07 -41.88
CA GLU C 405 -17.21 31.35 -42.89
C GLU C 405 -16.80 30.89 -44.29
N LYS C 406 -15.56 31.19 -44.69
CA LYS C 406 -15.13 30.80 -46.03
C LYS C 406 -14.77 29.30 -46.06
N LEU C 407 -14.24 28.79 -44.96
CA LEU C 407 -13.92 27.41 -44.89
C LEU C 407 -15.12 26.52 -45.23
N ILE C 408 -16.34 26.97 -44.90
CA ILE C 408 -17.59 26.19 -45.08
C ILE C 408 -17.87 25.70 -46.53
N PRO C 409 -18.05 26.63 -47.49
CA PRO C 409 -18.31 26.09 -48.81
C PRO C 409 -17.13 25.25 -49.32
N VAL C 410 -15.91 25.62 -48.94
CA VAL C 410 -14.72 24.83 -49.32
C VAL C 410 -14.81 23.37 -48.81
N ILE C 411 -14.89 23.16 -47.50
CA ILE C 411 -14.95 21.81 -46.92
C ILE C 411 -16.15 21.07 -47.47
N ASN C 412 -17.27 21.77 -47.49
CA ASN C 412 -18.49 21.28 -48.10
C ASN C 412 -18.24 20.47 -49.36
N LYS C 413 -17.46 20.99 -50.30
CA LYS C 413 -17.38 20.41 -51.63
C LYS C 413 -16.43 19.21 -51.78
N ILE C 414 -15.59 19.00 -50.78
CA ILE C 414 -14.61 17.93 -50.83
C ILE C 414 -15.24 16.52 -50.86
N LYS C 415 -15.16 15.87 -52.01
CA LYS C 415 -15.64 14.51 -52.15
C LYS C 415 -14.44 13.64 -52.38
N ASP C 416 -14.59 12.35 -52.12
CA ASP C 416 -13.63 11.34 -52.58
C ASP C 416 -12.16 11.71 -52.39
N VAL C 417 -11.71 11.77 -51.14
CA VAL C 417 -10.28 11.87 -50.95
C VAL C 417 -9.87 10.98 -49.85
N ASP C 418 -8.62 10.56 -49.90
CA ASP C 418 -8.06 9.82 -48.79
C ASP C 418 -7.61 10.73 -47.67
N LEU C 419 -7.43 12.02 -47.94
CA LEU C 419 -6.92 12.94 -46.93
C LEU C 419 -7.18 14.41 -47.25
N VAL C 420 -7.32 15.22 -46.19
CA VAL C 420 -7.39 16.67 -46.33
C VAL C 420 -6.28 17.24 -45.47
N ILE C 421 -5.45 18.09 -46.05
CA ILE C 421 -4.49 18.79 -45.19
C ILE C 421 -4.84 20.27 -45.10
N VAL C 422 -4.80 20.80 -43.87
CA VAL C 422 -5.23 22.15 -43.63
C VAL C 422 -4.14 22.87 -42.92
N PHE C 423 -3.65 23.93 -43.53
CA PHE C 423 -2.70 24.80 -42.88
C PHE C 423 -3.50 26.01 -42.41
N LEU C 424 -3.52 26.20 -41.10
CA LEU C 424 -4.33 27.23 -40.52
C LEU C 424 -3.44 28.27 -39.96
N GLU C 425 -3.70 29.52 -40.31
CA GLU C 425 -3.01 30.54 -39.59
C GLU C 425 -3.70 30.86 -38.30
N GLU C 426 -2.98 31.60 -37.48
CA GLU C 426 -3.39 31.82 -36.11
C GLU C 426 -4.13 33.13 -36.04
N TYR C 427 -5.34 33.10 -35.48
CA TYR C 427 -6.10 34.32 -35.32
C TYR C 427 -6.21 34.68 -33.82
N PRO C 428 -5.57 35.78 -33.42
CA PRO C 428 -5.08 35.86 -32.04
C PRO C 428 -6.22 35.96 -31.03
N LYS C 429 -7.23 36.74 -31.40
CA LYS C 429 -8.28 37.14 -30.51
C LYS C 429 -9.61 36.66 -31.07
N VAL C 430 -10.70 37.20 -30.51
CA VAL C 430 -12.09 37.05 -30.99
C VAL C 430 -13.10 37.36 -29.86
N ASP C 431 -14.34 37.70 -30.22
CA ASP C 431 -15.42 37.89 -29.22
C ASP C 431 -15.40 36.79 -28.14
N PRO C 432 -15.33 37.20 -26.86
CA PRO C 432 -15.13 36.24 -25.77
C PRO C 432 -16.29 35.25 -25.62
N TYR C 433 -17.44 35.54 -26.24
CA TYR C 433 -18.55 34.60 -26.28
C TYR C 433 -18.53 33.74 -27.55
N LYS C 434 -18.39 34.42 -28.71
CA LYS C 434 -18.32 33.75 -30.03
C LYS C 434 -17.14 32.78 -30.20
N SER C 435 -16.52 32.41 -29.06
CA SER C 435 -15.31 31.59 -28.99
C SER C 435 -15.42 30.16 -29.57
N PHE C 436 -15.27 30.07 -30.90
CA PHE C 436 -14.94 28.82 -31.61
C PHE C 436 -13.43 28.55 -31.44
N LEU C 437 -13.00 27.30 -31.58
CA LEU C 437 -11.60 27.05 -31.88
C LEU C 437 -11.49 26.68 -33.37
N LEU C 438 -10.63 27.38 -34.11
CA LEU C 438 -10.56 27.19 -35.54
C LEU C 438 -10.20 25.75 -35.91
N TYR C 439 -9.18 25.22 -35.26
CA TYR C 439 -8.72 23.85 -35.47
C TYR C 439 -9.88 22.91 -35.17
N ASP C 440 -10.52 23.09 -34.02
CA ASP C 440 -11.76 22.39 -33.70
C ASP C 440 -12.82 22.43 -34.79
N PHE C 441 -13.23 23.62 -35.20
CA PHE C 441 -14.21 23.75 -36.24
C PHE C 441 -13.87 22.85 -37.46
N VAL C 442 -12.65 23.03 -37.99
CA VAL C 442 -12.15 22.29 -39.17
C VAL C 442 -12.15 20.80 -38.87
N LYS C 443 -11.76 20.49 -37.65
CA LYS C 443 -11.72 19.12 -37.17
C LYS C 443 -13.15 18.56 -37.15
N ARG C 444 -14.08 19.32 -36.57
CA ARG C 444 -15.48 18.91 -36.56
C ARG C 444 -16.01 18.66 -37.97
N GLU C 445 -15.95 19.68 -38.84
CA GLU C 445 -16.55 19.57 -40.18
C GLU C 445 -16.13 18.32 -40.93
N LEU C 446 -14.87 17.92 -40.78
CA LEU C 446 -14.29 16.86 -41.61
C LEU C 446 -14.59 15.50 -41.02
N LEU C 447 -14.47 15.36 -39.72
CA LEU C 447 -14.91 14.16 -39.08
C LEU C 447 -16.34 13.83 -39.49
N LYS C 448 -17.23 14.83 -39.39
CA LYS C 448 -18.61 14.68 -39.90
C LYS C 448 -18.63 13.98 -41.25
N LYS C 449 -17.68 14.31 -42.10
CA LYS C 449 -17.57 13.75 -43.43
C LYS C 449 -16.89 12.38 -43.50
N MET C 450 -16.32 11.91 -42.39
CA MET C 450 -15.64 10.61 -42.40
C MET C 450 -14.31 10.63 -43.18
N ILE C 451 -13.80 11.82 -43.47
CA ILE C 451 -12.56 11.99 -44.21
C ILE C 451 -11.42 12.24 -43.22
N PRO C 452 -10.37 11.41 -43.28
CA PRO C 452 -9.23 11.64 -42.36
C PRO C 452 -8.71 13.04 -42.61
N SER C 453 -8.22 13.74 -41.59
CA SER C 453 -7.61 15.03 -41.84
C SER C 453 -6.34 15.27 -41.01
N GLN C 454 -5.42 16.07 -41.52
CA GLN C 454 -4.33 16.52 -40.73
C GLN C 454 -4.32 18.04 -40.79
N VAL C 455 -4.47 18.64 -39.62
CA VAL C 455 -4.59 20.06 -39.48
C VAL C 455 -3.27 20.61 -38.92
N ILE C 456 -2.66 21.54 -39.65
CA ILE C 456 -1.37 22.02 -39.24
C ILE C 456 -1.44 23.52 -38.95
N LEU C 457 -1.21 23.83 -37.69
CA LEU C 457 -1.18 25.19 -37.24
C LEU C 457 0.07 25.89 -37.73
N ASN C 458 -0.11 27.08 -38.30
CA ASN C 458 1.02 27.88 -38.68
C ASN C 458 1.97 28.23 -37.53
N ARG C 459 1.45 28.38 -36.31
CA ARG C 459 2.35 28.49 -35.16
C ARG C 459 3.38 27.39 -35.22
N THR C 460 2.94 26.13 -35.48
CA THR C 460 3.84 25.01 -35.38
C THR C 460 5.00 25.15 -36.34
N LEU C 461 4.71 25.52 -37.59
CA LEU C 461 5.77 25.79 -38.54
C LEU C 461 6.71 26.90 -38.06
N LYS C 462 6.21 27.79 -37.22
CA LYS C 462 7.02 28.94 -36.87
C LYS C 462 7.89 28.72 -35.65
N ASN C 463 7.40 27.92 -34.72
CA ASN C 463 8.09 27.65 -33.46
C ASN C 463 8.98 26.42 -33.47
N GLU C 464 8.59 25.44 -34.28
CA GLU C 464 9.08 24.09 -34.18
C GLU C 464 9.90 23.68 -35.38
N ASN C 465 10.85 22.80 -35.10
CA ASN C 465 11.88 22.42 -36.06
C ASN C 465 11.29 21.54 -37.12
N LEU C 466 11.61 21.82 -38.37
CA LEU C 466 11.00 21.08 -39.47
C LEU C 466 10.90 19.55 -39.29
N LYS C 467 11.96 18.91 -38.79
CA LYS C 467 12.03 17.45 -38.67
C LYS C 467 11.16 16.91 -37.57
N PHE C 468 11.13 17.64 -36.47
CA PHE C 468 10.22 17.33 -35.39
C PHE C 468 8.81 17.31 -35.94
N VAL C 469 8.40 18.41 -36.56
CA VAL C 469 7.05 18.50 -37.09
C VAL C 469 6.80 17.48 -38.18
N LEU C 470 7.81 17.26 -39.01
CA LEU C 470 7.74 16.23 -40.03
C LEU C 470 7.38 14.88 -39.46
N LEU C 471 8.08 14.47 -38.41
CA LEU C 471 7.85 13.17 -37.85
C LEU C 471 6.45 13.04 -37.26
N ASN C 472 6.14 13.81 -36.21
CA ASN C 472 4.81 13.83 -35.58
C ASN C 472 3.66 13.55 -36.56
N VAL C 473 3.69 14.25 -37.70
CA VAL C 473 2.60 14.31 -38.66
C VAL C 473 2.62 13.05 -39.48
N ALA C 474 3.82 12.69 -39.93
CA ALA C 474 4.00 11.51 -40.75
C ALA C 474 3.46 10.29 -40.01
N GLU C 475 3.69 10.21 -38.69
CA GLU C 475 3.25 9.03 -37.95
C GLU C 475 1.73 8.84 -38.00
N GLN C 476 1.02 9.95 -37.87
CA GLN C 476 -0.44 9.95 -37.88
C GLN C 476 -0.99 9.82 -39.24
N VAL C 477 -0.43 10.61 -40.14
CA VAL C 477 -0.91 10.61 -41.52
C VAL C 477 -0.91 9.19 -42.04
N LEU C 478 0.12 8.43 -41.71
CA LEU C 478 0.21 7.02 -42.11
C LEU C 478 -0.90 6.14 -41.51
N ALA C 479 -1.02 6.19 -40.19
CA ALA C 479 -2.09 5.52 -39.47
C ALA C 479 -3.44 5.84 -40.09
N LYS C 480 -3.86 7.09 -39.98
CA LYS C 480 -5.04 7.64 -40.65
C LYS C 480 -5.35 7.01 -42.01
N THR C 481 -4.34 6.84 -42.84
CA THR C 481 -4.61 6.39 -44.17
C THR C 481 -4.67 4.86 -44.33
N GLY C 482 -4.32 4.14 -43.28
CA GLY C 482 -4.41 2.69 -43.25
C GLY C 482 -3.06 2.08 -43.53
N ASN C 483 -2.01 2.77 -43.12
CA ASN C 483 -0.70 2.26 -43.40
C ASN C 483 0.08 2.09 -42.12
N ILE C 484 -0.62 2.12 -41.00
CA ILE C 484 -0.11 1.55 -39.76
C ILE C 484 1.41 1.34 -39.89
N PRO C 485 2.20 2.33 -39.44
CA PRO C 485 3.65 2.42 -39.57
C PRO C 485 4.36 1.46 -38.62
N TYR C 486 3.55 0.66 -37.91
CA TYR C 486 3.99 -0.39 -37.01
C TYR C 486 2.79 -1.04 -36.35
N LYS C 487 2.98 -2.32 -35.97
CA LYS C 487 1.99 -3.12 -35.26
C LYS C 487 2.56 -3.46 -33.89
N LEU C 488 1.71 -3.90 -32.97
CA LEU C 488 2.21 -4.48 -31.72
C LEU C 488 2.64 -5.97 -31.89
N LYS C 489 3.73 -6.34 -31.21
CA LYS C 489 4.16 -7.71 -31.14
C LYS C 489 3.07 -8.51 -30.46
N GLU C 490 2.63 -7.99 -29.31
CA GLU C 490 1.75 -8.68 -28.38
C GLU C 490 1.17 -7.77 -27.31
N ILE C 491 0.01 -8.16 -26.80
CA ILE C 491 -0.59 -7.58 -25.64
C ILE C 491 -0.77 -8.75 -24.67
N GLU C 492 -0.47 -8.54 -23.40
CA GLU C 492 -0.68 -9.54 -22.38
C GLU C 492 -2.09 -10.08 -22.24
N GLY C 493 -2.15 -11.38 -21.97
CA GLY C 493 -3.40 -12.13 -21.89
C GLY C 493 -3.61 -12.92 -23.17
N LYS C 494 -4.73 -13.62 -23.24
CA LYS C 494 -5.05 -14.25 -24.49
C LYS C 494 -6.41 -13.77 -24.96
N VAL C 495 -6.53 -12.46 -24.98
CA VAL C 495 -7.69 -11.83 -25.54
C VAL C 495 -7.69 -12.06 -27.03
N ASP C 496 -8.89 -12.17 -27.59
CA ASP C 496 -9.06 -12.36 -29.04
C ASP C 496 -9.67 -11.17 -29.73
N ALA C 497 -10.36 -10.32 -28.97
CA ALA C 497 -10.88 -9.02 -29.42
C ALA C 497 -10.89 -7.95 -28.33
N PHE C 498 -10.73 -6.69 -28.73
CA PHE C 498 -10.81 -5.57 -27.80
C PHE C 498 -11.84 -4.65 -28.37
N VAL C 499 -12.89 -4.44 -27.60
CA VAL C 499 -14.02 -3.67 -28.04
C VAL C 499 -14.24 -2.35 -27.30
N GLY C 500 -14.06 -1.24 -28.01
CA GLY C 500 -14.43 0.05 -27.47
C GLY C 500 -15.90 0.31 -27.66
N ILE C 501 -16.56 0.81 -26.62
CA ILE C 501 -17.99 1.08 -26.69
C ILE C 501 -18.29 2.52 -26.29
N ASP C 502 -18.92 3.28 -27.18
CA ASP C 502 -19.42 4.59 -26.80
C ASP C 502 -20.80 4.90 -27.29
N ILE C 503 -21.60 5.54 -26.43
CA ILE C 503 -22.99 5.90 -26.75
C ILE C 503 -23.38 7.26 -26.17
N SER C 504 -23.94 8.14 -27.00
CA SER C 504 -24.54 9.38 -26.51
C SER C 504 -25.99 9.44 -26.93
N ARG C 505 -26.82 10.15 -26.18
CA ARG C 505 -28.24 10.24 -26.52
C ARG C 505 -28.82 11.64 -26.29
N ILE C 506 -29.42 12.24 -27.31
CA ILE C 506 -30.21 13.45 -27.09
C ILE C 506 -31.44 13.14 -26.21
N THR C 507 -31.95 14.15 -25.51
CA THR C 507 -33.05 13.95 -24.56
C THR C 507 -34.10 15.09 -24.57
N ARG C 508 -35.37 14.73 -24.41
CA ARG C 508 -36.48 15.68 -24.27
C ARG C 508 -37.35 15.22 -23.08
N ASP C 509 -38.05 16.18 -22.46
CA ASP C 509 -38.81 15.97 -21.20
C ASP C 509 -37.92 15.26 -20.20
N GLY C 510 -37.86 13.93 -20.32
CA GLY C 510 -36.91 13.08 -19.58
C GLY C 510 -36.80 11.71 -20.25
N LYS C 511 -36.76 11.72 -21.58
CA LYS C 511 -36.84 10.50 -22.42
C LYS C 511 -35.74 10.44 -23.53
N THR C 512 -35.14 9.26 -23.73
CA THR C 512 -34.17 9.04 -24.82
C THR C 512 -34.82 9.22 -26.20
N VAL C 513 -34.36 10.22 -26.96
CA VAL C 513 -34.96 10.52 -28.29
C VAL C 513 -34.09 10.03 -29.49
N ASN C 514 -33.02 10.76 -29.81
CA ASN C 514 -32.04 10.37 -30.82
C ASN C 514 -30.99 9.61 -30.00
N ALA C 515 -30.09 8.88 -30.65
CA ALA C 515 -28.93 8.26 -29.99
C ALA C 515 -27.93 7.81 -31.03
N VAL C 516 -26.63 8.10 -30.80
CA VAL C 516 -25.54 7.65 -31.69
C VAL C 516 -24.54 6.75 -30.93
N ALA C 517 -24.27 5.57 -31.51
CA ALA C 517 -23.36 4.56 -30.93
C ALA C 517 -22.13 4.44 -31.78
N PHE C 518 -21.01 4.14 -31.13
CA PHE C 518 -19.76 4.07 -31.83
C PHE C 518 -18.89 3.03 -31.22
N THR C 519 -18.61 2.00 -32.00
CA THR C 519 -17.99 0.80 -31.49
C THR C 519 -16.76 0.53 -32.34
N LYS C 520 -15.65 0.10 -31.76
CA LYS C 520 -14.47 -0.16 -32.59
C LYS C 520 -13.80 -1.41 -32.12
N ILE C 521 -13.70 -2.38 -33.02
CA ILE C 521 -13.19 -3.73 -32.72
C ILE C 521 -11.74 -3.91 -33.20
N PHE C 522 -10.88 -4.32 -32.28
CA PHE C 522 -9.47 -4.57 -32.54
C PHE C 522 -9.13 -6.03 -32.33
N ASN C 523 -8.20 -6.54 -33.15
CA ASN C 523 -7.69 -7.91 -32.99
C ASN C 523 -6.77 -8.09 -31.75
N SER C 524 -6.29 -9.30 -31.54
CA SER C 524 -5.55 -9.64 -30.34
C SER C 524 -4.21 -8.94 -30.29
N LYS C 525 -3.72 -8.51 -31.46
CA LYS C 525 -2.51 -7.73 -31.56
C LYS C 525 -2.89 -6.26 -31.45
N GLY C 526 -4.17 -5.97 -31.55
CA GLY C 526 -4.64 -4.59 -31.53
C GLY C 526 -4.53 -3.78 -32.83
N GLU C 527 -4.50 -4.48 -33.98
CA GLU C 527 -4.82 -3.88 -35.26
C GLU C 527 -6.32 -3.72 -35.16
N LEU C 528 -6.84 -2.68 -35.80
CA LEU C 528 -8.29 -2.43 -35.88
C LEU C 528 -8.85 -3.27 -37.00
N VAL C 529 -10.02 -3.87 -36.75
CA VAL C 529 -10.60 -4.84 -37.65
C VAL C 529 -11.74 -4.17 -38.38
N ARG C 530 -12.61 -3.49 -37.65
CA ARG C 530 -13.67 -2.70 -38.28
C ARG C 530 -14.18 -1.74 -37.22
N TYR C 531 -14.80 -0.63 -37.64
CA TYR C 531 -15.52 0.26 -36.72
C TYR C 531 -16.97 0.21 -37.15
N TYR C 532 -17.88 0.64 -36.28
CA TYR C 532 -19.27 0.81 -36.70
C TYR C 532 -19.81 2.07 -36.11
N LEU C 533 -20.23 2.94 -37.01
CA LEU C 533 -20.80 4.19 -36.62
C LEU C 533 -22.29 4.13 -36.85
N THR C 534 -23.07 3.79 -35.80
CA THR C 534 -24.54 3.61 -35.91
C THR C 534 -25.40 4.54 -35.04
N SER C 535 -26.54 4.97 -35.58
CA SER C 535 -27.50 5.76 -34.81
C SER C 535 -28.82 5.00 -34.58
N TYR C 536 -29.46 5.26 -33.43
CA TYR C 536 -30.78 4.68 -33.16
C TYR C 536 -31.84 5.75 -32.98
N PRO C 537 -33.10 5.42 -33.34
CA PRO C 537 -34.19 6.31 -32.98
C PRO C 537 -34.75 5.83 -31.64
N ALA C 538 -35.88 6.40 -31.21
CA ALA C 538 -36.42 6.15 -29.89
C ALA C 538 -36.74 4.68 -29.57
N PHE C 539 -36.12 4.18 -28.50
CA PHE C 539 -36.52 2.95 -27.83
C PHE C 539 -36.52 3.32 -26.38
N GLY C 540 -37.63 3.02 -25.71
CA GLY C 540 -37.80 3.36 -24.30
C GLY C 540 -36.84 2.53 -23.50
N GLU C 541 -37.37 1.48 -22.88
CA GLU C 541 -36.53 0.63 -22.03
C GLU C 541 -35.69 -0.34 -22.85
N LYS C 542 -35.86 -0.33 -24.16
CA LYS C 542 -35.23 -1.36 -24.95
C LYS C 542 -33.92 -0.89 -25.57
N LEU C 543 -33.57 0.38 -25.48
CA LEU C 543 -32.35 0.81 -26.18
C LEU C 543 -31.13 0.00 -25.82
N THR C 544 -30.96 -0.25 -24.53
CA THR C 544 -29.73 -0.80 -24.02
C THR C 544 -29.55 -2.19 -24.57
N GLU C 545 -30.55 -3.03 -24.36
CA GLU C 545 -30.56 -4.38 -24.92
C GLU C 545 -30.21 -4.28 -26.39
N LYS C 546 -30.93 -3.43 -27.10
CA LYS C 546 -30.82 -3.42 -28.53
C LYS C 546 -29.36 -3.22 -28.91
N ALA C 547 -28.88 -2.02 -28.65
CA ALA C 547 -27.52 -1.65 -28.97
C ALA C 547 -26.44 -2.59 -28.45
N ILE C 548 -26.65 -3.19 -27.29
CA ILE C 548 -25.60 -4.05 -26.81
C ILE C 548 -25.51 -5.31 -27.70
N GLY C 549 -26.64 -5.97 -27.88
CA GLY C 549 -26.79 -7.07 -28.83
C GLY C 549 -26.23 -6.81 -30.21
N ASP C 550 -26.55 -5.65 -30.78
CA ASP C 550 -25.96 -5.24 -32.06
C ASP C 550 -24.45 -5.39 -32.14
N VAL C 551 -23.76 -5.18 -31.02
CA VAL C 551 -22.33 -5.28 -31.00
C VAL C 551 -21.95 -6.75 -31.05
N PHE C 552 -22.72 -7.59 -30.35
CA PHE C 552 -22.47 -9.03 -30.31
C PHE C 552 -22.64 -9.71 -31.65
N SER C 553 -23.75 -9.43 -32.33
CA SER C 553 -23.98 -10.01 -33.65
C SER C 553 -22.88 -9.59 -34.61
N LEU C 554 -22.61 -8.30 -34.69
CA LEU C 554 -21.44 -7.82 -35.41
C LEU C 554 -20.15 -8.59 -35.14
N LEU C 555 -19.95 -9.03 -33.90
CA LEU C 555 -18.77 -9.82 -33.57
C LEU C 555 -18.84 -11.17 -34.26
N GLU C 556 -19.99 -11.83 -34.16
CA GLU C 556 -20.22 -13.08 -34.90
C GLU C 556 -20.10 -12.90 -36.41
N LYS C 557 -20.47 -11.72 -36.93
CA LYS C 557 -20.44 -11.42 -38.36
C LYS C 557 -19.02 -11.29 -38.86
N LEU C 558 -18.11 -10.98 -37.94
CA LEU C 558 -16.70 -11.00 -38.26
C LEU C 558 -16.24 -12.39 -37.89
N GLY C 559 -17.21 -13.16 -37.40
CA GLY C 559 -17.02 -14.53 -36.96
C GLY C 559 -15.88 -14.71 -35.99
N PHE C 560 -15.97 -14.15 -34.80
CA PHE C 560 -15.03 -14.51 -33.77
C PHE C 560 -15.58 -15.79 -33.18
N LYS C 561 -14.80 -16.86 -33.21
CA LYS C 561 -15.32 -18.19 -32.81
C LYS C 561 -15.75 -18.27 -31.33
N LYS C 562 -16.78 -19.05 -31.05
CA LYS C 562 -17.26 -19.26 -29.69
C LYS C 562 -16.08 -19.63 -28.77
N GLY C 563 -16.19 -19.30 -27.49
CA GLY C 563 -15.10 -19.44 -26.53
C GLY C 563 -13.97 -18.44 -26.72
N SER C 564 -14.14 -17.47 -27.62
CA SER C 564 -13.12 -16.42 -27.80
C SER C 564 -13.24 -15.40 -26.66
N LYS C 565 -12.13 -14.92 -26.13
CA LYS C 565 -12.22 -13.97 -25.03
C LYS C 565 -12.46 -12.62 -25.67
N ILE C 566 -13.36 -11.85 -25.09
CA ILE C 566 -13.58 -10.53 -25.60
C ILE C 566 -13.57 -9.50 -24.46
N VAL C 567 -12.67 -8.53 -24.54
CA VAL C 567 -12.63 -7.42 -23.57
C VAL C 567 -13.41 -6.19 -24.03
N VAL C 568 -14.20 -5.61 -23.14
CA VAL C 568 -14.92 -4.38 -23.48
C VAL C 568 -14.49 -3.11 -22.69
N HIS C 569 -14.16 -2.03 -23.40
CA HIS C 569 -13.85 -0.78 -22.71
C HIS C 569 -14.91 0.26 -22.99
N ARG C 570 -15.36 0.95 -21.92
CA ARG C 570 -16.22 2.11 -22.09
C ARG C 570 -15.64 3.27 -21.37
N ASP C 571 -15.66 4.42 -22.05
CA ASP C 571 -15.33 5.73 -21.50
C ASP C 571 -16.49 6.27 -20.63
N GLY C 572 -16.90 5.54 -19.60
CA GLY C 572 -17.89 6.08 -18.71
C GLY C 572 -18.59 5.03 -17.89
N ARG C 573 -19.10 5.47 -16.76
CA ARG C 573 -19.86 4.61 -15.86
C ARG C 573 -20.82 3.72 -16.64
N LEU C 574 -20.62 2.40 -16.63
CA LEU C 574 -21.65 1.46 -17.11
C LEU C 574 -22.61 1.24 -15.98
N TYR C 575 -23.90 1.19 -16.28
CA TYR C 575 -24.89 0.97 -15.22
C TYR C 575 -25.31 -0.50 -15.13
N ARG C 576 -26.10 -0.82 -14.11
CA ARG C 576 -26.49 -2.20 -13.82
C ARG C 576 -27.21 -2.89 -14.99
N ASP C 577 -28.21 -2.20 -15.54
CA ASP C 577 -28.97 -2.70 -16.66
C ASP C 577 -28.10 -3.08 -17.87
N GLU C 578 -26.93 -2.48 -17.96
CA GLU C 578 -25.99 -2.76 -19.06
C GLU C 578 -25.16 -4.01 -18.79
N VAL C 579 -24.76 -4.17 -17.53
CA VAL C 579 -23.94 -5.30 -17.13
C VAL C 579 -24.74 -6.55 -17.35
N ALA C 580 -26.02 -6.47 -17.00
CA ALA C 580 -26.90 -7.62 -17.07
C ALA C 580 -27.11 -7.90 -18.55
N ALA C 581 -27.00 -6.85 -19.36
CA ALA C 581 -27.13 -6.92 -20.80
C ALA C 581 -25.95 -7.68 -21.39
N PHE C 582 -24.75 -7.33 -20.96
CA PHE C 582 -23.53 -8.01 -21.43
C PHE C 582 -23.43 -9.43 -20.95
N LYS C 583 -24.05 -9.70 -19.80
CA LYS C 583 -24.10 -11.05 -19.24
C LYS C 583 -24.96 -11.95 -20.13
N LYS C 584 -26.11 -11.41 -20.52
CA LYS C 584 -27.06 -12.15 -21.37
C LYS C 584 -26.38 -12.67 -22.63
N TYR C 585 -25.81 -11.75 -23.39
CA TYR C 585 -25.27 -12.04 -24.71
C TYR C 585 -23.91 -12.72 -24.57
N GLY C 586 -23.26 -12.42 -23.45
CA GLY C 586 -22.09 -13.16 -23.01
C GLY C 586 -22.37 -14.61 -23.25
N GLU C 587 -23.38 -15.13 -22.55
CA GLU C 587 -23.92 -16.49 -22.77
C GLU C 587 -24.35 -16.75 -24.22
N LEU C 588 -25.44 -16.10 -24.65
CA LEU C 588 -26.10 -16.43 -25.92
C LEU C 588 -25.15 -16.55 -27.12
N TYR C 589 -24.01 -15.86 -27.05
CA TYR C 589 -22.99 -15.96 -28.09
C TYR C 589 -21.87 -16.90 -27.65
N GLY C 590 -21.62 -16.90 -26.35
CA GLY C 590 -20.70 -17.86 -25.74
C GLY C 590 -19.25 -17.45 -25.76
N TYR C 591 -18.97 -16.26 -25.22
CA TYR C 591 -17.63 -15.71 -25.17
C TYR C 591 -17.33 -15.35 -23.73
N SER C 592 -16.09 -15.57 -23.27
CA SER C 592 -15.68 -15.03 -21.97
C SER C 592 -15.30 -13.55 -22.13
N LEU C 593 -15.95 -12.73 -21.31
CA LEU C 593 -16.02 -11.30 -21.49
C LEU C 593 -15.41 -10.60 -20.32
N GLU C 594 -14.57 -9.62 -20.59
CA GLU C 594 -14.11 -8.74 -19.54
C GLU C 594 -14.63 -7.33 -19.72
N LEU C 595 -15.49 -6.91 -18.80
CA LEU C 595 -16.09 -5.59 -18.81
C LEU C 595 -15.33 -4.55 -17.99
N LEU C 596 -14.89 -3.49 -18.65
CA LEU C 596 -14.09 -2.48 -17.98
C LEU C 596 -14.82 -1.17 -18.10
N GLU C 597 -14.82 -0.44 -17.00
CA GLU C 597 -15.41 0.89 -17.00
C GLU C 597 -14.23 1.79 -16.70
N ILE C 598 -14.08 2.83 -17.52
CA ILE C 598 -12.97 3.78 -17.40
C ILE C 598 -13.53 5.13 -17.04
N ILE C 599 -13.31 5.62 -15.83
CA ILE C 599 -13.68 6.98 -15.54
C ILE C 599 -12.44 7.86 -15.68
N LYS C 600 -12.47 8.81 -16.60
CA LYS C 600 -11.27 9.62 -16.90
C LYS C 600 -11.20 10.95 -16.19
N ARG C 601 -12.31 11.50 -15.73
CA ARG C 601 -12.19 12.81 -15.12
C ARG C 601 -12.17 12.84 -13.59
N ASN C 602 -11.31 13.68 -13.04
CA ASN C 602 -11.34 14.05 -11.62
C ASN C 602 -10.78 13.03 -10.66
N ASN C 603 -9.82 12.26 -11.11
CA ASN C 603 -9.31 11.18 -10.32
C ASN C 603 -8.23 11.76 -9.48
N PRO C 604 -7.83 11.07 -8.39
CA PRO C 604 -6.71 11.55 -7.61
C PRO C 604 -5.46 11.60 -8.46
N ARG C 605 -4.58 12.57 -8.18
CA ARG C 605 -3.35 12.80 -8.97
C ARG C 605 -2.23 12.00 -8.34
N PHE C 606 -1.14 11.80 -9.08
CA PHE C 606 0.09 11.26 -8.52
C PHE C 606 1.06 12.43 -8.42
N PHE C 607 1.63 12.70 -7.24
CA PHE C 607 2.69 13.68 -7.08
C PHE C 607 3.98 12.94 -6.86
N SER C 608 4.99 13.27 -7.67
CA SER C 608 6.17 12.43 -7.75
C SER C 608 7.29 13.09 -8.51
N ASN C 609 8.49 12.72 -8.17
CA ASN C 609 9.67 13.19 -8.86
C ASN C 609 9.97 12.47 -10.18
N GLU C 610 9.68 11.17 -10.27
CA GLU C 610 9.88 10.49 -11.53
C GLU C 610 9.07 11.11 -12.70
N LYS C 611 9.75 11.51 -13.79
CA LYS C 611 9.03 12.03 -14.94
C LYS C 611 8.28 10.94 -15.69
N PHE C 612 8.71 9.69 -15.53
CA PHE C 612 8.23 8.59 -16.36
C PHE C 612 7.26 7.71 -15.60
N ILE C 613 6.08 8.27 -15.41
CA ILE C 613 5.04 7.75 -14.57
C ILE C 613 4.19 6.64 -15.19
N LYS C 614 3.86 6.76 -16.47
CA LYS C 614 3.21 5.71 -17.25
C LYS C 614 3.36 4.36 -16.55
N GLY C 615 2.25 3.75 -16.16
CA GLY C 615 2.24 2.45 -15.44
C GLY C 615 2.09 2.49 -13.91
N TYR C 616 2.38 3.65 -13.31
CA TYR C 616 2.17 3.85 -11.90
C TYR C 616 0.71 3.60 -11.56
N PHE C 617 0.46 2.98 -10.42
CA PHE C 617 -0.92 2.69 -10.06
C PHE C 617 -1.18 2.58 -8.57
N TYR C 618 -2.46 2.63 -8.25
CA TYR C 618 -2.97 2.45 -6.91
C TYR C 618 -4.26 1.64 -6.97
N LYS C 619 -4.60 0.85 -5.94
CA LYS C 619 -5.70 -0.09 -6.02
C LYS C 619 -6.76 0.22 -4.98
N LEU C 620 -7.97 0.55 -5.44
CA LEU C 620 -9.14 0.79 -4.60
C LEU C 620 -10.02 -0.46 -4.36
N SER C 621 -11.15 -0.27 -3.68
CA SER C 621 -12.13 -1.33 -3.54
C SER C 621 -12.64 -1.85 -4.87
N GLU C 622 -13.26 -3.01 -4.84
CA GLU C 622 -14.05 -3.49 -5.96
C GLU C 622 -13.32 -3.47 -7.29
N ASP C 623 -12.06 -3.90 -7.30
CA ASP C 623 -11.30 -4.13 -8.54
C ASP C 623 -11.11 -2.92 -9.41
N SER C 624 -10.82 -1.81 -8.77
CA SER C 624 -10.59 -0.56 -9.49
C SER C 624 -9.25 0.07 -9.10
N VAL C 625 -8.70 0.83 -10.02
CA VAL C 625 -7.30 1.11 -10.07
C VAL C 625 -7.07 2.53 -10.59
N ILE C 626 -6.49 3.40 -9.78
CA ILE C 626 -6.00 4.63 -10.34
C ILE C 626 -4.78 4.33 -11.21
N LEU C 627 -4.91 4.47 -12.51
CA LEU C 627 -3.82 4.21 -13.41
C LEU C 627 -3.36 5.48 -14.13
N ALA C 628 -2.05 5.71 -14.14
CA ALA C 628 -1.47 6.78 -14.94
C ALA C 628 -1.00 6.26 -16.32
N THR C 629 -1.35 6.98 -17.38
CA THR C 629 -1.12 6.51 -18.74
C THR C 629 -0.06 7.27 -19.51
N TYR C 630 0.05 8.57 -19.28
CA TYR C 630 1.04 9.34 -19.97
C TYR C 630 2.03 9.82 -18.96
N ASN C 631 3.22 10.17 -19.45
CA ASN C 631 4.25 10.68 -18.57
C ASN C 631 3.99 12.14 -18.29
N GLN C 632 4.62 12.65 -17.24
CA GLN C 632 4.49 14.05 -16.86
C GLN C 632 5.01 15.05 -17.93
N VAL C 633 4.13 15.96 -18.35
CA VAL C 633 4.59 17.14 -19.05
C VAL C 633 4.66 18.21 -17.98
N TYR C 634 5.50 19.22 -18.21
CA TYR C 634 5.61 20.37 -17.31
C TYR C 634 4.42 21.29 -17.55
N GLU C 635 4.12 21.57 -18.83
CA GLU C 635 3.00 22.47 -19.15
C GLU C 635 1.73 21.88 -18.55
N GLY C 636 1.40 20.66 -19.00
CA GLY C 636 0.15 19.95 -18.67
C GLY C 636 -0.19 19.79 -17.20
N THR C 637 -1.45 19.42 -16.93
CA THR C 637 -1.86 18.95 -15.59
C THR C 637 -2.17 17.44 -15.70
N HIS C 638 -1.23 16.60 -15.28
CA HIS C 638 -1.40 15.13 -15.36
C HIS C 638 -2.63 14.67 -14.57
N GLN C 639 -3.54 13.99 -15.26
CA GLN C 639 -4.65 13.34 -14.61
C GLN C 639 -4.73 11.91 -15.08
N PRO C 640 -4.56 10.96 -14.14
CA PRO C 640 -4.70 9.56 -14.45
C PRO C 640 -6.14 9.13 -14.59
N ILE C 641 -6.28 7.93 -15.09
CA ILE C 641 -7.53 7.35 -15.38
C ILE C 641 -7.93 6.32 -14.31
N LYS C 642 -9.23 6.12 -14.12
CA LYS C 642 -9.69 5.12 -13.19
C LYS C 642 -10.32 3.99 -13.95
N VAL C 643 -9.75 2.80 -13.76
CA VAL C 643 -10.17 1.62 -14.49
C VAL C 643 -10.77 0.71 -13.43
N ARG C 644 -11.80 -0.03 -13.80
CA ARG C 644 -12.60 -0.73 -12.85
C ARG C 644 -13.08 -1.95 -13.56
N LYS C 645 -12.78 -3.10 -12.98
CA LYS C 645 -13.18 -4.37 -13.55
C LYS C 645 -14.56 -4.67 -13.07
N VAL C 646 -15.54 -4.45 -13.92
CA VAL C 646 -16.93 -4.64 -13.52
C VAL C 646 -17.25 -6.10 -13.48
N TYR C 647 -16.69 -6.90 -14.39
CA TYR C 647 -16.67 -8.36 -14.23
C TYR C 647 -15.64 -9.10 -15.08
N GLY C 648 -15.24 -10.29 -14.68
CA GLY C 648 -14.37 -11.11 -15.52
C GLY C 648 -13.27 -11.94 -14.85
N GLU C 649 -12.80 -12.94 -15.59
CA GLU C 649 -11.84 -13.93 -15.10
C GLU C 649 -10.39 -13.44 -14.97
N LEU C 650 -10.05 -12.23 -15.45
CA LEU C 650 -8.66 -11.77 -15.38
C LEU C 650 -8.39 -10.76 -14.27
N PRO C 651 -7.13 -10.68 -13.80
CA PRO C 651 -6.78 -9.64 -12.84
C PRO C 651 -6.66 -8.21 -13.46
N VAL C 652 -7.42 -7.24 -12.92
CA VAL C 652 -7.33 -5.84 -13.37
C VAL C 652 -5.97 -5.33 -13.79
N GLU C 653 -4.93 -5.77 -13.08
CA GLU C 653 -3.59 -5.30 -13.40
C GLU C 653 -3.22 -5.85 -14.78
N VAL C 654 -3.71 -7.03 -15.10
CA VAL C 654 -3.53 -7.49 -16.47
C VAL C 654 -4.35 -6.64 -17.49
N LEU C 655 -5.63 -6.38 -17.18
CA LEU C 655 -6.47 -5.51 -17.97
C LEU C 655 -5.87 -4.08 -18.08
N CYS C 656 -5.32 -3.56 -16.98
CA CYS C 656 -4.62 -2.31 -17.04
C CYS C 656 -3.41 -2.37 -17.98
N SER C 657 -2.55 -3.38 -17.84
CA SER C 657 -1.47 -3.64 -18.79
C SER C 657 -2.00 -3.57 -20.26
N GLN C 658 -3.09 -4.26 -20.54
CA GLN C 658 -3.67 -4.22 -21.86
C GLN C 658 -3.91 -2.76 -22.25
N ILE C 659 -4.58 -2.03 -21.36
CA ILE C 659 -4.96 -0.66 -21.62
C ILE C 659 -3.71 0.14 -21.96
N LEU C 660 -2.68 0.02 -21.15
CA LEU C 660 -1.39 0.65 -21.47
C LEU C 660 -0.87 0.29 -22.89
N SER C 661 -0.94 -0.99 -23.26
CA SER C 661 -0.55 -1.35 -24.61
C SER C 661 -1.34 -0.56 -25.66
N LEU C 662 -2.66 -0.69 -25.62
CA LEU C 662 -3.51 -0.02 -26.61
C LEU C 662 -3.28 1.52 -26.75
N THR C 663 -2.97 2.21 -25.66
CA THR C 663 -2.33 3.52 -25.72
C THR C 663 -1.43 3.77 -26.94
N LEU C 664 -0.68 2.77 -27.38
CA LEU C 664 0.35 3.01 -28.37
C LEU C 664 -0.34 2.91 -29.72
N MET C 665 -1.54 2.36 -29.72
CA MET C 665 -2.25 2.21 -30.96
C MET C 665 -2.93 3.48 -31.37
N ASN C 666 -2.91 4.47 -30.49
CA ASN C 666 -3.33 5.80 -30.88
C ASN C 666 -2.38 6.42 -31.89
N TYR C 667 -1.19 5.85 -32.03
CA TYR C 667 -0.25 6.26 -33.06
C TYR C 667 0.22 7.74 -32.94
N SER C 668 0.65 8.09 -31.74
CA SER C 668 0.92 9.46 -31.40
C SER C 668 2.07 9.54 -30.41
N SER C 669 3.21 9.02 -30.83
CA SER C 669 4.41 8.98 -30.01
C SER C 669 4.72 10.25 -29.23
N PHE C 670 4.53 11.41 -29.87
CA PHE C 670 5.07 12.67 -29.38
C PHE C 670 4.14 13.38 -28.44
N GLN C 671 2.85 13.08 -28.55
CA GLN C 671 1.87 13.72 -27.71
C GLN C 671 1.11 12.68 -26.86
N PRO C 672 1.14 12.91 -25.54
CA PRO C 672 0.60 11.99 -24.58
C PRO C 672 -0.86 11.79 -24.95
N ILE C 673 -1.39 10.58 -24.85
CA ILE C 673 -2.85 10.43 -24.99
C ILE C 673 -3.42 9.60 -23.84
N LYS C 674 -4.27 10.21 -23.03
CA LYS C 674 -4.77 9.59 -21.80
C LYS C 674 -5.39 8.19 -22.03
N LEU C 675 -6.13 8.04 -23.13
CA LEU C 675 -7.09 6.94 -23.27
C LEU C 675 -6.60 5.84 -24.22
N PRO C 676 -7.05 4.60 -24.02
CA PRO C 676 -6.49 3.62 -24.95
C PRO C 676 -7.20 3.76 -26.27
N ALA C 677 -6.55 3.29 -27.32
CA ALA C 677 -7.06 3.43 -28.66
C ALA C 677 -8.51 2.94 -28.80
N THR C 678 -8.93 1.98 -28.00
CA THR C 678 -10.32 1.46 -28.09
C THR C 678 -11.39 2.54 -28.00
N VAL C 679 -11.20 3.48 -27.09
CA VAL C 679 -12.20 4.45 -26.77
C VAL C 679 -11.67 5.88 -26.96
N HIS C 680 -10.52 6.02 -27.59
CA HIS C 680 -9.89 7.35 -27.74
C HIS C 680 -10.70 8.18 -28.74
N TYR C 681 -11.17 9.37 -28.35
CA TYR C 681 -11.98 10.25 -29.23
C TYR C 681 -13.37 9.72 -29.47
N SER C 682 -13.66 8.51 -29.00
CA SER C 682 -14.95 7.93 -29.22
C SER C 682 -16.06 8.85 -28.71
N ASP C 683 -15.87 9.45 -27.54
CA ASP C 683 -16.87 10.34 -27.02
C ASP C 683 -17.09 11.57 -27.92
N LYS C 684 -16.03 12.14 -28.48
CA LYS C 684 -16.22 13.29 -29.37
C LYS C 684 -17.04 12.88 -30.61
N ILE C 685 -16.71 11.71 -31.16
CA ILE C 685 -17.37 11.24 -32.37
C ILE C 685 -18.84 11.03 -32.15
N THR C 686 -19.22 10.24 -31.15
CA THR C 686 -20.62 10.02 -30.89
C THR C 686 -21.29 11.36 -30.75
N LYS C 687 -20.69 12.19 -29.90
CA LYS C 687 -21.30 13.50 -29.60
C LYS C 687 -21.43 14.36 -30.84
N LEU C 688 -20.43 14.27 -31.69
CA LEU C 688 -20.40 15.10 -32.84
C LEU C 688 -21.55 14.74 -33.73
N MET C 689 -21.81 13.43 -33.86
CA MET C 689 -22.80 12.94 -34.82
C MET C 689 -24.23 13.21 -34.36
N LEU C 690 -24.46 13.25 -33.06
CA LEU C 690 -25.78 13.51 -32.50
C LEU C 690 -26.54 14.62 -33.14
N ARG C 691 -25.85 15.66 -33.58
CA ARG C 691 -26.59 16.77 -34.19
C ARG C 691 -27.02 16.39 -35.58
N GLY C 692 -26.08 15.75 -36.29
CA GLY C 692 -26.29 15.14 -37.60
C GLY C 692 -27.72 14.76 -37.85
N ILE C 693 -28.53 15.80 -38.08
CA ILE C 693 -29.88 15.67 -38.56
C ILE C 693 -29.91 14.54 -39.59
N GLU C 694 -30.46 13.39 -39.19
CA GLU C 694 -30.63 12.25 -40.09
C GLU C 694 -29.77 11.01 -39.78
N PRO C 695 -30.36 9.80 -40.02
CA PRO C 695 -29.82 8.43 -39.91
C PRO C 695 -28.42 8.22 -40.41
N ILE C 696 -27.73 7.28 -39.78
CA ILE C 696 -26.33 7.02 -40.04
C ILE C 696 -26.11 5.54 -39.82
N LYS C 697 -25.42 4.94 -40.79
CA LYS C 697 -24.91 3.60 -40.71
C LYS C 697 -23.63 3.51 -41.52
N LYS C 698 -22.50 3.52 -40.82
CA LYS C 698 -21.23 3.40 -41.50
C LYS C 698 -20.35 2.39 -40.76
N GLU C 699 -19.51 1.71 -41.52
CA GLU C 699 -18.47 0.92 -40.94
C GLU C 699 -17.24 1.21 -41.74
N GLY C 700 -16.08 0.78 -41.27
CA GLY C 700 -14.87 0.98 -42.04
C GLY C 700 -13.76 0.24 -41.37
N ASP C 701 -12.55 0.31 -41.91
CA ASP C 701 -11.40 -0.41 -41.39
C ASP C 701 -10.16 0.46 -41.34
N ILE C 702 -10.36 1.77 -41.18
CA ILE C 702 -9.30 2.76 -41.30
C ILE C 702 -9.49 3.80 -40.19
N MET C 703 -8.45 4.05 -39.41
CA MET C 703 -8.61 4.91 -38.24
C MET C 703 -8.73 6.38 -38.65
N TYR C 704 -9.85 6.70 -39.30
CA TYR C 704 -10.04 7.99 -39.92
C TYR C 704 -10.03 9.14 -38.94
N TRP C 705 -10.14 8.83 -37.65
CA TRP C 705 -10.41 9.85 -36.65
C TRP C 705 -9.15 10.35 -35.98
N LEU C 706 -7.99 9.80 -36.30
CA LEU C 706 -6.76 10.32 -35.74
C LEU C 706 -6.35 11.71 -36.31
N LYS D 3 26.01 12.00 13.25
CA LYS D 3 27.04 11.20 12.52
C LYS D 3 26.53 9.90 11.94
N GLU D 4 27.16 9.50 10.85
CA GLU D 4 26.73 8.34 10.11
C GLU D 4 26.39 7.12 10.97
N ALA D 5 25.34 6.44 10.56
CA ALA D 5 25.06 5.14 11.11
C ALA D 5 24.71 4.32 9.91
N LEU D 6 25.60 3.39 9.62
CA LEU D 6 25.45 2.44 8.53
C LEU D 6 24.62 1.19 8.94
N LEU D 7 24.12 0.46 7.95
CA LEU D 7 23.43 -0.78 8.19
C LEU D 7 23.97 -1.78 7.19
N ASN D 8 23.98 -3.05 7.56
CA ASN D 8 24.46 -4.08 6.66
C ASN D 8 23.40 -4.45 5.66
N LEU D 9 23.17 -3.50 4.74
CA LEU D 9 22.21 -3.57 3.64
C LEU D 9 22.86 -2.85 2.50
N TYR D 10 22.97 -3.52 1.38
CA TYR D 10 23.74 -3.01 0.27
C TYR D 10 22.85 -3.00 -0.94
N ARG D 11 22.91 -1.92 -1.69
CA ARG D 11 22.04 -1.79 -2.85
C ARG D 11 22.36 -2.85 -3.89
N ILE D 12 21.32 -3.46 -4.44
CA ILE D 12 21.46 -4.56 -5.39
C ILE D 12 20.62 -4.33 -6.64
N GLU D 13 21.20 -4.66 -7.80
CA GLU D 13 20.45 -4.65 -9.05
C GLU D 13 21.03 -5.69 -9.96
N TYR D 14 20.16 -6.31 -10.76
CA TYR D 14 20.55 -7.33 -11.74
C TYR D 14 20.12 -6.99 -13.19
N ARG D 15 21.09 -6.63 -14.01
CA ARG D 15 20.80 -6.42 -15.43
C ARG D 15 21.80 -7.13 -16.34
N PRO D 16 21.50 -8.37 -16.67
CA PRO D 16 22.45 -9.09 -17.51
C PRO D 16 22.39 -8.54 -18.91
N LYS D 17 23.49 -8.60 -19.65
CA LYS D 17 23.44 -8.27 -21.08
C LYS D 17 22.39 -9.15 -21.82
N ASP D 18 22.68 -10.46 -21.91
CA ASP D 18 21.68 -11.45 -22.35
C ASP D 18 20.50 -11.45 -21.41
N THR D 19 19.36 -11.08 -21.93
CA THR D 19 18.21 -10.77 -21.10
C THR D 19 17.17 -11.90 -21.19
N THR D 20 17.65 -13.07 -21.59
CA THR D 20 16.77 -14.06 -22.22
C THR D 20 16.68 -15.39 -21.46
N PHE D 21 15.46 -15.60 -20.93
CA PHE D 21 15.13 -16.68 -19.99
C PHE D 21 14.16 -17.69 -20.59
N THR D 22 14.21 -18.95 -20.15
CA THR D 22 13.26 -19.95 -20.61
C THR D 22 12.31 -20.31 -19.49
N VAL D 23 11.01 -20.12 -19.75
CA VAL D 23 9.95 -20.25 -18.74
C VAL D 23 9.27 -21.61 -18.72
N PHE D 24 8.89 -22.10 -17.54
CA PHE D 24 8.28 -23.44 -17.39
C PHE D 24 6.93 -23.44 -16.61
N LYS D 25 5.94 -24.19 -17.07
CA LYS D 25 4.69 -24.27 -16.31
C LYS D 25 4.31 -25.72 -16.02
N PRO D 26 3.75 -25.98 -14.83
CA PRO D 26 3.33 -27.33 -14.46
C PRO D 26 2.04 -27.76 -15.14
N THR D 27 1.90 -29.07 -15.35
CA THR D 27 0.66 -29.60 -15.86
C THR D 27 -0.45 -29.34 -14.83
N HIS D 28 -0.34 -29.93 -13.63
CA HIS D 28 -1.32 -29.72 -12.56
C HIS D 28 -0.98 -28.44 -11.79
N GLU D 29 -1.71 -28.14 -10.71
CA GLU D 29 -1.37 -26.99 -9.86
C GLU D 29 -0.80 -27.31 -8.48
N ILE D 30 0.44 -26.88 -8.26
CA ILE D 30 1.24 -27.36 -7.14
C ILE D 30 0.83 -26.79 -5.79
N GLN D 31 0.55 -27.70 -4.85
CA GLN D 31 0.36 -27.37 -3.44
C GLN D 31 1.37 -26.33 -2.98
N LYS D 32 0.87 -25.15 -2.64
CA LYS D 32 1.71 -23.99 -2.30
C LYS D 32 2.79 -24.32 -1.26
N GLU D 33 2.57 -25.40 -0.50
CA GLU D 33 3.54 -25.85 0.49
C GLU D 33 4.64 -26.72 -0.13
N LYS D 34 4.82 -26.61 -1.45
CA LYS D 34 5.83 -27.41 -2.20
C LYS D 34 6.42 -26.63 -3.38
N LEU D 35 6.09 -25.34 -3.48
CA LEU D 35 6.60 -24.55 -4.59
C LEU D 35 8.11 -24.31 -4.50
N ASN D 36 8.67 -24.28 -3.30
CA ASN D 36 10.09 -24.03 -3.14
C ASN D 36 10.96 -25.24 -3.37
N LYS D 37 10.39 -26.42 -3.18
CA LYS D 37 11.13 -27.61 -3.49
C LYS D 37 11.23 -27.79 -5.02
N VAL D 38 10.20 -27.37 -5.74
CA VAL D 38 10.17 -27.52 -7.20
C VAL D 38 11.14 -26.54 -7.83
N ARG D 39 11.06 -25.29 -7.40
CA ARG D 39 12.03 -24.31 -7.85
C ARG D 39 13.47 -24.81 -7.60
N TRP D 40 13.69 -25.45 -6.45
CA TRP D 40 15.00 -25.98 -6.16
C TRP D 40 15.37 -27.05 -7.19
N ARG D 41 14.50 -28.03 -7.42
CA ARG D 41 14.83 -29.13 -8.33
C ARG D 41 15.11 -28.64 -9.75
N VAL D 42 14.58 -27.47 -10.09
CA VAL D 42 14.67 -26.90 -11.45
C VAL D 42 16.08 -26.38 -11.70
N PHE D 43 16.65 -25.74 -10.68
CA PHE D 43 18.01 -25.23 -10.70
C PHE D 43 18.98 -26.41 -10.72
N LEU D 44 18.84 -27.31 -9.75
CA LEU D 44 19.63 -28.52 -9.76
C LEU D 44 19.67 -29.10 -11.15
N GLN D 45 18.49 -29.33 -11.74
CA GLN D 45 18.40 -30.16 -12.93
C GLN D 45 18.84 -29.44 -14.20
N THR D 46 18.47 -28.19 -14.27
CA THR D 46 18.67 -27.37 -15.42
C THR D 46 20.10 -26.88 -15.46
N GLY D 47 20.72 -26.78 -14.29
CA GLY D 47 22.01 -26.08 -14.13
C GLY D 47 21.99 -24.58 -13.85
N LEU D 48 20.98 -23.87 -14.33
CA LEU D 48 20.97 -22.39 -14.28
C LEU D 48 20.13 -21.74 -13.17
N PRO D 49 20.59 -20.60 -12.63
CA PRO D 49 19.78 -19.91 -11.61
C PRO D 49 18.33 -19.82 -12.01
N THR D 50 17.41 -19.86 -11.05
CA THR D 50 16.00 -19.82 -11.36
C THR D 50 15.18 -19.19 -10.26
N PHE D 51 14.17 -18.39 -10.67
CA PHE D 51 13.15 -17.82 -9.77
C PHE D 51 11.71 -18.12 -10.24
N ARG D 52 10.74 -17.90 -9.34
CA ARG D 52 9.31 -18.16 -9.60
C ARG D 52 8.48 -16.92 -9.91
N ARG D 53 7.61 -17.00 -10.93
CA ARG D 53 6.53 -16.01 -11.14
C ARG D 53 5.25 -16.75 -11.09
N GLU D 54 4.38 -16.33 -10.16
CA GLU D 54 3.11 -17.02 -9.85
C GLU D 54 3.16 -18.56 -9.89
N ASP D 55 2.94 -19.15 -11.06
CA ASP D 55 2.98 -20.60 -11.22
C ASP D 55 3.99 -21.06 -12.28
N GLU D 56 4.81 -20.15 -12.79
CA GLU D 56 5.77 -20.52 -13.80
C GLU D 56 7.15 -20.39 -13.23
N PHE D 57 8.14 -20.92 -13.95
CA PHE D 57 9.53 -20.89 -13.47
C PHE D 57 10.48 -20.33 -14.49
N TRP D 58 11.19 -19.29 -14.11
CA TRP D 58 12.13 -18.61 -14.98
C TRP D 58 13.61 -19.07 -14.89
N CYS D 59 14.09 -19.73 -15.93
CA CYS D 59 15.49 -20.16 -15.98
C CYS D 59 16.39 -19.20 -16.73
N ALA D 60 17.56 -18.94 -16.16
CA ALA D 60 18.50 -17.91 -16.63
C ALA D 60 19.50 -18.40 -17.70
N GLY D 61 18.96 -18.68 -18.89
CA GLY D 61 19.72 -19.18 -20.04
C GLY D 61 18.76 -19.84 -21.01
N LYS D 62 19.31 -20.54 -22.01
CA LYS D 62 18.47 -21.24 -23.02
C LYS D 62 18.42 -22.74 -22.78
N VAL D 63 17.23 -23.26 -22.49
CA VAL D 63 17.04 -24.69 -22.19
C VAL D 63 16.08 -25.33 -23.19
N GLU D 64 16.59 -26.29 -23.96
CA GLU D 64 15.89 -26.83 -25.12
C GLU D 64 14.89 -27.97 -24.86
N LYS D 65 14.95 -28.64 -23.71
CA LYS D 65 13.96 -29.69 -23.41
C LYS D 65 12.50 -29.19 -23.42
N ASP D 66 11.57 -30.07 -23.84
CA ASP D 66 10.11 -29.78 -23.89
C ASP D 66 9.45 -29.92 -22.53
N THR D 67 10.09 -30.72 -21.68
CA THR D 67 9.44 -31.24 -20.51
C THR D 67 10.48 -31.53 -19.46
N LEU D 68 10.38 -30.85 -18.33
CA LEU D 68 11.21 -31.21 -17.20
C LEU D 68 10.38 -32.04 -16.26
N TYR D 69 11.04 -33.01 -15.64
CA TYR D 69 10.44 -33.84 -14.64
C TYR D 69 11.25 -33.69 -13.38
N LEU D 70 10.60 -33.24 -12.31
CA LEU D 70 11.28 -33.02 -11.03
C LEU D 70 10.80 -34.01 -9.98
N THR D 71 11.72 -34.54 -9.19
CA THR D 71 11.33 -35.53 -8.21
C THR D 71 11.49 -34.96 -6.83
N LEU D 72 10.59 -35.32 -5.95
CA LEU D 72 10.48 -34.69 -4.64
C LEU D 72 11.11 -35.59 -3.62
N SER D 73 11.24 -35.08 -2.40
CA SER D 73 11.74 -35.86 -1.25
C SER D 73 10.93 -37.13 -1.03
N ASN D 74 9.63 -37.08 -1.33
CA ASN D 74 8.72 -38.24 -1.23
C ASN D 74 8.62 -39.02 -2.55
N GLY D 75 9.46 -38.66 -3.53
CA GLY D 75 9.45 -39.33 -4.83
C GLY D 75 8.38 -38.88 -5.83
N GLU D 76 7.37 -38.17 -5.34
CA GLU D 76 6.39 -37.49 -6.17
C GLU D 76 7.01 -36.70 -7.32
N ILE D 77 6.37 -36.77 -8.48
CA ILE D 77 6.92 -36.24 -9.73
C ILE D 77 6.11 -35.08 -10.29
N VAL D 78 6.80 -33.95 -10.47
CA VAL D 78 6.20 -32.74 -10.99
C VAL D 78 6.72 -32.48 -12.40
N GLU D 79 5.80 -32.44 -13.36
CA GLU D 79 6.16 -32.24 -14.76
C GLU D 79 5.96 -30.80 -15.21
N LEU D 80 6.95 -30.20 -15.87
CA LEU D 80 6.77 -28.85 -16.45
C LEU D 80 6.98 -28.83 -17.96
N LYS D 81 6.09 -28.14 -18.66
CA LYS D 81 6.20 -27.98 -20.10
C LYS D 81 6.98 -26.72 -20.33
N ARG D 82 8.03 -26.82 -21.14
CA ARG D 82 8.72 -25.64 -21.57
C ARG D 82 7.72 -24.70 -22.18
N VAL D 83 7.49 -23.55 -21.55
CA VAL D 83 6.51 -22.59 -22.08
C VAL D 83 7.09 -21.66 -23.15
N GLY D 84 8.41 -21.54 -23.25
CA GLY D 84 9.03 -20.73 -24.30
C GLY D 84 9.92 -19.62 -23.77
N GLU D 85 10.47 -18.81 -24.68
CA GLU D 85 11.38 -17.73 -24.27
C GLU D 85 10.75 -16.35 -24.11
N GLU D 86 11.10 -15.67 -23.00
CA GLU D 86 10.62 -14.32 -22.68
C GLU D 86 11.74 -13.45 -22.14
N GLU D 87 11.52 -12.14 -22.14
CA GLU D 87 12.58 -11.20 -21.74
C GLU D 87 12.51 -10.71 -20.28
N PHE D 88 13.60 -10.93 -19.57
CA PHE D 88 13.65 -10.57 -18.18
C PHE D 88 13.50 -9.07 -17.99
N ARG D 89 12.35 -8.70 -17.44
CA ARG D 89 12.01 -7.32 -17.39
C ARG D 89 12.22 -6.71 -16.00
N GLY D 90 13.23 -7.19 -15.28
CA GLY D 90 13.36 -6.90 -13.84
C GLY D 90 12.55 -7.89 -13.00
N PHE D 91 12.63 -7.82 -11.67
CA PHE D 91 11.82 -8.70 -10.83
C PHE D 91 10.70 -7.91 -10.13
N GLN D 92 9.67 -8.66 -9.72
CA GLN D 92 8.47 -8.11 -9.11
C GLN D 92 8.37 -8.30 -7.60
N ASN D 93 9.46 -8.71 -6.98
CA ASN D 93 9.45 -9.16 -5.61
C ASN D 93 10.81 -8.96 -5.06
N GLU D 94 10.89 -9.01 -3.74
CA GLU D 94 12.10 -9.37 -3.08
C GLU D 94 12.34 -10.88 -3.32
N ARG D 95 11.28 -11.64 -3.51
CA ARG D 95 11.39 -13.09 -3.49
C ARG D 95 12.07 -13.60 -4.73
N GLU D 96 11.61 -13.12 -5.89
CA GLU D 96 12.25 -13.49 -7.14
C GLU D 96 13.69 -13.15 -6.95
N CYS D 97 13.96 -11.89 -6.64
CA CYS D 97 15.35 -11.45 -6.56
C CYS D 97 16.28 -12.33 -5.66
N GLN D 98 15.82 -12.62 -4.45
CA GLN D 98 16.48 -13.58 -3.59
C GLN D 98 16.63 -14.98 -4.19
N GLU D 99 15.62 -15.49 -4.89
CA GLU D 99 15.72 -16.83 -5.46
C GLU D 99 16.89 -16.92 -6.39
N LEU D 100 17.00 -15.94 -7.29
CA LEU D 100 18.07 -15.93 -8.30
C LEU D 100 19.49 -15.74 -7.70
N PHE D 101 19.59 -14.82 -6.74
CA PHE D 101 20.84 -14.53 -6.06
C PHE D 101 21.47 -15.78 -5.43
N ARG D 102 20.73 -16.40 -4.51
CA ARG D 102 21.25 -17.55 -3.81
C ARG D 102 21.75 -18.59 -4.82
N ASP D 103 21.06 -18.68 -5.96
CA ASP D 103 21.46 -19.65 -6.96
C ASP D 103 22.77 -19.29 -7.60
N PHE D 104 23.02 -18.00 -7.87
CA PHE D 104 24.34 -17.64 -8.35
C PHE D 104 25.34 -17.95 -7.24
N LEU D 105 25.01 -17.60 -6.00
CA LEU D 105 25.88 -17.94 -4.89
C LEU D 105 26.25 -19.42 -4.88
N THR D 106 25.26 -20.26 -5.13
CA THR D 106 25.43 -21.71 -5.07
C THR D 106 26.24 -22.21 -6.27
N LYS D 107 25.84 -21.74 -7.44
CA LYS D 107 26.49 -22.05 -8.75
C LYS D 107 27.91 -21.51 -8.80
N THR D 108 28.27 -20.62 -7.89
CA THR D 108 29.62 -20.10 -7.86
C THR D 108 30.46 -20.79 -6.80
N LYS D 109 29.91 -20.92 -5.60
CA LYS D 109 30.63 -21.54 -4.50
C LYS D 109 31.47 -20.51 -3.74
N VAL D 110 31.14 -19.23 -3.96
CA VAL D 110 31.81 -18.15 -3.27
C VAL D 110 31.69 -18.45 -1.79
N LYS D 111 30.45 -18.70 -1.42
CA LYS D 111 30.04 -18.88 -0.05
C LYS D 111 30.64 -20.16 0.51
N ASP D 112 30.65 -21.20 -0.31
CA ASP D 112 31.38 -22.43 -0.05
C ASP D 112 32.78 -22.14 0.41
N LYS D 113 33.54 -21.52 -0.50
CA LYS D 113 34.94 -21.26 -0.30
C LYS D 113 35.17 -20.30 0.85
N PHE D 114 34.32 -19.29 1.00
CA PHE D 114 34.45 -18.47 2.18
C PHE D 114 34.25 -19.32 3.45
N ILE D 115 33.29 -20.22 3.43
CA ILE D 115 33.12 -21.10 4.57
C ILE D 115 34.31 -22.10 4.83
N SER D 116 35.21 -22.31 3.87
CA SER D 116 36.33 -23.23 4.12
C SER D 116 37.41 -22.46 4.82
N ASP D 117 37.91 -21.43 4.13
CA ASP D 117 39.07 -20.66 4.61
C ASP D 117 38.81 -20.16 6.01
N PHE D 118 37.57 -19.76 6.22
CA PHE D 118 37.19 -19.19 7.48
C PHE D 118 36.74 -20.19 8.55
N TYR D 119 36.52 -21.44 8.15
CA TYR D 119 36.41 -22.53 9.13
C TYR D 119 37.82 -22.78 9.59
N LYS D 120 38.66 -23.21 8.64
CA LYS D 120 40.07 -23.54 8.88
C LYS D 120 40.71 -22.55 9.86
N LYS D 121 40.52 -21.26 9.61
CA LYS D 121 41.04 -20.27 10.54
C LYS D 121 40.56 -20.52 11.97
N PHE D 122 39.25 -20.46 12.20
CA PHE D 122 38.67 -20.57 13.55
C PHE D 122 39.22 -21.67 14.46
N ARG D 123 39.34 -22.89 13.94
CA ARG D 123 39.85 -24.01 14.72
C ARG D 123 41.15 -23.69 15.40
N ASP D 124 42.11 -23.19 14.61
CA ASP D 124 43.44 -22.87 15.12
C ASP D 124 43.31 -21.92 16.30
N LYS D 125 42.29 -21.06 16.26
CA LYS D 125 41.98 -20.17 17.38
C LYS D 125 41.18 -20.82 18.53
N ILE D 126 40.39 -21.86 18.23
CA ILE D 126 39.64 -22.60 19.29
C ILE D 126 40.58 -23.51 20.09
N THR D 127 41.73 -23.84 19.50
CA THR D 127 42.67 -24.75 20.13
C THR D 127 43.32 -24.10 21.36
N VAL D 128 42.93 -24.57 22.54
CA VAL D 128 43.62 -24.17 23.77
C VAL D 128 44.31 -25.40 24.33
N GLN D 129 45.24 -25.20 25.26
CA GLN D 129 46.04 -26.29 25.80
C GLN D 129 45.25 -27.16 26.79
N GLY D 130 45.47 -28.48 26.71
CA GLY D 130 44.87 -29.48 27.61
C GLY D 130 43.36 -29.68 27.49
N LYS D 131 42.91 -30.92 27.72
CA LYS D 131 41.47 -31.30 27.69
C LYS D 131 40.67 -30.51 26.64
N ASN D 132 41.27 -30.43 25.45
CA ASN D 132 40.70 -29.71 24.32
C ASN D 132 39.46 -30.40 23.79
N ARG D 133 39.66 -31.70 23.50
CA ARG D 133 38.70 -32.57 22.83
C ARG D 133 38.28 -32.05 21.44
N LYS D 134 36.97 -31.76 21.30
CA LYS D 134 36.32 -31.89 20.00
C LYS D 134 35.15 -30.90 19.80
N ILE D 135 35.47 -29.64 19.53
CA ILE D 135 34.45 -28.58 19.35
C ILE D 135 34.54 -27.96 17.96
N ALA D 136 33.50 -28.13 17.17
CA ALA D 136 33.46 -27.52 15.85
C ALA D 136 32.65 -26.21 15.89
N LEU D 137 33.19 -25.18 15.24
CA LEU D 137 32.54 -23.87 15.17
C LEU D 137 32.18 -23.54 13.73
N ILE D 138 30.90 -23.60 13.41
CA ILE D 138 30.48 -23.57 12.03
C ILE D 138 30.04 -22.15 11.67
N PRO D 139 30.82 -21.44 10.82
CA PRO D 139 30.38 -20.11 10.37
C PRO D 139 29.25 -20.29 9.39
N GLU D 140 28.09 -19.70 9.67
CA GLU D 140 26.94 -19.74 8.75
C GLU D 140 26.70 -18.35 8.22
N VAL D 141 26.63 -18.22 6.90
CA VAL D 141 26.46 -16.91 6.29
C VAL D 141 25.10 -16.81 5.65
N ASN D 142 24.40 -15.71 5.92
CA ASN D 142 23.00 -15.57 5.51
C ASN D 142 22.79 -14.42 4.55
N GLU D 143 21.83 -14.54 3.64
CA GLU D 143 21.54 -13.48 2.67
C GLU D 143 20.07 -13.43 2.41
N LYS D 144 19.40 -12.41 2.93
CA LYS D 144 18.05 -12.12 2.43
C LYS D 144 18.01 -10.85 1.59
N VAL D 145 17.09 -10.81 0.63
CA VAL D 145 16.81 -9.62 -0.18
C VAL D 145 15.63 -8.87 0.41
N LEU D 146 15.90 -7.68 0.91
CA LEU D 146 14.84 -6.80 1.34
C LEU D 146 14.59 -5.71 0.30
N LYS D 147 13.76 -4.74 0.66
CA LYS D 147 13.42 -3.67 -0.25
C LYS D 147 13.36 -2.33 0.48
N SER D 148 14.10 -1.36 -0.03
CA SER D 148 14.10 0.01 0.53
C SER D 148 12.83 0.79 0.25
N GLU D 149 12.49 1.71 1.10
CA GLU D 149 11.40 2.63 0.82
C GLU D 149 11.57 3.40 -0.53
N GLU D 150 12.78 3.79 -0.87
CA GLU D 150 13.01 4.47 -2.15
C GLU D 150 12.84 3.55 -3.33
N GLY D 151 12.52 2.28 -3.08
CA GLY D 151 12.23 1.34 -4.15
C GLY D 151 13.29 0.38 -4.66
N TYR D 152 14.58 0.62 -4.45
CA TYR D 152 15.57 -0.35 -4.97
C TYR D 152 15.70 -1.52 -4.05
N PHE D 153 16.12 -2.67 -4.56
CA PHE D 153 16.24 -3.85 -3.71
C PHE D 153 17.51 -3.76 -2.86
N LEU D 154 17.57 -4.55 -1.79
CA LEU D 154 18.67 -4.48 -0.84
C LEU D 154 19.18 -5.84 -0.41
N LEU D 155 20.49 -6.04 -0.51
CA LEU D 155 21.09 -7.25 0.04
C LEU D 155 21.30 -7.12 1.55
N HIS D 156 20.64 -8.01 2.29
CA HIS D 156 20.74 -8.06 3.74
C HIS D 156 21.65 -9.20 4.06
N LEU D 157 22.82 -8.87 4.61
CA LEU D 157 23.94 -9.82 4.73
C LEU D 157 24.51 -9.78 6.13
N ASP D 158 24.70 -10.97 6.72
CA ASP D 158 25.20 -11.13 8.08
C ASP D 158 25.70 -12.56 8.17
N LEU D 159 26.36 -12.87 9.28
CA LEU D 159 26.81 -14.21 9.54
C LEU D 159 26.52 -14.60 10.98
N LYS D 160 26.56 -15.91 11.20
CA LYS D 160 26.32 -16.52 12.50
C LYS D 160 27.28 -17.65 12.68
N PHE D 161 27.20 -18.22 13.87
CA PHE D 161 27.93 -19.43 14.22
C PHE D 161 27.05 -20.48 14.91
N ARG D 162 27.29 -21.70 14.49
CA ARG D 162 26.68 -22.87 15.09
C ARG D 162 27.84 -23.59 15.79
N ILE D 163 27.52 -24.29 16.87
CA ILE D 163 28.53 -24.99 17.63
C ILE D 163 28.17 -26.48 17.74
N GLN D 164 28.65 -27.29 16.80
CA GLN D 164 28.55 -28.75 16.95
C GLN D 164 29.79 -29.34 17.65
N PRO D 165 29.59 -30.40 18.46
CA PRO D 165 30.74 -31.25 18.79
C PRO D 165 31.11 -32.13 17.62
N PHE D 166 32.37 -32.58 17.61
CA PHE D 166 32.89 -33.50 16.60
C PHE D 166 32.24 -34.86 16.82
N GLU D 167 31.83 -35.07 18.06
CA GLU D 167 31.32 -36.33 18.55
C GLU D 167 29.82 -36.44 18.28
N THR D 168 29.47 -37.55 17.62
CA THR D 168 28.12 -37.80 17.12
C THR D 168 27.27 -38.36 18.25
N LEU D 169 26.00 -37.98 18.32
CA LEU D 169 25.14 -38.38 19.44
C LEU D 169 25.13 -39.89 19.73
N GLN D 170 25.68 -40.69 18.83
CA GLN D 170 25.87 -42.10 19.14
C GLN D 170 27.17 -42.34 19.89
N THR D 171 28.24 -41.64 19.50
CA THR D 171 29.53 -41.76 20.18
C THR D 171 29.38 -41.32 21.64
N LEU D 172 28.74 -40.16 21.84
CA LEU D 172 28.48 -39.66 23.18
C LEU D 172 27.86 -40.78 23.98
N LEU D 173 26.66 -41.19 23.57
CA LEU D 173 25.90 -42.25 24.25
C LEU D 173 26.68 -43.49 24.70
N GLU D 174 27.53 -44.04 23.81
CA GLU D 174 28.32 -45.24 24.13
C GLU D 174 29.41 -44.97 25.18
N ARG D 175 29.98 -43.77 25.13
CA ARG D 175 30.99 -43.32 26.09
C ARG D 175 30.33 -42.74 27.36
N ASN D 176 29.54 -41.67 27.21
CA ASN D 176 28.85 -40.92 28.29
C ASN D 176 28.32 -41.72 29.49
N ASP D 177 29.24 -42.31 30.26
CA ASP D 177 28.94 -43.20 31.41
C ASP D 177 27.44 -43.38 31.76
N PHE D 178 26.92 -42.44 32.54
CA PHE D 178 25.52 -42.42 32.98
C PHE D 178 24.94 -41.09 32.49
N ASN D 179 23.98 -41.13 31.56
CA ASN D 179 23.55 -39.91 30.85
C ASN D 179 22.12 -39.81 30.27
N PRO D 180 21.16 -39.23 31.05
CA PRO D 180 19.85 -38.76 30.55
C PRO D 180 19.91 -37.54 29.59
N LYS D 181 18.77 -37.14 29.01
CA LYS D 181 18.73 -36.06 28.00
C LYS D 181 17.55 -35.06 28.10
N ARG D 182 17.62 -34.01 27.28
CA ARG D 182 16.45 -33.24 26.75
C ARG D 182 16.91 -32.16 25.71
N ILE D 183 17.92 -32.53 24.92
CA ILE D 183 18.87 -31.61 24.22
C ILE D 183 18.52 -31.16 22.82
N ARG D 184 19.00 -29.96 22.45
CA ARG D 184 18.88 -29.44 21.08
C ARG D 184 19.73 -30.29 20.10
N VAL D 185 19.12 -30.73 18.99
CA VAL D 185 19.76 -31.66 18.04
C VAL D 185 19.59 -31.23 16.57
N LYS D 186 20.66 -31.34 15.79
CA LYS D 186 20.62 -31.21 14.33
C LYS D 186 21.33 -32.40 13.67
N PRO D 187 20.67 -33.03 12.70
CA PRO D 187 21.28 -34.04 11.82
C PRO D 187 22.25 -33.47 10.77
N ILE D 188 23.32 -34.21 10.48
CA ILE D 188 24.21 -33.92 9.37
C ILE D 188 23.38 -33.84 8.10
N GLY D 189 23.56 -32.74 7.36
CA GLY D 189 22.80 -32.47 6.15
C GLY D 189 21.59 -31.61 6.48
N ILE D 190 20.59 -32.25 7.07
CA ILE D 190 19.29 -31.63 7.42
C ILE D 190 19.40 -30.32 8.26
N ASP D 191 18.48 -29.38 8.01
CA ASP D 191 18.42 -28.08 8.70
C ASP D 191 17.35 -27.99 9.78
N PHE D 192 16.65 -29.09 10.05
CA PHE D 192 15.69 -29.14 11.14
C PHE D 192 16.43 -29.03 12.48
N VAL D 193 15.67 -28.79 13.55
CA VAL D 193 16.21 -28.71 14.91
C VAL D 193 15.13 -29.28 15.83
N GLY D 194 15.50 -29.67 17.05
CA GLY D 194 14.53 -30.14 18.04
C GLY D 194 15.18 -30.65 19.32
N ARG D 195 14.35 -30.91 20.32
CA ARG D 195 14.84 -31.49 21.56
C ARG D 195 14.74 -33.02 21.56
N VAL D 196 15.06 -33.60 22.71
CA VAL D 196 15.19 -35.05 22.89
C VAL D 196 14.18 -35.54 23.92
N GLN D 197 13.35 -36.50 23.49
CA GLN D 197 12.33 -37.10 24.34
C GLN D 197 12.75 -38.44 24.96
N ASP D 198 13.23 -39.36 24.11
CA ASP D 198 13.59 -40.71 24.57
C ASP D 198 14.74 -41.39 23.81
N VAL D 199 15.23 -42.46 24.42
CA VAL D 199 16.34 -43.25 23.90
C VAL D 199 16.05 -44.73 24.04
N PHE D 200 15.97 -45.40 22.90
CA PHE D 200 15.72 -46.84 22.86
C PHE D 200 16.61 -47.56 21.81
N LYS D 201 17.02 -48.77 22.13
CA LYS D 201 17.92 -49.53 21.28
C LYS D 201 17.28 -49.92 19.96
N ALA D 202 17.98 -49.65 18.86
CA ALA D 202 17.54 -50.03 17.53
C ALA D 202 17.52 -51.55 17.44
N LYS D 203 18.28 -52.19 18.32
CA LYS D 203 18.37 -53.64 18.44
C LYS D 203 17.06 -54.22 18.97
N GLU D 204 15.96 -53.90 18.29
CA GLU D 204 14.62 -54.30 18.74
C GLU D 204 13.58 -54.30 17.61
N LYS D 205 13.44 -53.18 16.90
CA LYS D 205 12.52 -53.07 15.75
C LYS D 205 12.74 -54.16 14.70
N GLY D 206 11.84 -54.20 13.71
CA GLY D 206 11.83 -55.27 12.72
C GLY D 206 13.09 -55.32 11.86
N GLU D 207 13.60 -56.53 11.63
CA GLU D 207 14.69 -56.79 10.68
C GLU D 207 14.30 -56.21 9.32
N GLU D 208 13.27 -55.37 9.34
CA GLU D 208 12.60 -54.91 8.15
C GLU D 208 11.96 -53.54 8.43
N PHE D 209 11.96 -53.13 9.70
CA PHE D 209 11.60 -51.75 10.06
C PHE D 209 12.58 -50.74 9.48
N PHE D 210 13.80 -51.20 9.23
CA PHE D 210 14.84 -50.41 8.59
C PHE D 210 14.73 -50.48 7.05
N ARG D 211 13.88 -51.39 6.54
CA ARG D 211 13.50 -51.41 5.12
C ARG D 211 12.48 -50.30 4.89
N LEU D 212 11.59 -50.15 5.87
CA LEU D 212 10.59 -49.08 5.90
C LEU D 212 11.24 -47.70 5.80
N CYS D 213 11.64 -47.19 6.97
CA CYS D 213 12.14 -45.84 7.13
C CYS D 213 13.15 -45.41 6.07
N MET D 214 13.97 -46.34 5.59
CA MET D 214 14.96 -46.03 4.54
C MET D 214 14.34 -45.44 3.28
N GLU D 215 13.22 -46.03 2.85
CA GLU D 215 12.42 -45.47 1.77
C GLU D 215 11.72 -44.23 2.31
N ARG D 216 11.26 -44.34 3.57
CA ARG D 216 10.24 -43.44 4.15
C ARG D 216 10.71 -42.08 4.69
N SER D 217 12.00 -41.95 4.99
CA SER D 217 12.52 -40.71 5.57
C SER D 217 12.62 -39.60 4.55
N THR D 218 12.10 -38.44 4.93
CA THR D 218 12.03 -37.24 4.06
C THR D 218 13.34 -36.95 3.35
N HIS D 219 14.46 -37.25 4.00
CA HIS D 219 15.73 -36.58 3.66
C HIS D 219 16.72 -37.41 2.87
N LYS D 220 17.75 -36.73 2.35
CA LYS D 220 18.80 -37.34 1.51
C LYS D 220 19.71 -38.27 2.34
N SER D 221 20.56 -37.67 3.16
CA SER D 221 21.36 -38.40 4.13
C SER D 221 20.56 -39.45 4.89
N SER D 222 19.41 -39.07 5.46
CA SER D 222 18.59 -39.96 6.33
C SER D 222 18.18 -41.34 5.72
N LYS D 223 18.20 -41.42 4.39
CA LYS D 223 18.00 -42.70 3.70
C LYS D 223 19.24 -43.56 3.90
N LYS D 224 20.41 -42.97 3.66
CA LYS D 224 21.69 -43.69 3.80
C LYS D 224 22.06 -43.98 5.25
N ALA D 225 21.46 -43.24 6.20
CA ALA D 225 21.64 -43.56 7.63
C ALA D 225 20.84 -44.79 8.01
N TRP D 226 19.68 -44.97 7.39
CA TRP D 226 18.94 -46.20 7.57
C TRP D 226 19.47 -47.31 6.63
N GLU D 227 20.24 -46.91 5.62
CA GLU D 227 20.83 -47.82 4.64
C GLU D 227 21.90 -48.74 5.24
N GLU D 228 22.84 -48.18 6.00
CA GLU D 228 23.92 -48.97 6.62
C GLU D 228 23.40 -49.75 7.81
N LEU D 229 22.31 -49.25 8.40
CA LEU D 229 21.62 -49.97 9.45
C LEU D 229 20.92 -51.22 8.89
N LEU D 230 20.52 -51.14 7.61
CA LEU D 230 20.05 -52.32 6.90
C LEU D 230 21.18 -53.31 6.72
N LYS D 231 22.24 -52.89 6.06
CA LYS D 231 23.35 -53.78 5.68
C LYS D 231 24.24 -54.22 6.85
N ASN D 232 24.85 -53.29 7.57
CA ASN D 232 25.74 -53.67 8.67
C ASN D 232 24.99 -54.13 9.92
N ARG D 233 24.72 -55.43 10.02
CA ARG D 233 23.95 -55.99 11.15
C ARG D 233 24.58 -55.74 12.51
N GLU D 234 25.89 -55.56 12.52
CA GLU D 234 26.64 -55.15 13.69
C GLU D 234 26.09 -53.84 14.22
N LEU D 235 26.32 -52.75 13.48
CA LEU D 235 25.92 -51.42 13.89
C LEU D 235 24.55 -51.47 14.55
N ARG D 236 23.56 -52.03 13.86
CA ARG D 236 22.22 -52.26 14.42
C ARG D 236 22.23 -52.60 15.91
N GLU D 237 23.16 -53.47 16.32
CA GLU D 237 23.22 -53.94 17.68
C GLU D 237 23.78 -52.91 18.67
N LYS D 238 24.67 -52.04 18.19
CA LYS D 238 25.16 -50.94 19.01
C LYS D 238 24.14 -49.81 18.96
N ALA D 239 23.68 -49.52 17.75
CA ALA D 239 22.88 -48.33 17.41
C ALA D 239 21.81 -47.93 18.43
N PHE D 240 21.76 -46.64 18.75
CA PHE D 240 20.71 -46.13 19.59
C PHE D 240 19.80 -45.25 18.75
N LEU D 241 18.51 -45.37 18.98
CA LEU D 241 17.52 -44.58 18.24
C LEU D 241 16.78 -43.60 19.14
N VAL D 242 16.42 -42.47 18.56
CA VAL D 242 15.86 -41.38 19.32
C VAL D 242 14.54 -40.89 18.70
N VAL D 243 13.44 -41.12 19.42
CA VAL D 243 12.18 -40.44 19.12
C VAL D 243 12.27 -39.09 19.81
N LEU D 244 12.20 -38.04 19.01
CA LEU D 244 12.17 -36.69 19.56
C LEU D 244 10.78 -36.36 20.10
N GLU D 245 10.24 -35.28 19.59
CA GLU D 245 9.04 -34.67 20.12
C GLU D 245 8.17 -34.23 18.96
N LYS D 246 8.82 -33.87 17.86
CA LYS D 246 8.16 -33.54 16.58
C LYS D 246 7.89 -34.83 15.80
N GLY D 247 7.61 -35.90 16.53
CA GLY D 247 7.32 -37.21 15.97
C GLY D 247 8.49 -37.87 15.25
N TYR D 248 9.49 -37.06 14.93
CA TYR D 248 10.65 -37.52 14.17
C TYR D 248 11.58 -38.50 14.92
N THR D 249 12.03 -39.50 14.16
CA THR D 249 12.98 -40.51 14.63
C THR D 249 14.14 -40.60 13.65
N TYR D 250 15.36 -40.67 14.20
CA TYR D 250 16.60 -40.77 13.41
C TYR D 250 17.66 -41.62 14.17
N PRO D 251 18.58 -42.29 13.43
CA PRO D 251 19.67 -42.92 14.17
C PRO D 251 20.62 -41.87 14.72
N ALA D 252 20.98 -42.03 15.99
CA ALA D 252 21.96 -41.16 16.63
C ALA D 252 23.23 -40.95 15.80
N THR D 253 23.53 -41.85 14.88
CA THR D 253 24.71 -41.77 14.00
C THR D 253 24.78 -40.51 13.13
N ILE D 254 23.65 -39.84 12.93
CA ILE D 254 23.63 -38.70 12.03
C ILE D 254 23.14 -37.44 12.74
N LEU D 255 22.90 -37.58 14.04
CA LEU D 255 22.53 -36.45 14.89
C LEU D 255 23.72 -35.98 15.72
N LYS D 256 23.89 -34.65 15.78
CA LYS D 256 24.89 -33.99 16.65
C LYS D 256 24.19 -32.94 17.53
N PRO D 257 24.47 -32.93 18.85
CA PRO D 257 23.92 -31.85 19.69
C PRO D 257 24.35 -30.44 19.25
N VAL D 258 23.47 -29.47 19.48
CA VAL D 258 23.80 -28.04 19.32
C VAL D 258 24.03 -27.40 20.70
N LEU D 259 25.02 -26.51 20.77
CA LEU D 259 25.50 -25.98 22.04
C LEU D 259 25.55 -24.45 22.02
N THR D 260 25.93 -23.85 23.15
CA THR D 260 25.99 -22.37 23.28
C THR D 260 27.20 -21.87 24.10
N TYR D 261 27.00 -21.78 25.42
CA TYR D 261 28.03 -21.30 26.35
C TYR D 261 27.75 -21.79 27.77
N GLU D 262 26.46 -22.05 28.05
CA GLU D 262 25.98 -22.62 29.32
C GLU D 262 26.65 -23.99 29.49
N ASN D 263 27.53 -24.27 28.52
CA ASN D 263 28.09 -25.59 28.24
C ASN D 263 29.56 -25.53 27.78
N LEU D 264 30.22 -24.39 28.01
CA LEU D 264 31.62 -24.22 27.63
C LEU D 264 32.55 -24.02 28.81
N GLU D 265 33.69 -24.70 28.72
CA GLU D 265 34.77 -24.60 29.70
C GLU D 265 35.28 -23.17 29.75
N ASP D 266 36.18 -22.89 30.69
CA ASP D 266 36.70 -21.55 30.85
C ASP D 266 37.62 -21.14 29.70
N GLU D 267 38.69 -21.89 29.48
CA GLU D 267 39.61 -21.62 28.37
C GLU D 267 38.95 -21.64 26.97
N GLU D 268 37.64 -21.88 26.93
CA GLU D 268 36.90 -21.90 25.68
C GLU D 268 35.74 -20.91 25.68
N ARG D 269 35.06 -20.76 26.82
CA ARG D 269 34.05 -19.71 26.99
C ARG D 269 34.67 -18.37 26.63
N ASN D 270 35.94 -18.22 26.98
CA ASN D 270 36.73 -17.08 26.56
C ASN D 270 36.84 -17.11 25.04
N GLU D 271 37.76 -17.95 24.55
CA GLU D 271 38.03 -18.01 23.12
C GLU D 271 36.79 -17.85 22.20
N VAL D 272 35.78 -18.67 22.44
CA VAL D 272 34.63 -18.77 21.55
C VAL D 272 33.68 -17.58 21.69
N ALA D 273 33.70 -16.93 22.84
CA ALA D 273 32.86 -15.73 23.03
C ALA D 273 33.40 -14.56 22.20
N ASP D 274 34.73 -14.44 22.15
CA ASP D 274 35.39 -13.47 21.28
C ASP D 274 34.89 -13.55 19.82
N ILE D 275 34.39 -14.71 19.45
CA ILE D 275 33.82 -14.86 18.14
C ILE D 275 32.29 -14.73 18.13
N VAL D 276 31.59 -15.63 18.82
CA VAL D 276 30.12 -15.66 18.83
C VAL D 276 29.55 -14.24 19.11
N ARG D 277 30.28 -13.50 19.93
CA ARG D 277 29.91 -12.17 20.34
C ARG D 277 31.06 -11.26 19.94
N MET D 278 31.19 -11.01 18.65
CA MET D 278 32.22 -10.07 18.19
C MET D 278 31.69 -8.67 18.38
N GLU D 279 32.56 -7.67 18.32
CA GLU D 279 32.10 -6.30 18.41
C GLU D 279 31.74 -5.94 17.01
N PRO D 280 30.85 -4.95 16.84
CA PRO D 280 30.21 -4.86 15.53
C PRO D 280 31.21 -4.44 14.49
N GLY D 281 32.22 -3.65 14.88
CA GLY D 281 33.24 -3.16 13.96
C GLY D 281 33.93 -4.33 13.32
N LYS D 282 34.08 -5.40 14.10
CA LYS D 282 34.63 -6.66 13.63
C LYS D 282 33.58 -7.42 12.83
N ARG D 283 32.32 -7.41 13.25
CA ARG D 283 31.33 -8.12 12.47
C ARG D 283 31.20 -7.49 11.08
N LEU D 284 31.40 -6.18 11.01
CA LEU D 284 31.23 -5.42 9.78
C LEU D 284 32.38 -5.59 8.83
N ASN D 285 33.59 -5.84 9.33
CA ASN D 285 34.70 -6.05 8.41
C ASN D 285 34.52 -7.35 7.67
N LEU D 286 34.01 -8.36 8.38
CA LEU D 286 33.76 -9.66 7.80
C LEU D 286 32.59 -9.60 6.81
N ILE D 287 31.50 -8.93 7.18
CA ILE D 287 30.43 -8.78 6.23
C ILE D 287 31.00 -8.15 4.96
N ARG D 288 31.83 -7.14 5.14
CA ARG D 288 32.38 -6.40 4.00
C ARG D 288 33.35 -7.27 3.20
N TYR D 289 34.18 -8.02 3.92
CA TYR D 289 35.03 -9.04 3.34
C TYR D 289 34.25 -10.05 2.46
N ILE D 290 33.22 -10.67 3.03
CA ILE D 290 32.33 -11.55 2.32
C ILE D 290 31.84 -10.77 1.14
N LEU D 291 31.22 -9.63 1.39
CA LEU D 291 30.58 -8.91 0.32
C LEU D 291 31.50 -8.79 -0.91
N ARG D 292 32.75 -8.43 -0.65
CA ARG D 292 33.71 -8.18 -1.69
C ARG D 292 33.85 -9.42 -2.53
N ARG D 293 33.99 -10.55 -1.83
CA ARG D 293 34.17 -11.83 -2.48
C ARG D 293 32.96 -12.05 -3.35
N TYR D 294 31.79 -11.77 -2.79
CA TYR D 294 30.52 -11.93 -3.49
C TYR D 294 30.49 -11.21 -4.83
N VAL D 295 30.95 -9.95 -4.85
CA VAL D 295 31.04 -9.13 -6.08
C VAL D 295 31.92 -9.76 -7.15
N LYS D 296 33.16 -10.11 -6.79
CA LYS D 296 34.08 -10.67 -7.76
C LYS D 296 33.34 -11.75 -8.50
N ALA D 297 32.80 -12.70 -7.73
CA ALA D 297 32.18 -13.92 -8.23
C ALA D 297 30.99 -13.69 -9.18
N LEU D 298 30.28 -12.58 -8.96
CA LEU D 298 29.02 -12.32 -9.62
C LEU D 298 29.02 -11.05 -10.47
N ARG D 299 30.15 -10.35 -10.48
CA ARG D 299 30.30 -9.11 -11.22
C ARG D 299 29.95 -9.34 -12.71
N ASP D 300 30.29 -10.52 -13.22
CA ASP D 300 30.14 -10.86 -14.63
C ASP D 300 28.80 -11.48 -15.04
N TYR D 301 27.77 -11.44 -14.23
CA TYR D 301 26.57 -12.11 -14.73
C TYR D 301 25.42 -11.15 -14.85
N GLY D 302 25.67 -9.88 -14.48
CA GLY D 302 24.68 -8.81 -14.57
C GLY D 302 24.29 -8.28 -13.19
N TRP D 303 25.10 -8.62 -12.20
CA TRP D 303 24.78 -8.27 -10.83
C TRP D 303 25.63 -7.08 -10.36
N TYR D 304 24.99 -6.11 -9.70
CA TYR D 304 25.64 -4.87 -9.21
C TYR D 304 25.41 -4.70 -7.73
N ILE D 305 26.37 -5.08 -6.94
CA ILE D 305 26.18 -5.02 -5.53
C ILE D 305 26.91 -3.77 -5.04
N SER D 306 26.18 -2.82 -4.51
CA SER D 306 26.80 -1.61 -4.02
C SER D 306 27.76 -1.90 -2.86
N PRO D 307 28.96 -1.31 -2.88
CA PRO D 307 29.88 -1.61 -1.79
C PRO D 307 29.63 -0.69 -0.59
N GLU D 308 28.62 0.17 -0.66
CA GLU D 308 28.34 1.04 0.48
C GLU D 308 27.06 0.70 1.16
N GLU D 309 27.17 0.55 2.46
CA GLU D 309 26.03 0.36 3.35
C GLU D 309 24.95 1.44 3.16
N GLU D 310 23.68 1.06 3.18
CA GLU D 310 22.66 2.04 3.29
C GLU D 310 22.93 2.84 4.56
N ARG D 311 22.32 4.01 4.66
CA ARG D 311 22.48 4.85 5.83
C ARG D 311 21.15 5.03 6.53
N ALA D 312 21.24 5.17 7.85
CA ALA D 312 20.07 5.42 8.67
C ALA D 312 19.30 6.63 8.12
N LYS D 313 17.97 6.57 8.04
CA LYS D 313 17.24 7.74 7.55
C LYS D 313 17.36 8.96 8.42
N GLY D 314 17.46 8.78 9.73
CA GLY D 314 17.59 9.89 10.65
C GLY D 314 17.20 9.38 12.02
N LYS D 315 17.01 10.31 12.96
CA LYS D 315 16.80 9.95 14.37
C LYS D 315 15.49 10.56 14.97
N LEU D 316 14.57 9.70 15.42
CA LEU D 316 13.31 10.18 15.98
C LEU D 316 13.44 10.69 17.39
N ASN D 317 12.57 11.64 17.73
CA ASN D 317 12.39 12.09 19.07
C ASN D 317 11.19 11.39 19.62
N PHE D 318 11.13 11.27 20.93
CA PHE D 318 10.01 10.67 21.56
C PHE D 318 10.01 11.35 22.86
N LYS D 319 8.87 11.41 23.51
CA LYS D 319 8.81 12.03 24.78
C LYS D 319 9.62 11.11 25.69
N ASP D 320 10.55 11.69 26.45
CA ASP D 320 11.42 10.92 27.33
C ASP D 320 11.49 11.47 28.75
N THR D 321 10.62 12.44 29.05
CA THR D 321 10.67 13.11 30.34
C THR D 321 9.73 12.41 31.29
N VAL D 322 10.16 12.31 32.55
CA VAL D 322 9.53 11.46 33.55
C VAL D 322 9.32 12.25 34.84
N LEU D 323 8.33 11.87 35.66
CA LEU D 323 8.09 12.52 36.97
C LEU D 323 7.65 11.56 38.05
N ASP D 324 7.86 11.94 39.31
CA ASP D 324 7.48 11.11 40.47
C ASP D 324 6.18 11.55 41.19
N ALA D 325 5.95 11.02 42.40
CA ALA D 325 4.75 11.34 43.17
C ALA D 325 4.58 12.82 43.49
N LYS D 326 5.60 13.64 43.21
CA LYS D 326 5.56 15.07 43.51
C LYS D 326 6.09 15.97 42.41
N GLY D 327 6.15 15.43 41.20
CA GLY D 327 6.35 16.23 39.98
C GLY D 327 7.75 16.64 39.60
N LYS D 328 8.75 16.09 40.28
CA LYS D 328 10.15 16.32 39.95
C LYS D 328 10.43 15.71 38.57
N ASN D 329 11.04 16.47 37.65
CA ASN D 329 11.26 15.97 36.26
C ASN D 329 12.71 15.63 35.89
N THR D 330 12.89 14.75 34.91
CA THR D 330 14.10 14.79 34.08
C THR D 330 13.86 14.14 32.74
N LYS D 331 14.74 14.45 31.79
CA LYS D 331 14.94 13.55 30.68
C LYS D 331 15.74 12.38 31.21
N VAL D 332 15.54 11.23 30.59
CA VAL D 332 16.03 9.96 31.07
C VAL D 332 17.01 9.45 30.02
N ILE D 333 18.25 9.92 30.06
CA ILE D 333 19.19 9.46 29.02
C ILE D 333 20.20 8.37 29.41
N THR D 334 20.90 8.56 30.54
CA THR D 334 21.90 7.60 31.00
C THR D 334 21.32 6.85 32.17
N ASN D 335 21.34 7.46 33.32
CA ASN D 335 20.89 6.77 34.50
C ASN D 335 19.73 7.44 35.09
N LEU D 336 19.32 6.95 36.24
CA LEU D 336 18.46 7.72 37.10
C LEU D 336 19.03 7.70 38.52
N ARG D 337 20.32 8.03 38.63
CA ARG D 337 21.07 7.94 39.88
C ARG D 337 20.61 9.02 40.85
N LYS D 338 21.02 10.27 40.60
CA LYS D 338 20.59 11.43 41.38
C LYS D 338 19.08 11.34 41.60
N PHE D 339 18.34 11.42 40.51
CA PHE D 339 16.90 11.22 40.53
C PHE D 339 16.46 10.16 41.55
N LEU D 340 16.70 8.87 41.23
CA LEU D 340 16.25 7.73 42.07
C LEU D 340 16.65 7.86 43.53
N GLU D 341 17.77 8.54 43.80
CA GLU D 341 18.12 8.85 45.17
C GLU D 341 17.01 9.72 45.76
N LEU D 342 16.66 10.79 45.04
CA LEU D 342 15.72 11.79 45.56
C LEU D 342 14.26 11.31 45.52
N CYS D 343 13.67 11.28 44.32
CA CYS D 343 12.26 10.93 44.05
C CYS D 343 11.39 10.18 45.06
N ARG D 344 10.11 10.54 45.08
CA ARG D 344 9.12 9.82 45.88
C ARG D 344 8.22 9.01 44.95
N PRO D 345 8.14 7.69 45.17
CA PRO D 345 7.32 6.77 44.35
C PRO D 345 5.83 6.86 44.61
N PHE D 346 5.05 6.56 43.57
CA PHE D 346 3.61 6.41 43.67
C PHE D 346 3.28 5.17 44.46
N VAL D 347 3.51 5.24 45.78
CA VAL D 347 3.35 4.09 46.63
C VAL D 347 1.90 3.63 46.57
N LYS D 348 1.71 2.35 46.27
CA LYS D 348 0.37 1.76 46.29
C LYS D 348 0.24 0.76 47.42
N LYS D 349 1.33 0.54 48.14
CA LYS D 349 1.32 -0.43 49.23
C LYS D 349 2.57 -0.24 50.10
N ASP D 350 2.39 0.30 51.31
CA ASP D 350 3.51 0.72 52.17
C ASP D 350 4.19 -0.44 52.91
N VAL D 351 3.55 -1.61 52.91
CA VAL D 351 4.13 -2.84 53.47
C VAL D 351 4.46 -3.87 52.38
N LEU D 352 5.58 -4.57 52.52
CA LEU D 352 6.04 -5.54 51.53
C LEU D 352 6.46 -6.90 52.11
N SER D 353 5.56 -7.89 52.04
CA SER D 353 5.89 -9.24 52.47
C SER D 353 6.83 -9.89 51.47
N VAL D 354 7.93 -10.43 51.99
CA VAL D 354 9.09 -10.86 51.20
C VAL D 354 9.71 -12.17 51.70
N GLU D 355 9.98 -13.09 50.76
CA GLU D 355 10.71 -14.32 51.02
C GLU D 355 12.06 -14.26 50.30
N ILE D 356 13.15 -14.35 51.07
CA ILE D 356 14.53 -14.29 50.54
C ILE D 356 15.05 -15.70 50.34
N ILE D 357 15.74 -15.94 49.24
CA ILE D 357 16.46 -17.19 49.07
C ILE D 357 17.87 -16.88 48.60
N SER D 358 18.86 -17.57 49.15
CA SER D 358 20.22 -17.50 48.61
C SER D 358 20.79 -18.91 48.42
N VAL D 359 21.63 -19.09 47.39
CA VAL D 359 22.28 -20.39 47.11
C VAL D 359 23.80 -20.27 47.28
N SER D 360 24.27 -20.58 48.50
CA SER D 360 25.67 -20.45 48.90
C SER D 360 26.21 -21.79 49.46
N VAL D 361 27.37 -21.74 50.11
CA VAL D 361 27.90 -22.83 50.96
C VAL D 361 28.55 -22.19 52.21
N TYR D 362 28.45 -20.86 52.29
CA TYR D 362 29.09 -20.07 53.34
C TYR D 362 28.26 -18.94 53.95
N LYS D 363 28.70 -18.56 55.15
CA LYS D 363 27.93 -17.80 56.12
C LYS D 363 28.67 -16.52 56.56
N LYS D 364 29.39 -15.91 55.62
CA LYS D 364 29.76 -14.51 55.70
C LYS D 364 29.78 -13.95 54.28
N LEU D 365 29.21 -14.73 53.34
CA LEU D 365 28.81 -14.18 52.06
C LEU D 365 27.44 -13.57 52.28
N GLU D 366 26.84 -13.89 53.42
CA GLU D 366 25.73 -13.12 53.95
C GLU D 366 26.21 -11.75 54.45
N TRP D 367 27.53 -11.65 54.72
CA TRP D 367 28.16 -10.37 55.09
C TRP D 367 27.97 -9.28 54.02
N ARG D 368 28.18 -9.63 52.76
CA ARG D 368 27.83 -8.74 51.67
C ARG D 368 26.29 -8.62 51.55
N LYS D 369 25.60 -9.77 51.64
CA LYS D 369 24.13 -9.86 51.55
C LYS D 369 23.41 -8.98 52.57
N GLU D 370 23.45 -9.37 53.85
CA GLU D 370 22.75 -8.62 54.90
C GLU D 370 23.13 -7.13 55.00
N GLU D 371 24.36 -6.77 54.59
CA GLU D 371 24.75 -5.36 54.53
C GLU D 371 23.99 -4.68 53.40
N PHE D 372 23.98 -5.31 52.23
CA PHE D 372 23.16 -4.84 51.12
C PHE D 372 21.71 -4.76 51.55
N LEU D 373 21.15 -5.91 51.95
CA LEU D 373 19.78 -6.01 52.44
C LEU D 373 19.36 -4.88 53.38
N LYS D 374 20.10 -4.70 54.47
CA LYS D 374 19.83 -3.61 55.40
C LYS D 374 19.76 -2.29 54.64
N GLU D 375 20.84 -1.95 53.92
CA GLU D 375 20.95 -0.69 53.22
C GLU D 375 19.77 -0.44 52.26
N LEU D 376 19.17 -1.52 51.79
CA LEU D 376 17.91 -1.49 51.03
C LEU D 376 16.77 -0.97 51.90
N ILE D 377 16.45 -1.74 52.95
CA ILE D 377 15.28 -1.47 53.79
C ILE D 377 15.25 -0.01 54.24
N ASN D 378 16.42 0.49 54.70
CA ASN D 378 16.57 1.90 55.07
C ASN D 378 16.11 2.82 53.93
N PHE D 379 16.62 2.54 52.72
CA PHE D 379 16.38 3.39 51.55
C PHE D 379 14.92 3.48 51.19
N LEU D 380 14.24 2.33 51.31
CA LEU D 380 12.86 2.18 50.88
C LEU D 380 11.95 2.83 51.90
N LYS D 381 12.31 2.68 53.17
CA LYS D 381 11.63 3.39 54.25
C LYS D 381 11.66 4.87 53.98
N ASN D 382 12.83 5.47 53.79
CA ASN D 382 12.94 6.88 53.42
C ASN D 382 12.20 7.21 52.13
N LYS D 383 11.32 6.32 51.70
CA LYS D 383 10.47 6.58 50.54
C LYS D 383 8.99 6.28 50.84
N GLY D 384 8.75 5.69 52.01
CA GLY D 384 7.40 5.50 52.51
C GLY D 384 7.04 4.04 52.62
N ILE D 385 7.98 3.17 52.26
CA ILE D 385 7.72 1.74 52.22
C ILE D 385 8.57 0.99 53.21
N LYS D 386 7.92 0.25 54.08
CA LYS D 386 8.64 -0.55 55.03
C LYS D 386 8.64 -1.93 54.42
N LEU D 387 9.84 -2.48 54.23
CA LEU D 387 9.96 -3.82 53.66
C LEU D 387 10.09 -4.80 54.82
N LYS D 388 9.23 -5.83 54.81
CA LYS D 388 9.12 -6.75 55.96
C LYS D 388 9.30 -8.22 55.58
N ILE D 389 10.34 -8.85 56.16
CA ILE D 389 10.73 -10.23 55.81
C ILE D 389 9.82 -11.31 56.38
N LYS D 390 9.19 -12.07 55.49
CA LYS D 390 8.35 -13.21 55.85
C LYS D 390 9.20 -14.45 56.17
N GLY D 391 10.32 -14.60 55.47
CA GLY D 391 11.20 -15.76 55.65
C GLY D 391 12.43 -15.72 54.78
N LYS D 392 13.51 -16.33 55.24
CA LYS D 392 14.74 -16.48 54.45
C LYS D 392 15.03 -17.99 54.31
N SER D 393 15.76 -18.40 53.27
CA SER D 393 16.33 -19.79 53.20
C SER D 393 17.67 -19.93 52.49
N LEU D 394 18.63 -20.56 53.17
CA LEU D 394 19.93 -20.91 52.58
C LEU D 394 19.95 -22.33 52.00
N ILE D 395 20.06 -22.43 50.67
CA ILE D 395 20.21 -23.70 49.99
C ILE D 395 21.70 -24.01 49.80
N LEU D 396 22.17 -25.08 50.46
CA LEU D 396 23.54 -25.55 50.25
C LEU D 396 23.58 -26.37 48.96
N ALA D 397 24.37 -25.91 47.99
CA ALA D 397 24.40 -26.56 46.67
C ALA D 397 25.81 -26.72 46.07
N GLN D 398 25.97 -27.84 45.38
CA GLN D 398 27.26 -28.33 44.91
C GLN D 398 27.28 -28.40 43.38
N THR D 399 26.44 -29.25 42.78
CA THR D 399 26.27 -29.27 41.32
C THR D 399 25.30 -28.15 40.98
N ARG D 400 25.28 -27.76 39.71
CA ARG D 400 24.20 -26.92 39.21
C ARG D 400 22.84 -27.61 39.43
N GLU D 401 22.74 -28.89 39.03
CA GLU D 401 21.49 -29.68 39.11
C GLU D 401 20.85 -29.76 40.49
N GLU D 402 21.66 -30.07 41.52
CA GLU D 402 21.20 -30.16 42.91
C GLU D 402 20.61 -28.81 43.37
N ALA D 403 21.29 -27.72 43.03
CA ALA D 403 20.78 -26.38 43.28
C ALA D 403 19.32 -26.23 42.84
N LYS D 404 18.98 -26.87 41.74
CA LYS D 404 17.64 -26.79 41.14
C LYS D 404 16.73 -27.94 41.58
N GLU D 405 17.34 -29.01 42.06
CA GLU D 405 16.59 -30.12 42.63
C GLU D 405 15.82 -29.61 43.84
N LYS D 406 16.51 -28.85 44.69
CA LYS D 406 15.98 -28.39 45.97
C LYS D 406 15.29 -27.03 45.86
N LEU D 407 15.51 -26.34 44.75
CA LEU D 407 14.78 -25.10 44.50
C LEU D 407 13.30 -25.38 44.24
N ILE D 408 13.01 -26.42 43.45
CA ILE D 408 11.62 -26.69 43.05
C ILE D 408 10.69 -26.85 44.26
N PRO D 409 11.08 -27.69 45.25
CA PRO D 409 10.34 -27.69 46.51
C PRO D 409 10.24 -26.30 47.18
N VAL D 410 11.37 -25.69 47.52
CA VAL D 410 11.38 -24.37 48.17
C VAL D 410 10.46 -23.37 47.45
N ILE D 411 10.51 -23.37 46.12
CA ILE D 411 9.71 -22.46 45.28
C ILE D 411 8.20 -22.79 45.30
N ASN D 412 7.91 -24.07 45.35
CA ASN D 412 6.54 -24.56 45.43
C ASN D 412 5.83 -24.21 46.77
N LYS D 413 6.61 -24.03 47.84
CA LYS D 413 6.06 -23.81 49.20
C LYS D 413 5.80 -22.34 49.54
N ILE D 414 5.75 -21.51 48.52
CA ILE D 414 5.66 -20.07 48.74
C ILE D 414 4.24 -19.53 48.50
N LYS D 415 3.79 -18.72 49.44
CA LYS D 415 2.42 -18.18 49.46
C LYS D 415 2.45 -16.70 49.85
N ASP D 416 1.39 -15.96 49.51
CA ASP D 416 1.12 -14.66 50.16
C ASP D 416 2.39 -13.81 50.28
N VAL D 417 2.97 -13.45 49.14
CA VAL D 417 4.25 -12.74 49.13
C VAL D 417 4.24 -11.67 48.04
N ASP D 418 4.71 -10.47 48.38
CA ASP D 418 4.93 -9.39 47.39
C ASP D 418 6.03 -9.74 46.41
N LEU D 419 7.17 -10.15 46.96
CA LEU D 419 8.43 -10.20 46.23
C LEU D 419 9.40 -11.26 46.76
N VAL D 420 10.12 -11.93 45.85
CA VAL D 420 11.19 -12.82 46.24
C VAL D 420 12.55 -12.26 45.81
N ILE D 421 13.43 -12.02 46.77
CA ILE D 421 14.84 -11.75 46.47
C ILE D 421 15.63 -13.03 46.62
N VAL D 422 16.63 -13.19 45.76
CA VAL D 422 17.33 -14.43 45.66
C VAL D 422 18.78 -14.08 45.37
N PHE D 423 19.70 -14.64 46.14
CA PHE D 423 21.10 -14.45 45.82
C PHE D 423 21.59 -15.76 45.21
N LEU D 424 22.30 -15.64 44.10
CA LEU D 424 22.89 -16.81 43.44
C LEU D 424 24.40 -16.72 43.47
N GLU D 425 25.07 -17.87 43.61
CA GLU D 425 26.52 -17.88 43.61
C GLU D 425 27.03 -18.49 42.32
N GLU D 426 28.33 -18.36 42.07
CA GLU D 426 28.87 -18.83 40.79
C GLU D 426 29.13 -20.32 40.70
N TYR D 427 28.59 -20.90 39.63
CA TYR D 427 28.78 -22.31 39.28
C TYR D 427 29.43 -22.43 37.89
N PRO D 428 30.76 -22.63 37.87
CA PRO D 428 31.52 -22.84 36.64
C PRO D 428 31.10 -24.16 36.02
N LYS D 429 31.33 -25.24 36.75
CA LYS D 429 30.97 -26.61 36.34
C LYS D 429 29.66 -26.63 35.56
N VAL D 430 29.78 -26.58 34.24
CA VAL D 430 28.62 -26.73 33.37
C VAL D 430 28.79 -28.05 32.65
N ASP D 431 27.69 -28.57 32.10
CA ASP D 431 27.79 -29.80 31.32
C ASP D 431 27.69 -29.48 29.86
N PRO D 432 28.60 -30.05 29.06
CA PRO D 432 28.86 -29.69 27.65
C PRO D 432 27.66 -29.94 26.74
N TYR D 433 26.56 -30.39 27.33
CA TYR D 433 25.27 -30.51 26.65
C TYR D 433 24.23 -30.28 27.75
N LYS D 434 24.51 -30.87 28.92
CA LYS D 434 23.66 -30.79 30.11
C LYS D 434 23.76 -29.41 30.73
N SER D 435 22.77 -28.57 30.40
CA SER D 435 22.85 -27.14 30.69
C SER D 435 21.56 -26.52 31.18
N PHE D 436 21.52 -26.17 32.46
CA PHE D 436 20.57 -25.17 32.97
C PHE D 436 21.39 -23.91 33.30
N LEU D 437 20.90 -22.74 32.88
CA LEU D 437 21.39 -21.49 33.45
C LEU D 437 20.67 -21.30 34.79
N LEU D 438 21.39 -21.38 35.90
CA LEU D 438 20.77 -21.23 37.22
C LEU D 438 19.84 -20.04 37.26
N TYR D 439 20.37 -18.91 36.82
CA TYR D 439 19.68 -17.64 36.80
C TYR D 439 18.27 -17.72 36.21
N ASP D 440 18.14 -18.36 35.05
CA ASP D 440 16.89 -18.35 34.29
C ASP D 440 15.79 -19.20 34.87
N PHE D 441 16.08 -20.49 35.01
CA PHE D 441 15.27 -21.41 35.81
C PHE D 441 14.55 -20.72 36.99
N VAL D 442 15.32 -20.15 37.92
CA VAL D 442 14.81 -19.37 39.07
C VAL D 442 13.72 -18.32 38.71
N LYS D 443 14.05 -17.38 37.83
CA LYS D 443 13.08 -16.39 37.38
C LYS D 443 11.90 -17.06 36.67
N ARG D 444 12.19 -18.10 35.89
CA ARG D 444 11.17 -18.95 35.26
C ARG D 444 10.18 -19.55 36.26
N GLU D 445 10.66 -20.10 37.38
CA GLU D 445 9.76 -20.70 38.39
C GLU D 445 8.82 -19.72 39.08
N LEU D 446 9.29 -18.51 39.39
CA LEU D 446 8.44 -17.47 39.98
C LEU D 446 7.51 -16.82 38.95
N LEU D 447 7.91 -16.88 37.69
CA LEU D 447 7.01 -16.57 36.56
C LEU D 447 5.89 -17.59 36.46
N LYS D 448 6.26 -18.87 36.46
CA LYS D 448 5.28 -19.95 36.56
C LYS D 448 4.32 -19.61 37.70
N LYS D 449 4.84 -19.01 38.77
CA LYS D 449 4.02 -18.72 39.97
C LYS D 449 3.51 -17.29 40.08
N MET D 450 3.88 -16.45 39.11
CA MET D 450 3.41 -15.07 39.04
C MET D 450 3.69 -14.28 40.35
N ILE D 451 4.73 -14.73 41.04
CA ILE D 451 5.32 -14.00 42.15
C ILE D 451 6.43 -13.16 41.53
N PRO D 452 6.34 -11.81 41.66
CA PRO D 452 7.42 -10.90 41.29
C PRO D 452 8.75 -11.35 41.85
N SER D 453 9.74 -11.56 40.98
CA SER D 453 11.05 -12.03 41.41
C SER D 453 12.13 -11.01 41.12
N GLN D 454 13.16 -11.01 41.96
CA GLN D 454 14.28 -10.08 41.83
C GLN D 454 15.58 -10.78 42.23
N VAL D 455 16.09 -11.63 41.33
CA VAL D 455 17.37 -12.33 41.49
C VAL D 455 18.55 -11.35 41.55
N ILE D 456 19.53 -11.66 42.40
CA ILE D 456 20.81 -10.94 42.48
C ILE D 456 21.95 -11.97 42.58
N LEU D 457 22.91 -11.89 41.66
CA LEU D 457 24.12 -12.74 41.62
C LEU D 457 25.24 -12.22 42.56
N ASN D 458 25.79 -13.11 43.39
CA ASN D 458 26.82 -12.78 44.40
C ASN D 458 28.03 -11.97 43.90
N ARG D 459 28.50 -12.28 42.68
CA ARG D 459 29.52 -11.48 41.98
C ARG D 459 29.20 -9.96 42.02
N THR D 460 27.95 -9.63 41.68
CA THR D 460 27.48 -8.25 41.60
C THR D 460 27.78 -7.47 42.90
N LEU D 461 27.77 -8.17 44.03
CA LEU D 461 27.93 -7.52 45.33
C LEU D 461 29.39 -7.50 45.77
N LYS D 462 30.25 -8.12 44.97
CA LYS D 462 31.67 -8.09 45.24
C LYS D 462 32.24 -6.95 44.45
N ASN D 463 32.17 -7.09 43.13
CA ASN D 463 32.93 -6.25 42.24
C ASN D 463 32.36 -4.87 42.07
N GLU D 464 31.06 -4.78 41.86
CA GLU D 464 30.43 -3.52 41.44
C GLU D 464 30.21 -2.56 42.62
N ASN D 465 29.87 -1.31 42.28
CA ASN D 465 29.69 -0.25 43.29
C ASN D 465 28.48 -0.51 44.19
N LEU D 466 28.74 -0.49 45.50
CA LEU D 466 27.73 -0.76 46.53
C LEU D 466 26.39 0.03 46.39
N LYS D 467 26.49 1.36 46.26
CA LYS D 467 25.33 2.24 46.13
C LYS D 467 24.58 1.93 44.87
N PHE D 468 25.32 1.82 43.77
CA PHE D 468 24.73 1.66 42.46
C PHE D 468 23.88 0.43 42.40
N VAL D 469 24.22 -0.59 43.19
CA VAL D 469 23.41 -1.81 43.22
C VAL D 469 22.00 -1.55 43.86
N LEU D 470 21.98 -0.79 44.95
CA LEU D 470 20.73 -0.34 45.57
C LEU D 470 19.78 0.32 44.60
N LEU D 471 20.31 1.30 43.87
CA LEU D 471 19.50 2.23 43.11
C LEU D 471 18.79 1.57 41.95
N ASN D 472 19.48 0.64 41.29
CA ASN D 472 18.94 -0.16 40.20
C ASN D 472 17.91 -1.22 40.59
N VAL D 473 18.23 -1.99 41.65
CA VAL D 473 17.35 -3.04 42.15
C VAL D 473 16.15 -2.34 42.70
N ALA D 474 16.39 -1.22 43.38
CA ALA D 474 15.31 -0.38 43.88
C ALA D 474 14.28 -0.11 42.79
N GLU D 475 14.73 0.59 41.74
CA GLU D 475 13.94 0.96 40.57
C GLU D 475 13.04 -0.20 40.14
N GLN D 476 13.66 -1.39 40.07
CA GLN D 476 13.03 -2.64 39.61
C GLN D 476 12.00 -3.14 40.61
N VAL D 477 12.43 -3.25 41.85
CA VAL D 477 11.56 -3.71 42.91
C VAL D 477 10.39 -2.72 43.15
N LEU D 478 10.70 -1.44 43.22
CA LEU D 478 9.65 -0.44 43.26
C LEU D 478 8.59 -0.79 42.21
N ALA D 479 9.01 -0.90 40.95
CA ALA D 479 8.07 -1.15 39.85
C ALA D 479 7.36 -2.53 39.81
N LYS D 480 8.10 -3.62 40.00
CA LYS D 480 7.55 -4.97 40.12
C LYS D 480 6.39 -5.09 41.11
N THR D 481 6.42 -4.26 42.16
CA THR D 481 5.54 -4.44 43.34
C THR D 481 4.34 -3.46 43.39
N GLY D 482 4.20 -2.66 42.33
CA GLY D 482 3.08 -1.72 42.17
C GLY D 482 3.24 -0.35 42.81
N ASN D 483 4.46 -0.02 43.27
CA ASN D 483 4.77 1.32 43.81
C ASN D 483 5.77 2.05 42.91
N ILE D 484 5.26 2.60 41.84
CA ILE D 484 6.09 3.02 40.72
C ILE D 484 6.96 4.25 41.05
N PRO D 485 8.25 4.23 40.70
CA PRO D 485 9.12 5.37 41.00
C PRO D 485 8.92 6.58 40.08
N TYR D 486 8.36 6.34 38.92
CA TYR D 486 8.18 7.38 37.92
C TYR D 486 7.16 7.00 36.86
N LYS D 487 6.65 8.00 36.17
CA LYS D 487 5.80 7.80 35.02
C LYS D 487 6.34 8.75 34.03
N LEU D 488 5.98 8.52 32.77
CA LEU D 488 6.25 9.48 31.73
C LEU D 488 5.37 10.67 31.90
N LYS D 489 5.99 11.84 31.82
CA LYS D 489 5.24 13.07 31.76
C LYS D 489 4.07 12.87 30.78
N GLU D 490 4.40 12.35 29.58
CA GLU D 490 3.56 12.46 28.40
C GLU D 490 4.06 11.55 27.26
N ILE D 491 3.16 11.00 26.43
CA ILE D 491 3.55 10.27 25.20
C ILE D 491 2.94 10.86 23.89
N GLU D 492 3.80 11.04 22.88
CA GLU D 492 3.43 11.73 21.62
C GLU D 492 2.29 11.05 20.87
N GLY D 493 1.54 11.84 20.12
CA GLY D 493 0.27 11.39 19.58
C GLY D 493 -0.76 11.54 20.67
N LYS D 494 -1.98 11.11 20.42
CA LYS D 494 -2.93 11.35 21.47
C LYS D 494 -3.61 10.10 21.96
N VAL D 495 -2.83 9.05 22.12
CA VAL D 495 -3.39 7.73 22.38
C VAL D 495 -3.97 7.61 23.79
N ASP D 496 -5.02 6.78 23.87
CA ASP D 496 -5.69 6.49 25.13
C ASP D 496 -5.26 5.16 25.70
N ALA D 497 -4.94 4.18 24.87
CA ALA D 497 -4.49 2.88 25.38
C ALA D 497 -3.54 2.16 24.45
N PHE D 498 -2.45 1.68 25.03
CA PHE D 498 -1.48 0.86 24.33
C PHE D 498 -1.72 -0.60 24.74
N VAL D 499 -1.87 -1.47 23.75
CA VAL D 499 -2.21 -2.83 24.09
C VAL D 499 -1.18 -3.80 23.52
N GLY D 500 -0.63 -4.65 24.38
CA GLY D 500 0.36 -5.61 23.93
C GLY D 500 -0.09 -7.04 23.99
N ILE D 501 -0.26 -7.67 22.83
CA ILE D 501 -0.71 -9.04 22.81
C ILE D 501 0.30 -10.03 22.31
N ASP D 502 0.27 -11.18 22.95
CA ASP D 502 0.83 -12.37 22.42
C ASP D 502 -0.18 -13.50 22.47
N ILE D 503 -0.04 -14.41 21.50
CA ILE D 503 -0.85 -15.62 21.36
C ILE D 503 0.11 -16.66 20.78
N SER D 504 0.13 -17.86 21.36
CA SER D 504 0.82 -18.97 20.71
C SER D 504 -0.01 -20.25 20.76
N ARG D 505 -0.16 -20.89 19.59
CA ARG D 505 -1.00 -22.07 19.40
C ARG D 505 -0.15 -23.33 19.33
N ILE D 506 -0.71 -24.45 19.78
CA ILE D 506 -0.14 -25.77 19.49
C ILE D 506 -1.08 -26.51 18.54
N THR D 507 -0.62 -26.63 17.30
CA THR D 507 -1.46 -27.09 16.20
C THR D 507 -1.23 -28.58 15.98
N ARG D 508 -2.27 -29.39 16.18
CA ARG D 508 -2.22 -30.79 15.78
C ARG D 508 -2.68 -30.98 14.31
N ASP D 509 -1.81 -30.53 13.39
CA ASP D 509 -1.88 -30.75 11.92
C ASP D 509 -2.57 -29.64 11.13
N GLY D 510 -3.78 -29.95 10.67
CA GLY D 510 -4.68 -28.97 10.07
C GLY D 510 -5.64 -28.49 11.14
N LYS D 511 -5.40 -28.93 12.37
CA LYS D 511 -6.23 -28.60 13.53
C LYS D 511 -5.43 -27.84 14.61
N THR D 512 -6.01 -26.77 15.14
CA THR D 512 -5.47 -26.00 16.28
C THR D 512 -6.24 -26.22 17.60
N VAL D 513 -5.60 -26.91 18.53
CA VAL D 513 -6.25 -27.38 19.75
C VAL D 513 -6.34 -26.28 20.80
N ASN D 514 -5.29 -26.18 21.61
CA ASN D 514 -5.16 -25.20 22.68
C ASN D 514 -4.60 -23.85 22.16
N ALA D 515 -4.63 -22.86 23.05
CA ALA D 515 -4.08 -21.52 22.82
C ALA D 515 -3.88 -20.82 24.17
N VAL D 516 -2.71 -20.19 24.40
CA VAL D 516 -2.58 -19.20 25.50
C VAL D 516 -2.24 -17.81 24.97
N ALA D 517 -2.89 -16.82 25.58
CA ALA D 517 -2.85 -15.43 25.16
C ALA D 517 -2.53 -14.48 26.32
N PHE D 518 -1.37 -13.83 26.23
CA PHE D 518 -1.00 -12.80 27.19
C PHE D 518 -1.22 -11.40 26.64
N THR D 519 -2.01 -10.62 27.37
CA THR D 519 -2.32 -9.24 26.97
C THR D 519 -1.94 -8.31 28.13
N LYS D 520 -1.27 -7.20 27.83
CA LYS D 520 -1.09 -6.15 28.83
C LYS D 520 -1.76 -4.91 28.30
N ILE D 521 -2.43 -4.18 29.17
CA ILE D 521 -3.02 -2.89 28.79
C ILE D 521 -2.39 -1.70 29.50
N PHE D 522 -2.01 -0.70 28.72
CA PHE D 522 -1.37 0.50 29.24
C PHE D 522 -2.22 1.72 28.98
N ASN D 523 -2.19 2.67 29.91
CA ASN D 523 -2.94 3.92 29.78
C ASN D 523 -2.12 4.89 28.92
N SER D 524 -2.57 6.13 28.76
CA SER D 524 -1.92 7.09 27.83
C SER D 524 -0.49 7.53 28.17
N LYS D 525 -0.02 7.26 29.38
CA LYS D 525 1.36 7.56 29.74
C LYS D 525 2.04 6.27 30.21
N GLY D 526 1.80 5.22 29.42
CA GLY D 526 2.32 3.89 29.70
C GLY D 526 2.31 3.41 31.14
N GLU D 527 1.44 3.96 31.99
CA GLU D 527 1.17 3.34 33.29
C GLU D 527 0.40 2.05 32.95
N LEU D 528 0.57 0.99 33.76
CA LEU D 528 -0.15 -0.26 33.53
C LEU D 528 -1.57 -0.19 34.09
N VAL D 529 -2.52 -0.78 33.38
CA VAL D 529 -3.90 -0.70 33.79
C VAL D 529 -4.27 -2.06 34.36
N ARG D 530 -4.09 -3.11 33.54
CA ARG D 530 -4.33 -4.52 33.91
C ARG D 530 -3.75 -5.46 32.84
N TYR D 531 -3.64 -6.74 33.16
CA TYR D 531 -3.15 -7.72 32.19
C TYR D 531 -3.98 -9.01 32.31
N TYR D 532 -3.92 -9.87 31.29
CA TYR D 532 -4.69 -11.11 31.28
C TYR D 532 -3.90 -12.32 30.81
N LEU D 533 -4.13 -13.45 31.45
CA LEU D 533 -3.63 -14.73 30.98
C LEU D 533 -4.84 -15.65 30.83
N THR D 534 -4.94 -16.33 29.71
CA THR D 534 -6.13 -17.10 29.40
C THR D 534 -5.79 -18.18 28.39
N SER D 535 -6.02 -19.45 28.75
CA SER D 535 -5.92 -20.55 27.80
C SER D 535 -7.25 -20.77 27.08
N TYR D 536 -7.19 -21.41 25.92
CA TYR D 536 -8.37 -21.61 25.08
C TYR D 536 -8.43 -23.03 24.50
N PRO D 537 -8.67 -24.06 25.36
CA PRO D 537 -8.84 -25.42 24.86
C PRO D 537 -10.03 -25.56 23.88
N ALA D 538 -10.23 -26.76 23.34
CA ALA D 538 -11.45 -27.17 22.60
C ALA D 538 -12.06 -26.26 21.51
N PHE D 539 -11.36 -25.20 21.07
CA PHE D 539 -12.06 -24.22 20.23
C PHE D 539 -11.89 -24.40 18.74
N GLY D 540 -10.69 -24.75 18.30
CA GLY D 540 -10.40 -24.85 16.88
C GLY D 540 -10.79 -23.57 16.16
N GLU D 541 -11.87 -23.63 15.37
CA GLU D 541 -12.14 -22.63 14.31
C GLU D 541 -12.47 -21.23 14.83
N LYS D 542 -13.24 -21.17 15.92
CA LYS D 542 -13.69 -19.88 16.47
C LYS D 542 -12.69 -19.07 17.33
N LEU D 543 -11.68 -19.75 17.87
CA LEU D 543 -10.70 -19.15 18.81
C LEU D 543 -10.13 -17.78 18.44
N THR D 544 -9.66 -17.63 17.21
CA THR D 544 -9.04 -16.37 16.82
C THR D 544 -9.98 -15.20 17.13
N GLU D 545 -11.17 -15.21 16.51
CA GLU D 545 -12.27 -14.24 16.76
C GLU D 545 -12.67 -14.02 18.23
N LYS D 546 -12.62 -15.09 19.05
CA LYS D 546 -13.00 -15.02 20.47
C LYS D 546 -11.88 -14.44 21.32
N ALA D 547 -10.66 -14.92 21.07
CA ALA D 547 -9.46 -14.41 21.73
C ALA D 547 -9.34 -12.89 21.63
N ILE D 548 -9.53 -12.37 20.43
CA ILE D 548 -9.32 -10.96 20.22
C ILE D 548 -10.50 -10.16 20.76
N GLY D 549 -11.70 -10.65 20.50
CA GLY D 549 -12.92 -10.05 21.06
C GLY D 549 -12.87 -9.98 22.58
N ASP D 550 -12.14 -10.93 23.19
CA ASP D 550 -11.92 -10.85 24.62
C ASP D 550 -11.23 -9.55 24.94
N VAL D 551 -10.16 -9.23 24.22
CA VAL D 551 -9.45 -7.97 24.43
C VAL D 551 -10.36 -6.76 24.38
N PHE D 552 -11.20 -6.71 23.35
CA PHE D 552 -12.16 -5.64 23.23
C PHE D 552 -13.07 -5.50 24.46
N SER D 553 -13.75 -6.60 24.82
CA SER D 553 -14.59 -6.64 26.01
C SER D 553 -13.87 -6.09 27.25
N LEU D 554 -12.53 -6.15 27.22
CA LEU D 554 -11.75 -5.79 28.37
C LEU D 554 -11.44 -4.30 28.44
N LEU D 555 -10.94 -3.73 27.33
CA LEU D 555 -10.74 -2.29 27.28
C LEU D 555 -12.01 -1.61 27.70
N GLU D 556 -13.11 -2.24 27.28
CA GLU D 556 -14.44 -1.71 27.48
C GLU D 556 -14.82 -1.75 28.94
N LYS D 557 -14.40 -2.82 29.65
CA LYS D 557 -14.64 -2.93 31.08
C LYS D 557 -13.79 -1.97 31.92
N LEU D 558 -12.57 -1.73 31.48
CA LEU D 558 -11.71 -0.74 32.12
C LEU D 558 -12.18 0.69 31.80
N GLY D 559 -13.27 0.79 31.06
CA GLY D 559 -13.87 2.07 30.75
C GLY D 559 -13.16 2.82 29.66
N PHE D 560 -12.64 2.12 28.67
CA PHE D 560 -12.25 2.83 27.46
C PHE D 560 -13.45 2.84 26.52
N LYS D 561 -13.95 4.05 26.33
CA LYS D 561 -15.24 4.31 25.69
C LYS D 561 -15.22 4.23 24.16
N LYS D 562 -16.39 4.16 23.52
CA LYS D 562 -16.51 4.51 22.12
C LYS D 562 -15.70 5.80 21.98
N GLY D 563 -14.94 5.96 20.88
CA GLY D 563 -14.20 7.20 20.63
C GLY D 563 -12.75 7.26 21.09
N SER D 564 -12.34 6.32 21.93
CA SER D 564 -10.96 6.31 22.41
C SER D 564 -10.00 5.72 21.38
N LYS D 565 -8.79 6.28 21.36
CA LYS D 565 -7.70 5.93 20.46
C LYS D 565 -6.87 4.80 21.02
N ILE D 566 -6.61 3.80 20.20
CA ILE D 566 -6.02 2.58 20.72
C ILE D 566 -4.99 2.00 19.76
N VAL D 567 -3.73 2.01 20.19
CA VAL D 567 -2.64 1.39 19.44
C VAL D 567 -2.34 0.03 20.00
N VAL D 568 -2.20 -0.94 19.11
CA VAL D 568 -1.97 -2.32 19.50
C VAL D 568 -0.64 -2.78 18.94
N HIS D 569 0.23 -3.25 19.86
CA HIS D 569 1.51 -3.92 19.52
C HIS D 569 1.41 -5.42 19.70
N ARG D 570 1.56 -6.17 18.61
CA ARG D 570 1.62 -7.63 18.62
C ARG D 570 3.08 -8.05 18.65
N ASP D 571 3.43 -9.04 19.48
CA ASP D 571 4.77 -9.66 19.44
C ASP D 571 4.87 -10.61 18.23
N GLY D 572 5.90 -10.45 17.41
CA GLY D 572 6.10 -11.32 16.25
C GLY D 572 5.15 -11.03 15.11
N ARG D 573 4.99 -11.99 14.19
CA ARG D 573 4.17 -11.76 12.98
C ARG D 573 2.66 -11.85 13.22
N LEU D 574 1.90 -11.17 12.35
CA LEU D 574 0.43 -11.16 12.41
C LEU D 574 -0.29 -11.96 11.30
N TYR D 575 -1.52 -12.40 11.62
CA TYR D 575 -2.42 -13.13 10.70
C TYR D 575 -3.54 -12.31 10.08
N ARG D 576 -3.97 -12.74 8.88
CA ARG D 576 -5.26 -12.32 8.30
C ARG D 576 -6.41 -12.52 9.29
N ASP D 577 -6.44 -13.68 9.93
CA ASP D 577 -7.27 -13.92 11.11
C ASP D 577 -7.28 -12.68 11.97
N GLU D 578 -6.13 -12.41 12.55
CA GLU D 578 -6.04 -11.50 13.66
C GLU D 578 -6.38 -10.10 13.17
N VAL D 579 -5.94 -9.76 11.96
CA VAL D 579 -6.27 -8.46 11.33
C VAL D 579 -7.80 -8.27 11.18
N ALA D 580 -8.42 -9.17 10.44
CA ALA D 580 -9.87 -9.17 10.23
C ALA D 580 -10.61 -8.96 11.51
N ALA D 581 -10.21 -9.69 12.54
CA ALA D 581 -10.84 -9.65 13.85
C ALA D 581 -10.73 -8.24 14.42
N PHE D 582 -9.51 -7.73 14.43
CA PHE D 582 -9.23 -6.38 14.86
C PHE D 582 -10.02 -5.35 14.07
N LYS D 583 -10.18 -5.62 12.78
CA LYS D 583 -10.99 -4.78 11.94
C LYS D 583 -12.49 -4.82 12.28
N LYS D 584 -13.02 -5.94 12.77
CA LYS D 584 -14.47 -5.95 13.09
C LYS D 584 -14.78 -5.40 14.48
N TYR D 585 -14.01 -5.87 15.45
CA TYR D 585 -14.22 -5.49 16.81
C TYR D 585 -13.86 -4.00 17.04
N GLY D 586 -12.91 -3.48 16.25
CA GLY D 586 -12.64 -2.04 16.23
C GLY D 586 -13.90 -1.23 15.98
N GLU D 587 -14.56 -1.52 14.86
CA GLU D 587 -15.83 -0.85 14.48
C GLU D 587 -17.01 -1.17 15.38
N LEU D 588 -17.12 -2.44 15.80
CA LEU D 588 -18.06 -2.81 16.83
C LEU D 588 -17.96 -1.90 18.05
N TYR D 589 -16.74 -1.58 18.47
CA TYR D 589 -16.51 -0.77 19.67
C TYR D 589 -16.27 0.71 19.38
N GLY D 590 -16.32 1.07 18.10
CA GLY D 590 -16.16 2.45 17.72
C GLY D 590 -14.87 3.04 18.28
N TYR D 591 -13.77 2.29 18.17
CA TYR D 591 -12.42 2.77 18.49
C TYR D 591 -11.68 3.12 17.19
N SER D 592 -10.78 4.09 17.21
CA SER D 592 -9.79 4.11 16.12
C SER D 592 -8.55 3.38 16.60
N LEU D 593 -7.91 2.65 15.71
CA LEU D 593 -7.04 1.60 16.10
C LEU D 593 -5.82 1.56 15.19
N GLU D 594 -4.64 1.87 15.73
CA GLU D 594 -3.40 1.57 15.03
C GLU D 594 -3.06 0.15 15.45
N LEU D 595 -2.64 -0.67 14.49
CA LEU D 595 -2.30 -2.05 14.76
C LEU D 595 -0.99 -2.35 14.06
N LEU D 596 -0.01 -2.87 14.82
CA LEU D 596 1.33 -3.07 14.28
C LEU D 596 2.05 -4.29 14.83
N GLU D 597 3.03 -4.78 14.05
CA GLU D 597 3.88 -5.92 14.38
C GLU D 597 5.21 -5.46 14.95
N ILE D 598 5.74 -6.16 15.95
CA ILE D 598 7.14 -5.96 16.38
C ILE D 598 7.89 -7.24 16.22
N ILE D 599 8.98 -7.22 15.47
CA ILE D 599 9.70 -8.42 15.12
C ILE D 599 11.15 -8.33 15.58
N LYS D 600 11.53 -9.20 16.52
CA LYS D 600 12.83 -9.10 17.21
C LYS D 600 14.03 -9.75 16.52
N ARG D 601 13.80 -10.86 15.80
CA ARG D 601 14.88 -11.72 15.22
C ARG D 601 15.40 -11.40 13.81
N ASN D 602 16.72 -11.53 13.63
CA ASN D 602 17.38 -11.44 12.31
C ASN D 602 17.10 -10.16 11.55
N ASN D 603 17.04 -9.05 12.26
CA ASN D 603 16.90 -7.75 11.65
C ASN D 603 18.27 -7.29 11.24
N PRO D 604 18.35 -6.47 10.20
CA PRO D 604 19.57 -5.75 9.90
C PRO D 604 20.12 -4.96 11.08
N ARG D 605 21.44 -4.80 11.13
CA ARG D 605 22.14 -4.18 12.28
C ARG D 605 22.57 -2.74 12.01
N PHE D 606 22.75 -1.97 13.08
CA PHE D 606 23.27 -0.63 12.98
C PHE D 606 24.71 -0.63 13.32
N PHE D 607 25.48 0.12 12.55
CA PHE D 607 26.89 0.25 12.77
C PHE D 607 27.22 1.73 12.79
N SER D 608 28.00 2.15 13.80
CA SER D 608 28.08 3.56 14.12
C SER D 608 29.07 3.95 15.19
N ASN D 609 29.79 5.04 14.95
CA ASN D 609 30.79 5.53 15.88
C ASN D 609 30.13 6.26 17.01
N GLU D 610 29.03 6.88 16.66
CA GLU D 610 28.13 7.51 17.57
C GLU D 610 27.60 6.59 18.67
N LYS D 611 27.59 7.06 19.91
CA LYS D 611 27.03 6.24 20.98
C LYS D 611 25.51 6.39 21.14
N PHE D 612 24.95 7.55 20.76
CA PHE D 612 23.51 7.74 21.00
C PHE D 612 22.63 7.36 19.85
N ILE D 613 22.54 6.04 19.69
CA ILE D 613 21.95 5.36 18.54
C ILE D 613 20.42 5.30 18.71
N LYS D 614 19.98 5.38 19.97
CA LYS D 614 18.59 5.15 20.32
C LYS D 614 17.75 6.11 19.54
N GLY D 615 16.84 5.56 18.73
CA GLY D 615 16.04 6.37 17.83
C GLY D 615 16.31 6.23 16.33
N TYR D 616 17.57 6.08 15.93
CA TYR D 616 17.90 5.98 14.52
C TYR D 616 16.99 4.99 13.84
N PHE D 617 16.62 5.24 12.59
CA PHE D 617 15.72 4.30 11.93
C PHE D 617 16.05 4.27 10.47
N TYR D 618 15.62 3.19 9.82
CA TYR D 618 15.74 3.01 8.41
C TYR D 618 14.40 2.45 7.84
N LYS D 619 13.95 2.97 6.72
CA LYS D 619 12.62 2.64 6.22
C LYS D 619 12.66 1.62 5.12
N LEU D 620 11.91 0.54 5.27
CA LEU D 620 11.71 -0.43 4.21
C LEU D 620 10.38 -0.20 3.45
N SER D 621 10.22 -0.92 2.36
CA SER D 621 8.87 -0.98 1.76
C SER D 621 7.78 -1.14 2.85
N GLU D 622 6.77 -0.29 2.82
CA GLU D 622 5.49 -0.61 3.51
C GLU D 622 5.45 0.19 4.80
N ASP D 623 6.57 0.87 5.01
CA ASP D 623 6.58 1.77 6.14
C ASP D 623 6.40 0.73 7.29
N SER D 624 7.38 -0.17 7.24
CA SER D 624 7.97 -0.84 8.31
C SER D 624 9.38 -0.22 8.32
N VAL D 625 9.83 0.10 9.52
CA VAL D 625 11.06 0.77 9.81
C VAL D 625 11.88 -0.24 10.55
N ILE D 626 13.18 -0.06 10.55
CA ILE D 626 14.09 -0.87 11.32
C ILE D 626 14.62 0.11 12.31
N LEU D 627 14.51 -0.22 13.59
CA LEU D 627 14.61 0.81 14.63
C LEU D 627 15.54 0.47 15.77
N ALA D 628 16.55 1.31 15.94
CA ALA D 628 17.49 1.24 17.00
C ALA D 628 16.72 1.62 18.24
N THR D 629 16.85 0.84 19.30
CA THR D 629 16.11 1.15 20.51
C THR D 629 17.00 1.32 21.71
N TYR D 630 18.20 0.78 21.60
CA TYR D 630 19.19 0.80 22.65
C TYR D 630 20.19 1.93 22.32
N ASN D 631 20.85 2.45 23.32
CA ASN D 631 22.07 3.17 23.10
C ASN D 631 23.23 2.22 23.04
N GLN D 632 24.32 2.65 22.40
CA GLN D 632 25.43 1.76 22.08
C GLN D 632 26.25 1.65 23.31
N VAL D 633 26.34 0.41 23.73
CA VAL D 633 26.99 0.01 24.96
C VAL D 633 28.21 -0.84 24.59
N TYR D 634 29.39 -0.32 24.92
CA TYR D 634 30.68 -1.00 24.67
C TYR D 634 30.88 -2.36 25.44
N GLU D 635 29.99 -2.68 26.38
CA GLU D 635 29.85 -4.06 26.86
C GLU D 635 28.46 -4.68 26.59
N GLY D 636 28.34 -5.37 25.47
CA GLY D 636 27.07 -5.96 25.04
C GLY D 636 26.30 -5.09 24.06
N THR D 637 26.29 -5.51 22.79
CA THR D 637 25.49 -4.83 21.77
C THR D 637 24.07 -5.35 21.86
N HIS D 638 23.16 -4.71 21.13
CA HIS D 638 21.94 -5.39 20.74
C HIS D 638 21.80 -5.48 19.19
N GLN D 639 20.66 -6.01 18.79
CA GLN D 639 20.20 -6.04 17.44
C GLN D 639 18.85 -5.31 17.49
N PRO D 640 18.60 -4.39 16.55
CA PRO D 640 17.39 -3.59 16.57
C PRO D 640 16.12 -4.38 16.25
N ILE D 641 14.97 -3.75 16.35
CA ILE D 641 13.70 -4.39 16.10
C ILE D 641 13.18 -3.81 14.82
N LYS D 642 12.31 -4.54 14.13
CA LYS D 642 11.67 -4.07 12.92
C LYS D 642 10.20 -3.91 13.26
N VAL D 643 9.69 -2.69 13.03
CA VAL D 643 8.33 -2.32 13.34
C VAL D 643 7.55 -2.14 12.05
N ARG D 644 6.48 -2.91 11.90
CA ARG D 644 5.67 -2.87 10.73
C ARG D 644 4.25 -2.52 11.14
N LYS D 645 3.75 -1.44 10.52
CA LYS D 645 2.40 -0.97 10.70
C LYS D 645 1.44 -1.69 9.78
N VAL D 646 0.29 -2.10 10.29
CA VAL D 646 -0.65 -2.89 9.53
C VAL D 646 -1.88 -2.09 9.19
N TYR D 647 -2.13 -1.01 9.93
CA TYR D 647 -3.10 -0.03 9.50
C TYR D 647 -3.29 1.02 10.55
N GLY D 648 -3.87 2.14 10.17
CA GLY D 648 -4.21 3.12 11.13
C GLY D 648 -3.95 4.43 10.46
N GLU D 649 -4.02 5.50 11.24
CA GLU D 649 -3.90 6.84 10.68
C GLU D 649 -2.59 7.41 11.20
N LEU D 650 -2.02 6.76 12.20
CA LEU D 650 -0.75 7.27 12.75
C LEU D 650 0.51 6.92 11.90
N PRO D 651 1.34 7.92 11.61
CA PRO D 651 2.46 7.46 10.80
C PRO D 651 3.36 6.50 11.59
N VAL D 652 4.04 5.62 10.87
CA VAL D 652 4.95 4.67 11.50
C VAL D 652 6.00 5.41 12.33
N GLU D 653 6.58 6.48 11.79
CA GLU D 653 7.45 7.35 12.55
C GLU D 653 6.82 7.76 13.91
N VAL D 654 5.50 7.91 13.99
CA VAL D 654 4.94 8.31 15.28
C VAL D 654 4.78 7.10 16.18
N LEU D 655 4.44 5.97 15.60
CA LEU D 655 4.29 4.77 16.39
C LEU D 655 5.67 4.41 17.01
N CYS D 656 6.71 4.51 16.17
CA CYS D 656 8.05 4.24 16.63
C CYS D 656 8.37 5.14 17.77
N SER D 657 7.97 6.40 17.63
CA SER D 657 8.22 7.36 18.67
C SER D 657 7.49 6.94 19.93
N GLN D 658 6.29 6.38 19.75
CA GLN D 658 5.55 5.87 20.89
C GLN D 658 6.30 4.69 21.52
N ILE D 659 6.90 3.86 20.66
CA ILE D 659 7.59 2.67 21.14
C ILE D 659 8.83 2.97 22.01
N LEU D 660 9.68 3.86 21.51
CA LEU D 660 10.82 4.35 22.25
C LEU D 660 10.43 4.86 23.60
N SER D 661 9.23 5.41 23.72
CA SER D 661 8.83 5.92 25.02
C SER D 661 8.51 4.81 25.97
N LEU D 662 7.96 3.72 25.44
CA LEU D 662 7.46 2.58 26.24
C LEU D 662 8.57 1.69 26.79
N THR D 663 9.68 1.59 26.05
CA THR D 663 10.91 1.04 26.59
C THR D 663 11.28 1.62 27.96
N LEU D 664 11.14 2.92 28.18
CA LEU D 664 11.36 3.46 29.54
C LEU D 664 10.57 2.75 30.62
N MET D 665 9.41 2.22 30.22
CA MET D 665 8.48 1.59 31.19
C MET D 665 8.84 0.16 31.63
N ASN D 666 9.99 -0.35 31.19
CA ASN D 666 10.54 -1.59 31.76
C ASN D 666 11.30 -1.34 33.10
N TYR D 667 11.39 -0.06 33.48
CA TYR D 667 11.95 0.38 34.78
C TYR D 667 13.32 -0.23 35.08
N SER D 668 14.31 0.13 34.24
CA SER D 668 15.67 -0.43 34.27
C SER D 668 16.68 0.41 33.48
N SER D 669 16.75 1.69 33.84
CA SER D 669 17.63 2.65 33.21
C SER D 669 19.09 2.23 33.24
N PHE D 670 19.49 1.38 34.19
CA PHE D 670 20.88 0.87 34.32
C PHE D 670 21.26 -0.19 33.29
N GLN D 671 20.29 -0.92 32.78
CA GLN D 671 20.48 -1.83 31.66
C GLN D 671 19.18 -1.76 30.85
N PRO D 672 19.00 -0.69 30.03
CA PRO D 672 17.76 -0.55 29.24
C PRO D 672 17.34 -1.83 28.47
N ILE D 673 16.03 -2.09 28.43
CA ILE D 673 15.53 -3.19 27.63
C ILE D 673 15.24 -2.72 26.19
N LYS D 674 15.45 -3.58 25.20
CA LYS D 674 15.21 -3.17 23.81
C LYS D 674 13.74 -3.08 23.39
N LEU D 675 12.89 -3.81 24.10
CA LEU D 675 11.50 -3.91 23.72
C LEU D 675 10.71 -2.92 24.54
N PRO D 676 9.63 -2.37 23.97
CA PRO D 676 8.71 -1.59 24.77
C PRO D 676 7.93 -2.41 25.81
N ALA D 677 7.62 -1.79 26.93
CA ALA D 677 6.88 -2.42 28.02
C ALA D 677 5.71 -3.30 27.55
N THR D 678 5.26 -3.05 26.34
CA THR D 678 4.05 -3.64 25.84
C THR D 678 4.22 -5.09 25.39
N VAL D 679 5.46 -5.59 25.36
CA VAL D 679 5.75 -6.81 24.59
C VAL D 679 6.93 -7.57 25.26
N HIS D 680 7.58 -6.84 26.15
CA HIS D 680 8.58 -7.38 27.02
C HIS D 680 8.12 -8.61 27.86
N TYR D 681 8.94 -9.67 27.82
CA TYR D 681 8.59 -11.01 28.29
C TYR D 681 7.25 -11.58 27.84
N SER D 682 6.53 -10.90 26.96
CA SER D 682 5.23 -11.47 26.66
C SER D 682 5.38 -12.78 25.90
N ASP D 683 6.53 -12.97 25.24
CA ASP D 683 6.84 -14.29 24.65
C ASP D 683 7.29 -15.36 25.65
N LYS D 684 8.25 -15.07 26.53
CA LYS D 684 8.61 -16.02 27.60
C LYS D 684 7.39 -16.59 28.31
N ILE D 685 6.43 -15.70 28.57
CA ILE D 685 5.27 -15.98 29.38
C ILE D 685 4.30 -16.88 28.60
N THR D 686 4.03 -16.53 27.35
CA THR D 686 3.24 -17.36 26.44
C THR D 686 3.82 -18.78 26.24
N LYS D 687 5.11 -18.84 25.86
CA LYS D 687 5.88 -20.10 25.86
C LYS D 687 5.80 -20.92 27.17
N LEU D 688 6.17 -20.30 28.30
CA LEU D 688 6.29 -21.03 29.57
C LEU D 688 4.96 -21.30 30.27
N MET D 689 3.96 -20.48 29.98
CA MET D 689 2.65 -20.63 30.60
C MET D 689 1.89 -21.73 29.87
N LEU D 690 2.23 -21.89 28.59
CA LEU D 690 1.74 -22.93 27.69
C LEU D 690 1.99 -24.31 28.26
N ARG D 691 3.21 -24.51 28.74
CA ARG D 691 3.62 -25.78 29.31
C ARG D 691 2.84 -26.21 30.56
N GLY D 692 2.37 -25.26 31.36
CA GLY D 692 1.55 -25.56 32.56
C GLY D 692 0.40 -26.53 32.29
N ILE D 693 -0.01 -27.26 33.33
CA ILE D 693 -0.95 -28.37 33.11
C ILE D 693 -2.39 -27.93 32.86
N GLU D 694 -2.99 -27.18 33.79
CA GLU D 694 -4.42 -26.79 33.73
C GLU D 694 -4.72 -25.64 32.77
N PRO D 695 -6.00 -25.50 32.33
CA PRO D 695 -6.52 -24.27 31.71
C PRO D 695 -6.46 -23.05 32.63
N ILE D 696 -5.69 -22.04 32.20
CA ILE D 696 -5.26 -20.91 33.03
C ILE D 696 -6.06 -19.64 32.67
N LYS D 697 -6.50 -18.90 33.70
CA LYS D 697 -7.18 -17.61 33.53
C LYS D 697 -6.82 -16.65 34.67
N LYS D 698 -5.91 -15.71 34.43
CA LYS D 698 -5.46 -14.84 35.51
C LYS D 698 -5.37 -13.36 35.13
N GLU D 699 -5.21 -12.50 36.12
CA GLU D 699 -5.44 -11.07 35.95
C GLU D 699 -4.99 -10.21 37.15
N GLY D 700 -4.38 -9.06 36.85
CA GLY D 700 -3.91 -8.14 37.90
C GLY D 700 -3.44 -6.83 37.32
N ASP D 701 -2.82 -5.98 38.14
CA ASP D 701 -2.31 -4.70 37.66
C ASP D 701 -0.86 -4.44 38.11
N ILE D 702 -0.04 -5.50 38.08
CA ILE D 702 1.26 -5.50 38.71
C ILE D 702 2.23 -6.08 37.68
N MET D 703 3.26 -5.31 37.32
CA MET D 703 4.26 -5.80 36.37
C MET D 703 5.14 -6.89 37.02
N TYR D 704 4.49 -7.99 37.36
CA TYR D 704 5.14 -9.02 38.17
C TYR D 704 6.31 -9.67 37.45
N TRP D 705 6.32 -9.54 36.13
CA TRP D 705 7.26 -10.27 35.30
C TRP D 705 8.64 -9.62 35.22
N LEU D 706 8.75 -8.35 35.61
CA LEU D 706 10.00 -7.65 35.39
C LEU D 706 11.16 -8.38 36.04
#